data_7MPP
#
_entry.id   7MPP
#
_cell.length_a   70.929
_cell.length_b   126.734
_cell.length_c   127.145
_cell.angle_alpha   90.000
_cell.angle_beta   94.278
_cell.angle_gamma   90.000
#
_symmetry.space_group_name_H-M   'P 1 21 1'
#
loop_
_entity.id
_entity.type
_entity.pdbx_description
1 polymer 'NanoRNase C'
2 non-polymer "GUANOSINE-5'-MONOPHOSPHATE"
3 non-polymer 'MAGNESIUM ION'
4 water water
#
_entity_poly.entity_id   1
_entity_poly.type   'polypeptide(L)'
_entity_poly.pdbx_seq_one_letter_code
;SMTEIRVHQGDLPNLDNYRIDAVAVDTETLGLQPHRDRLCVVQLSSGDGTADVIQIAKGQKSAPNLVRLLSDRDITKIFH
FGRFDLAILAHTFGVMPDVVFCTKIASKLTRTYTDRHGLKEICGELLNVNISKQQQSSDWAAETLSRAQIEYAASDVLYL
HRLKDIFEERLKREERESVAKACFQFLPMRANLDLLGWSEIDIFAHS
;
_entity_poly.pdbx_strand_id   A,C,E,G,I,K,M,O
#
# COMPACT_ATOMS: atom_id res chain seq x y z
N MET A 2 6.33 -34.25 27.28
CA MET A 2 7.15 -34.95 28.26
C MET A 2 7.70 -36.27 27.70
N THR A 3 8.34 -36.19 26.54
CA THR A 3 8.93 -37.34 25.85
C THR A 3 10.41 -37.45 26.21
N GLU A 4 11.09 -38.45 25.62
CA GLU A 4 12.53 -38.61 25.84
C GLU A 4 13.28 -37.58 24.99
N ILE A 5 13.95 -36.65 25.67
CA ILE A 5 14.73 -35.61 25.02
C ILE A 5 16.14 -35.67 25.58
N ARG A 6 17.10 -36.00 24.73
CA ARG A 6 18.50 -36.02 25.13
C ARG A 6 19.12 -34.66 24.83
N VAL A 7 19.65 -33.99 25.85
CA VAL A 7 20.25 -32.67 25.71
C VAL A 7 21.77 -32.83 25.75
N HIS A 8 22.45 -32.24 24.79
CA HIS A 8 23.91 -32.34 24.66
C HIS A 8 24.52 -30.95 24.57
N GLN A 9 25.79 -30.86 24.95
CA GLN A 9 26.59 -29.65 24.79
C GLN A 9 27.50 -29.84 23.60
N GLY A 10 27.32 -29.02 22.57
CA GLY A 10 28.28 -28.97 21.46
C GLY A 10 28.05 -29.89 20.28
N ASP A 11 27.82 -31.17 20.54
CA ASP A 11 27.72 -32.14 19.46
C ASP A 11 27.01 -33.37 20.00
N LEU A 12 26.45 -34.15 19.09
CA LEU A 12 26.06 -35.51 19.48
C LEU A 12 27.29 -36.24 20.00
N PRO A 13 27.11 -37.15 20.96
CA PRO A 13 28.27 -37.96 21.41
C PRO A 13 28.70 -39.01 20.40
N ASN A 14 27.77 -39.51 19.61
CA ASN A 14 28.05 -40.49 18.56
C ASN A 14 26.85 -40.49 17.62
N LEU A 15 26.90 -41.35 16.60
CA LEU A 15 25.79 -41.43 15.65
C LEU A 15 24.96 -42.69 15.81
N ASP A 16 24.99 -43.31 17.00
CA ASP A 16 24.33 -44.61 17.18
C ASP A 16 22.83 -44.54 16.87
N ASN A 17 22.19 -43.42 17.15
CA ASN A 17 20.76 -43.28 16.91
C ASN A 17 20.43 -42.78 15.50
N TYR A 18 21.43 -42.64 14.64
CA TYR A 18 21.20 -42.00 13.34
C TYR A 18 21.78 -42.81 12.21
N ARG A 19 21.68 -44.13 12.32
CA ARG A 19 21.95 -45.02 11.20
C ARG A 19 20.64 -45.24 10.46
N ILE A 20 20.15 -44.17 9.85
CA ILE A 20 18.83 -44.12 9.23
C ILE A 20 18.96 -43.40 7.89
N ASP A 21 17.91 -43.52 7.07
CA ASP A 21 17.87 -42.94 5.73
CA ASP A 21 17.93 -42.92 5.75
C ASP A 21 17.41 -41.49 5.71
N ALA A 22 16.83 -41.00 6.81
CA ALA A 22 16.34 -39.64 6.86
C ALA A 22 16.34 -39.15 8.30
N VAL A 23 16.77 -37.90 8.52
CA VAL A 23 16.83 -37.31 9.85
C VAL A 23 16.08 -35.99 9.84
N ALA A 24 15.31 -35.75 10.91
CA ALA A 24 14.59 -34.50 11.09
C ALA A 24 15.52 -33.50 11.78
N VAL A 25 15.58 -32.28 11.22
CA VAL A 25 16.54 -31.26 11.64
C VAL A 25 15.82 -29.94 11.83
N ASP A 26 16.18 -29.23 12.91
CA ASP A 26 15.70 -27.87 13.14
C ASP A 26 16.78 -27.13 13.91
N THR A 27 16.67 -25.80 13.96
CA THR A 27 17.63 -24.98 14.70
C THR A 27 16.89 -23.90 15.49
N GLU A 28 17.54 -23.43 16.56
CA GLU A 28 17.17 -22.20 17.23
C GLU A 28 18.36 -21.25 17.23
N THR A 29 18.08 -19.97 17.10
CA THR A 29 19.10 -18.95 16.92
C THR A 29 18.70 -17.70 17.71
N LEU A 30 19.55 -16.68 17.67
CA LEU A 30 19.19 -15.39 18.22
C LEU A 30 18.41 -14.52 17.23
N GLY A 31 18.02 -15.06 16.09
CA GLY A 31 17.22 -14.31 15.15
C GLY A 31 17.40 -14.82 13.73
N LEU A 32 16.90 -14.02 12.78
CA LEU A 32 16.77 -14.48 11.40
C LEU A 32 17.93 -14.07 10.50
N GLN A 33 18.95 -13.39 11.03
CA GLN A 33 20.02 -12.87 10.18
C GLN A 33 21.31 -13.60 10.49
N PRO A 34 21.67 -14.62 9.71
CA PRO A 34 22.80 -15.50 10.12
C PRO A 34 24.11 -14.76 10.34
N HIS A 35 24.35 -13.67 9.62
CA HIS A 35 25.61 -12.95 9.85
C HIS A 35 25.62 -12.23 11.20
N ARG A 36 24.48 -12.01 11.81
CA ARG A 36 24.40 -11.33 13.10
C ARG A 36 23.95 -12.23 14.24
N ASP A 37 23.07 -13.19 13.96
CA ASP A 37 22.33 -13.94 14.98
C ASP A 37 22.84 -15.38 15.01
N ARG A 38 23.56 -15.73 16.06
CA ARG A 38 24.31 -16.97 16.05
C ARG A 38 23.39 -18.19 16.19
N LEU A 39 23.90 -19.32 15.70
CA LEU A 39 23.27 -20.60 15.98
C LEU A 39 23.42 -20.94 17.45
N CYS A 40 22.31 -21.30 18.10
CA CYS A 40 22.29 -21.62 19.53
C CYS A 40 21.93 -23.07 19.82
N VAL A 41 21.02 -23.65 19.04
CA VAL A 41 20.55 -25.01 19.28
C VAL A 41 20.38 -25.69 17.93
N VAL A 42 20.75 -26.97 17.86
CA VAL A 42 20.39 -27.83 16.74
C VAL A 42 19.62 -29.01 17.31
N GLN A 43 18.48 -29.32 16.70
CA GLN A 43 17.66 -30.42 17.17
C GLN A 43 17.60 -31.49 16.09
N LEU A 44 17.58 -32.75 16.52
CA LEU A 44 17.55 -33.88 15.62
C LEU A 44 16.53 -34.90 16.10
N SER A 45 15.89 -35.57 15.15
CA SER A 45 15.09 -36.73 15.53
C SER A 45 15.17 -37.79 14.43
N SER A 46 15.19 -39.04 14.88
CA SER A 46 15.16 -40.17 13.96
C SER A 46 13.74 -40.55 13.55
N GLY A 47 12.73 -39.93 14.14
CA GLY A 47 11.36 -40.31 13.88
C GLY A 47 10.77 -41.28 14.88
N ASP A 48 11.52 -41.70 15.89
CA ASP A 48 11.03 -42.70 16.83
C ASP A 48 10.35 -42.08 18.05
N GLY A 49 10.00 -40.80 17.99
CA GLY A 49 9.39 -40.15 19.13
C GLY A 49 10.36 -39.58 20.15
N THR A 50 11.66 -39.73 19.92
CA THR A 50 12.68 -39.10 20.75
C THR A 50 13.44 -38.05 19.94
N ALA A 51 14.08 -37.12 20.64
CA ALA A 51 14.85 -36.06 20.01
C ALA A 51 16.14 -35.82 20.77
N ASP A 52 17.15 -35.36 20.04
CA ASP A 52 18.40 -34.85 20.61
C ASP A 52 18.40 -33.34 20.42
N VAL A 53 18.72 -32.63 21.49
CA VAL A 53 18.77 -31.16 21.48
C VAL A 53 20.20 -30.77 21.83
N ILE A 54 20.87 -30.11 20.89
CA ILE A 54 22.30 -29.84 20.97
C ILE A 54 22.52 -28.34 21.17
N GLN A 55 23.03 -27.97 22.34
CA GLN A 55 23.36 -26.57 22.56
C GLN A 55 24.68 -26.23 21.88
N ILE A 56 24.67 -25.20 21.04
CA ILE A 56 25.84 -24.69 20.33
C ILE A 56 26.36 -23.49 21.09
N ALA A 57 27.65 -23.50 21.45
CA ALA A 57 28.24 -22.39 22.17
C ALA A 57 28.54 -21.22 21.23
N LYS A 58 28.62 -20.04 21.82
CA LYS A 58 29.06 -18.87 21.07
C LYS A 58 30.48 -19.11 20.56
N GLY A 59 30.71 -18.80 19.29
CA GLY A 59 32.03 -19.03 18.73
C GLY A 59 32.34 -20.45 18.35
N GLN A 60 31.41 -21.40 18.54
CA GLN A 60 31.70 -22.79 18.24
C GLN A 60 31.86 -23.01 16.73
N LYS A 61 32.98 -23.60 16.32
CA LYS A 61 33.31 -23.74 14.91
C LYS A 61 33.09 -25.14 14.35
N SER A 62 32.95 -26.16 15.21
CA SER A 62 32.83 -27.52 14.72
C SER A 62 31.80 -28.30 15.52
N ALA A 63 31.20 -29.28 14.85
CA ALA A 63 30.24 -30.20 15.46
C ALA A 63 30.34 -31.50 14.68
N PRO A 64 31.41 -32.27 14.90
CA PRO A 64 31.79 -33.32 13.94
C PRO A 64 30.70 -34.34 13.61
N ASN A 65 30.04 -34.87 14.64
CA ASN A 65 29.02 -35.89 14.41
C ASN A 65 27.81 -35.30 13.71
N LEU A 66 27.34 -34.14 14.17
CA LEU A 66 26.24 -33.48 13.51
C LEU A 66 26.56 -33.19 12.04
N VAL A 67 27.79 -32.72 11.78
CA VAL A 67 28.11 -32.31 10.41
C VAL A 67 28.32 -33.54 9.51
N ARG A 68 28.75 -34.67 10.09
CA ARG A 68 28.80 -35.92 9.33
C ARG A 68 27.42 -36.26 8.76
N LEU A 69 26.39 -36.14 9.59
CA LEU A 69 25.03 -36.37 9.11
C LEU A 69 24.67 -35.40 8.02
N LEU A 70 25.04 -34.12 8.20
CA LEU A 70 24.63 -33.09 7.26
C LEU A 70 25.23 -33.31 5.88
N SER A 71 26.43 -33.87 5.78
CA SER A 71 27.04 -34.03 4.47
C SER A 71 26.89 -35.44 3.91
N ASP A 72 26.17 -36.33 4.59
CA ASP A 72 26.02 -37.71 4.15
C ASP A 72 24.93 -37.79 3.10
N ARG A 73 25.33 -38.05 1.84
CA ARG A 73 24.38 -38.04 0.74
C ARG A 73 23.37 -39.19 0.80
N ASP A 74 23.61 -40.20 1.63
CA ASP A 74 22.64 -41.27 1.78
C ASP A 74 21.55 -40.95 2.78
N ILE A 75 21.61 -39.81 3.45
CA ILE A 75 20.63 -39.46 4.47
C ILE A 75 19.92 -38.19 4.03
N THR A 76 18.61 -38.26 3.91
CA THR A 76 17.83 -37.07 3.62
C THR A 76 17.63 -36.27 4.90
N LYS A 77 17.97 -34.99 4.86
CA LYS A 77 17.71 -34.07 5.97
C LYS A 77 16.34 -33.42 5.78
N ILE A 78 15.44 -33.61 6.74
CA ILE A 78 14.08 -33.07 6.69
C ILE A 78 14.00 -31.82 7.53
N PHE A 79 13.50 -30.73 6.95
CA PHE A 79 13.29 -29.46 7.65
C PHE A 79 11.86 -28.99 7.41
N HIS A 80 11.40 -28.09 8.27
CA HIS A 80 10.29 -27.21 7.91
C HIS A 80 10.85 -25.83 7.61
N PHE A 81 10.74 -25.41 6.36
CA PHE A 81 11.35 -24.19 5.83
C PHE A 81 12.87 -24.26 6.03
N GLY A 82 13.46 -25.26 5.37
CA GLY A 82 14.89 -25.50 5.43
C GLY A 82 15.74 -24.39 4.84
N ARG A 83 15.15 -23.54 3.99
CA ARG A 83 15.88 -22.37 3.50
C ARG A 83 16.60 -21.67 4.63
N PHE A 84 15.92 -21.51 5.77
CA PHE A 84 16.55 -20.82 6.89
C PHE A 84 17.61 -21.68 7.55
N ASP A 85 17.25 -22.91 7.95
CA ASP A 85 18.17 -23.75 8.70
C ASP A 85 19.40 -24.08 7.88
N LEU A 86 19.22 -24.33 6.59
CA LEU A 86 20.37 -24.56 5.73
C LEU A 86 21.32 -23.37 5.75
N ALA A 87 20.80 -22.15 5.65
CA ALA A 87 21.70 -20.99 5.68
C ALA A 87 22.48 -20.93 7.00
N ILE A 88 21.79 -21.03 8.14
CA ILE A 88 22.52 -20.83 9.40
C ILE A 88 23.47 -22.00 9.67
N LEU A 89 23.10 -23.23 9.28
CA LEU A 89 24.01 -24.36 9.48
C LEU A 89 25.25 -24.23 8.61
N ALA A 90 25.07 -23.86 7.35
CA ALA A 90 26.19 -23.70 6.44
C ALA A 90 27.07 -22.54 6.87
N HIS A 91 26.45 -21.45 7.31
CA HIS A 91 27.24 -20.32 7.79
C HIS A 91 28.05 -20.67 9.03
N THR A 92 27.52 -21.53 9.90
CA THR A 92 28.20 -21.80 11.16
C THR A 92 29.29 -22.85 11.00
N PHE A 93 28.99 -23.95 10.32
CA PHE A 93 29.94 -25.06 10.25
C PHE A 93 30.54 -25.26 8.86
N GLY A 94 30.18 -24.42 7.89
CA GLY A 94 30.84 -24.43 6.60
C GLY A 94 30.47 -25.56 5.68
N VAL A 95 29.42 -26.33 6.00
CA VAL A 95 28.97 -27.41 5.13
C VAL A 95 27.50 -27.16 4.79
N MET A 96 27.19 -27.09 3.50
CA MET A 96 25.81 -26.98 3.05
C MET A 96 25.24 -28.37 2.77
N PRO A 97 24.26 -28.83 3.53
CA PRO A 97 23.60 -30.10 3.20
C PRO A 97 22.99 -30.03 1.81
N ASP A 98 23.14 -31.09 1.02
CA ASP A 98 22.57 -31.07 -0.31
C ASP A 98 21.56 -32.19 -0.60
N VAL A 99 21.17 -33.00 0.38
CA VAL A 99 20.06 -33.95 0.18
C VAL A 99 19.01 -33.63 1.24
N VAL A 100 17.93 -32.94 0.84
CA VAL A 100 16.98 -32.37 1.79
C VAL A 100 15.55 -32.59 1.32
N PHE A 101 14.63 -32.46 2.28
CA PHE A 101 13.20 -32.46 2.05
C PHE A 101 12.66 -31.34 2.93
N CYS A 102 11.87 -30.43 2.35
CA CYS A 102 11.30 -29.31 3.08
C CYS A 102 9.79 -29.47 3.14
N THR A 103 9.24 -29.50 4.36
CA THR A 103 7.80 -29.64 4.50
C THR A 103 7.05 -28.37 4.14
N LYS A 104 7.69 -27.21 4.16
CA LYS A 104 6.97 -26.01 3.74
C LYS A 104 6.83 -25.96 2.22
N ILE A 105 7.91 -26.25 1.49
CA ILE A 105 7.80 -26.38 0.04
C ILE A 105 6.84 -27.50 -0.33
N ALA A 106 6.92 -28.64 0.36
CA ALA A 106 5.98 -29.72 0.11
C ALA A 106 4.53 -29.27 0.32
N SER A 107 4.26 -28.54 1.41
CA SER A 107 2.92 -28.01 1.63
C SER A 107 2.50 -27.08 0.50
N LYS A 108 3.39 -26.17 0.10
CA LYS A 108 3.02 -25.23 -0.95
C LYS A 108 2.70 -25.95 -2.26
N LEU A 109 3.26 -27.15 -2.47
CA LEU A 109 3.01 -27.93 -3.68
C LEU A 109 1.82 -28.87 -3.56
N THR A 110 1.26 -29.07 -2.37
CA THR A 110 0.19 -30.05 -2.22
C THR A 110 -1.04 -29.50 -1.52
N ARG A 111 -0.86 -28.63 -0.52
CA ARG A 111 -2.02 -28.10 0.22
C ARG A 111 -2.45 -26.81 -0.48
N THR A 112 -2.89 -26.99 -1.72
CA THR A 112 -3.30 -25.88 -2.56
C THR A 112 -4.66 -25.33 -2.16
N TYR A 113 -5.34 -26.00 -1.22
CA TYR A 113 -6.62 -25.57 -0.71
C TYR A 113 -6.50 -24.61 0.46
N THR A 114 -5.32 -24.07 0.72
CA THR A 114 -5.11 -23.18 1.83
C THR A 114 -3.96 -22.26 1.50
N ASP A 115 -3.86 -21.19 2.27
CA ASP A 115 -2.76 -20.25 2.14
C ASP A 115 -1.87 -20.26 3.39
N ARG A 116 -2.12 -21.18 4.31
CA ARG A 116 -1.43 -21.26 5.59
C ARG A 116 -0.52 -22.49 5.56
N HIS A 117 0.79 -22.26 5.51
CA HIS A 117 1.76 -23.33 5.39
C HIS A 117 2.75 -23.34 6.55
N GLY A 118 2.34 -22.81 7.71
CA GLY A 118 3.19 -22.88 8.88
C GLY A 118 3.17 -24.26 9.53
N LEU A 119 4.21 -24.54 10.31
CA LEU A 119 4.31 -25.87 10.93
C LEU A 119 3.14 -26.15 11.86
N LYS A 120 2.69 -25.13 12.59
CA LYS A 120 1.58 -25.32 13.51
C LYS A 120 0.32 -25.73 12.77
N GLU A 121 -0.02 -25.01 11.70
CA GLU A 121 -1.19 -25.37 10.90
C GLU A 121 -1.04 -26.76 10.31
N ILE A 122 0.13 -27.06 9.76
CA ILE A 122 0.34 -28.35 9.09
C ILE A 122 0.22 -29.50 10.08
N CYS A 123 0.82 -29.35 11.26
CA CYS A 123 0.74 -30.40 12.26
C CYS A 123 -0.69 -30.58 12.76
N GLY A 124 -1.41 -29.48 12.93
CA GLY A 124 -2.79 -29.60 13.37
C GLY A 124 -3.65 -30.32 12.34
N GLU A 125 -3.50 -29.95 11.08
CA GLU A 125 -4.37 -30.52 10.04
C GLU A 125 -4.00 -31.96 9.72
N LEU A 126 -2.72 -32.25 9.52
CA LEU A 126 -2.33 -33.57 9.03
C LEU A 126 -2.22 -34.61 10.13
N LEU A 127 -1.87 -34.20 11.35
CA LEU A 127 -1.60 -35.15 12.41
C LEU A 127 -2.46 -34.93 13.64
N ASN A 128 -3.32 -33.91 13.66
CA ASN A 128 -4.06 -33.53 14.87
CA ASN A 128 -4.06 -33.54 14.86
C ASN A 128 -3.11 -33.40 16.05
N VAL A 129 -1.96 -32.78 15.80
CA VAL A 129 -0.94 -32.50 16.79
C VAL A 129 -0.90 -30.99 16.99
N ASN A 130 -1.00 -30.56 18.24
CA ASN A 130 -0.99 -29.13 18.54
C ASN A 130 0.42 -28.69 18.89
N ILE A 131 0.98 -27.79 18.08
CA ILE A 131 2.29 -27.20 18.32
C ILE A 131 2.09 -25.84 19.00
N SER A 132 2.87 -25.56 20.03
CA SER A 132 2.87 -24.26 20.68
C SER A 132 4.10 -23.48 20.26
N LYS A 133 3.90 -22.22 19.85
CA LYS A 133 5.01 -21.36 19.45
C LYS A 133 5.41 -20.37 20.54
N GLN A 134 4.97 -20.57 21.78
CA GLN A 134 5.21 -19.55 22.80
C GLN A 134 6.70 -19.37 23.10
N GLN A 135 7.48 -20.45 23.05
CA GLN A 135 8.91 -20.35 23.37
C GLN A 135 9.76 -19.95 22.19
N GLN A 136 9.16 -19.81 21.00
CA GLN A 136 9.91 -19.38 19.82
C GLN A 136 10.69 -18.10 20.11
N SER A 137 10.02 -17.08 20.64
CA SER A 137 10.69 -15.83 20.99
C SER A 137 11.14 -15.94 22.44
N SER A 138 12.36 -16.41 22.62
CA SER A 138 12.97 -16.58 23.93
C SER A 138 14.47 -16.51 23.74
N ASP A 139 15.19 -16.39 24.85
CA ASP A 139 16.64 -16.23 24.79
C ASP A 139 17.25 -17.61 24.53
N TRP A 140 17.45 -17.93 23.25
CA TRP A 140 17.99 -19.23 22.90
C TRP A 140 19.49 -19.36 23.18
N ALA A 141 20.18 -18.26 23.48
CA ALA A 141 21.59 -18.32 23.81
C ALA A 141 21.84 -18.50 25.29
N ALA A 142 20.78 -18.63 26.10
CA ALA A 142 20.91 -18.85 27.53
C ALA A 142 21.81 -20.05 27.81
N GLU A 143 22.65 -19.91 28.82
CA GLU A 143 23.55 -20.99 29.21
C GLU A 143 22.75 -22.25 29.55
N THR A 144 21.69 -22.11 30.33
CA THR A 144 20.77 -23.20 30.65
C THR A 144 19.42 -22.90 30.01
N LEU A 145 18.98 -23.80 29.13
CA LEU A 145 17.65 -23.68 28.53
C LEU A 145 16.59 -24.10 29.52
N SER A 146 15.46 -23.41 29.51
CA SER A 146 14.34 -23.82 30.35
C SER A 146 13.78 -25.15 29.86
N ARG A 147 13.06 -25.83 30.76
CA ARG A 147 12.32 -27.02 30.35
C ARG A 147 11.38 -26.72 29.20
N ALA A 148 10.67 -25.59 29.26
CA ALA A 148 9.75 -25.23 28.19
C ALA A 148 10.49 -25.03 26.87
N GLN A 149 11.66 -24.37 26.92
CA GLN A 149 12.45 -24.21 25.70
C GLN A 149 12.86 -25.55 25.11
N ILE A 150 13.27 -26.48 25.96
CA ILE A 150 13.78 -27.76 25.47
C ILE A 150 12.65 -28.56 24.84
N GLU A 151 11.47 -28.53 25.44
CA GLU A 151 10.34 -29.27 24.88
C GLU A 151 9.86 -28.65 23.58
N TYR A 152 9.90 -27.31 23.48
CA TYR A 152 9.57 -26.65 22.22
C TYR A 152 10.55 -27.04 21.13
N ALA A 153 11.84 -26.94 21.43
CA ALA A 153 12.85 -27.27 20.42
C ALA A 153 12.66 -28.70 19.92
N ALA A 154 12.43 -29.65 20.83
CA ALA A 154 12.23 -31.04 20.43
C ALA A 154 10.95 -31.22 19.61
N SER A 155 9.88 -30.53 19.99
CA SER A 155 8.60 -30.69 19.29
CA SER A 155 8.62 -30.74 19.28
C SER A 155 8.70 -30.30 17.82
N ASP A 156 9.62 -29.39 17.49
CA ASP A 156 9.79 -28.95 16.12
C ASP A 156 10.42 -30.01 15.23
N VAL A 157 11.02 -31.06 15.79
CA VAL A 157 11.55 -32.16 14.97
C VAL A 157 10.81 -33.47 15.17
N LEU A 158 9.99 -33.61 16.21
CA LEU A 158 9.39 -34.92 16.52
C LEU A 158 8.41 -35.40 15.46
N TYR A 159 7.90 -34.51 14.60
CA TYR A 159 6.81 -34.87 13.70
C TYR A 159 7.16 -34.78 12.22
N LEU A 160 8.40 -34.44 11.87
CA LEU A 160 8.72 -34.15 10.49
C LEU A 160 8.72 -35.40 9.62
N HIS A 161 9.13 -36.54 10.17
CA HIS A 161 9.04 -37.80 9.42
C HIS A 161 7.59 -38.11 9.05
N ARG A 162 6.69 -37.98 10.01
CA ARG A 162 5.28 -38.26 9.71
C ARG A 162 4.74 -37.29 8.68
N LEU A 163 5.14 -36.02 8.77
CA LEU A 163 4.71 -35.05 7.77
C LEU A 163 5.26 -35.41 6.39
N LYS A 164 6.56 -35.70 6.32
CA LYS A 164 7.17 -36.07 5.05
C LYS A 164 6.47 -37.27 4.40
N ASP A 165 6.14 -38.29 5.19
CA ASP A 165 5.44 -39.45 4.64
C ASP A 165 4.14 -39.03 3.98
N ILE A 166 3.35 -38.19 4.64
CA ILE A 166 2.07 -37.77 4.10
C ILE A 166 2.28 -36.92 2.85
N PHE A 167 3.21 -35.98 2.91
CA PHE A 167 3.47 -35.13 1.75
C PHE A 167 3.98 -35.95 0.56
N GLU A 168 4.75 -37.01 0.82
CA GLU A 168 5.19 -37.85 -0.29
C GLU A 168 4.01 -38.55 -0.95
N GLU A 169 3.02 -38.99 -0.16
CA GLU A 169 1.82 -39.57 -0.76
C GLU A 169 1.09 -38.54 -1.60
N ARG A 170 0.98 -37.30 -1.11
CA ARG A 170 0.24 -36.29 -1.87
C ARG A 170 0.98 -35.93 -3.15
N LEU A 171 2.31 -35.80 -3.07
CA LEU A 171 3.12 -35.51 -4.26
C LEU A 171 2.98 -36.61 -5.30
N LYS A 172 2.95 -37.87 -4.86
CA LYS A 172 2.71 -38.95 -5.80
C LYS A 172 1.30 -38.85 -6.39
N ARG A 173 0.31 -38.63 -5.53
CA ARG A 173 -1.09 -38.62 -5.99
C ARG A 173 -1.33 -37.55 -7.05
N GLU A 174 -0.79 -36.35 -6.83
CA GLU A 174 -0.94 -35.25 -7.78
C GLU A 174 0.16 -35.21 -8.83
N GLU A 175 1.07 -36.18 -8.82
CA GLU A 175 2.10 -36.35 -9.85
C GLU A 175 3.04 -35.14 -9.90
N ARG A 176 3.53 -34.74 -8.73
CA ARG A 176 4.42 -33.60 -8.62
C ARG A 176 5.76 -33.98 -7.99
N GLU A 177 6.10 -35.27 -7.96
CA GLU A 177 7.32 -35.71 -7.30
C GLU A 177 8.56 -35.12 -7.94
N SER A 178 8.60 -35.06 -9.28
CA SER A 178 9.78 -34.50 -9.91
C SER A 178 9.84 -32.99 -9.74
N VAL A 179 8.69 -32.32 -9.69
CA VAL A 179 8.67 -30.90 -9.36
C VAL A 179 9.27 -30.66 -7.98
N ALA A 180 8.80 -31.43 -7.00
CA ALA A 180 9.31 -31.26 -5.64
C ALA A 180 10.81 -31.53 -5.59
N LYS A 181 11.26 -32.58 -6.29
CA LYS A 181 12.67 -32.96 -6.24
C LYS A 181 13.56 -31.84 -6.78
N ALA A 182 13.12 -31.16 -7.86
CA ALA A 182 13.90 -30.05 -8.39
C ALA A 182 13.95 -28.88 -7.42
N CYS A 183 12.82 -28.60 -6.74
CA CYS A 183 12.81 -27.55 -5.73
C CYS A 183 13.78 -27.86 -4.59
N PHE A 184 13.78 -29.12 -4.12
CA PHE A 184 14.68 -29.50 -3.02
C PHE A 184 16.13 -29.48 -3.46
N GLN A 185 16.39 -29.79 -4.72
CA GLN A 185 17.75 -29.76 -5.26
CA GLN A 185 17.76 -29.76 -5.18
C GLN A 185 18.28 -28.33 -5.30
N PHE A 186 17.41 -27.37 -5.62
CA PHE A 186 17.87 -25.98 -5.67
C PHE A 186 17.91 -25.32 -4.30
N LEU A 187 17.13 -25.80 -3.32
CA LEU A 187 17.03 -25.15 -2.01
C LEU A 187 18.36 -24.86 -1.34
N PRO A 188 19.37 -25.77 -1.32
CA PRO A 188 20.67 -25.37 -0.77
C PRO A 188 21.27 -24.17 -1.48
N MET A 189 21.15 -24.09 -2.81
CA MET A 189 21.62 -22.89 -3.50
C MET A 189 20.80 -21.66 -3.13
N ARG A 190 19.49 -21.84 -2.94
CA ARG A 190 18.66 -20.72 -2.46
C ARG A 190 19.18 -20.20 -1.11
N ALA A 191 19.51 -21.10 -0.20
CA ALA A 191 20.05 -20.69 1.10
C ALA A 191 21.40 -20.02 0.94
N ASN A 192 22.23 -20.52 0.03
CA ASN A 192 23.51 -19.89 -0.26
CA ASN A 192 23.51 -19.90 -0.28
C ASN A 192 23.34 -18.49 -0.81
N LEU A 193 22.39 -18.30 -1.73
CA LEU A 193 22.09 -16.97 -2.23
C LEU A 193 21.74 -16.02 -1.09
N ASP A 194 20.96 -16.52 -0.11
CA ASP A 194 20.65 -15.71 1.06
C ASP A 194 21.90 -15.28 1.79
N LEU A 195 22.82 -16.22 2.02
CA LEU A 195 24.07 -15.90 2.69
C LEU A 195 24.90 -14.91 1.89
N LEU A 196 24.87 -15.02 0.57
CA LEU A 196 25.74 -14.19 -0.27
C LEU A 196 25.23 -12.77 -0.41
N GLY A 197 24.00 -12.48 -0.02
CA GLY A 197 23.50 -11.12 -0.13
C GLY A 197 22.19 -10.98 -0.91
N TRP A 198 21.58 -12.08 -1.35
CA TRP A 198 20.33 -11.98 -2.11
C TRP A 198 19.10 -12.39 -1.30
N SER A 199 19.16 -12.27 0.04
CA SER A 199 18.08 -12.82 0.86
C SER A 199 16.74 -12.15 0.56
N GLU A 200 16.77 -10.90 0.10
CA GLU A 200 15.52 -10.18 -0.16
C GLU A 200 15.08 -10.26 -1.61
N ILE A 201 15.73 -11.07 -2.43
CA ILE A 201 15.52 -11.07 -3.89
C ILE A 201 14.99 -12.42 -4.30
N ASP A 202 13.86 -12.45 -5.00
CA ASP A 202 13.44 -13.64 -5.71
C ASP A 202 14.25 -13.67 -7.00
N ILE A 203 15.26 -14.54 -7.05
CA ILE A 203 16.20 -14.51 -8.18
C ILE A 203 15.50 -14.86 -9.50
N PHE A 204 14.35 -15.54 -9.47
CA PHE A 204 13.67 -15.92 -10.70
C PHE A 204 12.59 -14.94 -11.13
N ALA A 205 12.35 -13.88 -10.35
CA ALA A 205 11.28 -12.96 -10.67
C ALA A 205 11.71 -12.01 -11.79
N HIS A 206 10.70 -11.49 -12.51
CA HIS A 206 10.95 -10.47 -13.51
C HIS A 206 11.53 -9.21 -12.87
N SER A 207 10.96 -8.79 -11.74
CA SER A 207 11.51 -7.65 -11.00
C SER A 207 11.04 -7.66 -9.56
N THR B 3 -30.01 -34.55 10.07
CA THR B 3 -30.24 -34.35 8.64
C THR B 3 -29.62 -35.50 7.83
N GLU B 4 -30.40 -36.04 6.89
CA GLU B 4 -29.97 -37.20 6.12
C GLU B 4 -28.99 -36.78 5.02
N ILE B 5 -27.82 -37.41 5.00
CA ILE B 5 -26.82 -37.16 3.97
C ILE B 5 -26.59 -38.46 3.23
N ARG B 6 -26.77 -38.42 1.92
CA ARG B 6 -26.55 -39.58 1.06
C ARG B 6 -25.21 -39.39 0.34
N VAL B 7 -24.30 -40.34 0.49
CA VAL B 7 -22.96 -40.23 -0.08
C VAL B 7 -22.86 -41.14 -1.29
N HIS B 8 -22.35 -40.61 -2.40
CA HIS B 8 -22.28 -41.34 -3.65
C HIS B 8 -20.86 -41.30 -4.20
N GLN B 9 -20.51 -42.32 -4.97
CA GLN B 9 -19.28 -42.34 -5.74
C GLN B 9 -19.61 -42.01 -7.19
N GLY B 10 -19.00 -40.96 -7.71
CA GLY B 10 -19.11 -40.68 -9.14
C GLY B 10 -20.28 -39.84 -9.59
N ASP B 11 -21.50 -40.21 -9.19
CA ASP B 11 -22.69 -39.55 -9.73
C ASP B 11 -23.85 -39.86 -8.81
N LEU B 12 -24.92 -39.07 -8.94
CA LEU B 12 -26.21 -39.51 -8.39
C LEU B 12 -26.61 -40.82 -9.05
N PRO B 13 -27.25 -41.74 -8.32
CA PRO B 13 -27.76 -42.96 -8.97
C PRO B 13 -28.94 -42.70 -9.88
N ASN B 14 -29.69 -41.64 -9.62
CA ASN B 14 -30.83 -41.23 -10.45
C ASN B 14 -31.25 -39.85 -10.01
N LEU B 15 -32.32 -39.34 -10.63
CA LEU B 15 -32.82 -38.00 -10.34
C LEU B 15 -34.15 -38.02 -9.60
N ASP B 16 -34.48 -39.13 -8.94
CA ASP B 16 -35.77 -39.24 -8.25
C ASP B 16 -36.00 -38.08 -7.28
N ASN B 17 -34.94 -37.64 -6.60
CA ASN B 17 -35.09 -36.56 -5.63
C ASN B 17 -34.97 -35.17 -6.23
N TYR B 18 -34.79 -35.04 -7.55
CA TYR B 18 -34.53 -33.74 -8.15
C TYR B 18 -35.50 -33.40 -9.27
N ARG B 19 -36.74 -33.87 -9.17
CA ARG B 19 -37.83 -33.40 -10.03
C ARG B 19 -38.41 -32.12 -9.42
N ILE B 20 -37.61 -31.06 -9.45
CA ILE B 20 -37.88 -29.82 -8.73
C ILE B 20 -37.47 -28.63 -9.61
N ASP B 21 -37.94 -27.44 -9.22
CA ASP B 21 -37.69 -26.21 -9.97
CA ASP B 21 -37.64 -26.27 -10.05
C ASP B 21 -36.34 -25.58 -9.68
N ALA B 22 -35.70 -25.95 -8.57
CA ALA B 22 -34.44 -25.32 -8.21
C ALA B 22 -33.64 -26.24 -7.32
N VAL B 23 -32.32 -26.27 -7.52
CA VAL B 23 -31.45 -27.17 -6.79
C VAL B 23 -30.25 -26.39 -6.24
N ALA B 24 -29.94 -26.66 -4.97
CA ALA B 24 -28.78 -26.08 -4.31
C ALA B 24 -27.53 -26.87 -4.68
N VAL B 25 -26.47 -26.17 -5.09
CA VAL B 25 -25.25 -26.80 -5.59
C VAL B 25 -24.04 -26.18 -4.90
N ASP B 26 -23.07 -27.01 -4.53
CA ASP B 26 -21.78 -26.56 -4.04
C ASP B 26 -20.74 -27.59 -4.47
N THR B 27 -19.46 -27.22 -4.41
CA THR B 27 -18.38 -28.14 -4.74
C THR B 27 -17.26 -28.01 -3.73
N GLU B 28 -16.45 -29.07 -3.61
CA GLU B 28 -15.15 -29.00 -2.95
C GLU B 28 -14.06 -29.42 -3.94
N THR B 29 -12.88 -28.84 -3.78
CA THR B 29 -11.78 -28.98 -4.72
C THR B 29 -10.47 -29.05 -3.96
N LEU B 30 -9.37 -29.29 -4.70
CA LEU B 30 -8.05 -29.12 -4.10
C LEU B 30 -7.58 -27.66 -4.07
N GLY B 31 -8.41 -26.72 -4.51
CA GLY B 31 -8.03 -25.33 -4.45
C GLY B 31 -8.84 -24.48 -5.40
N LEU B 32 -8.38 -23.24 -5.56
CA LEU B 32 -9.15 -22.21 -6.24
C LEU B 32 -8.81 -22.05 -7.70
N GLN B 33 -7.88 -22.87 -8.22
CA GLN B 33 -7.39 -22.73 -9.59
C GLN B 33 -7.83 -23.92 -10.41
N PRO B 34 -8.94 -23.81 -11.15
CA PRO B 34 -9.51 -25.02 -11.78
C PRO B 34 -8.56 -25.74 -12.72
N HIS B 35 -7.67 -25.01 -13.38
CA HIS B 35 -6.74 -25.69 -14.28
C HIS B 35 -5.74 -26.55 -13.53
N ARG B 36 -5.50 -26.26 -12.25
CA ARG B 36 -4.57 -27.05 -11.43
C ARG B 36 -5.27 -27.95 -10.43
N ASP B 37 -6.37 -27.47 -9.82
CA ASP B 37 -6.95 -28.04 -8.62
C ASP B 37 -8.24 -28.75 -8.99
N ARG B 38 -8.25 -30.08 -8.86
CA ARG B 38 -9.35 -30.85 -9.41
C ARG B 38 -10.62 -30.76 -8.57
N LEU B 39 -11.75 -30.95 -9.24
CA LEU B 39 -13.03 -31.14 -8.58
C LEU B 39 -13.01 -32.45 -7.79
N CYS B 40 -13.33 -32.39 -6.50
CA CYS B 40 -13.29 -33.56 -5.64
C CYS B 40 -14.65 -34.01 -5.15
N VAL B 41 -15.57 -33.06 -4.90
CA VAL B 41 -16.89 -33.34 -4.36
C VAL B 41 -17.89 -32.39 -4.98
N VAL B 42 -19.08 -32.88 -5.28
CA VAL B 42 -20.22 -32.05 -5.64
C VAL B 42 -21.34 -32.37 -4.66
N GLN B 43 -21.95 -31.33 -4.11
CA GLN B 43 -23.04 -31.50 -3.16
C GLN B 43 -24.30 -30.91 -3.73
N LEU B 44 -25.43 -31.57 -3.48
CA LEU B 44 -26.76 -31.15 -3.93
C LEU B 44 -27.74 -31.22 -2.79
N SER B 45 -28.73 -30.33 -2.81
CA SER B 45 -29.88 -30.45 -1.93
C SER B 45 -31.11 -29.96 -2.68
N SER B 46 -32.23 -30.62 -2.44
CA SER B 46 -33.52 -30.20 -2.97
C SER B 46 -34.19 -29.16 -2.09
N GLY B 47 -33.60 -28.82 -0.95
CA GLY B 47 -34.23 -27.92 -0.01
C GLY B 47 -35.04 -28.60 1.07
N ASP B 48 -35.08 -29.92 1.12
CA ASP B 48 -35.91 -30.63 2.09
C ASP B 48 -35.13 -31.05 3.33
N GLY B 49 -33.98 -30.44 3.59
CA GLY B 49 -33.17 -30.79 4.74
C GLY B 49 -32.28 -32.00 4.56
N THR B 50 -32.28 -32.63 3.39
CA THR B 50 -31.35 -33.70 3.07
C THR B 50 -30.38 -33.21 2.01
N ALA B 51 -29.27 -33.93 1.87
CA ALA B 51 -28.25 -33.56 0.89
C ALA B 51 -27.68 -34.81 0.24
N ASP B 52 -27.21 -34.65 -0.98
CA ASP B 52 -26.41 -35.67 -1.65
C ASP B 52 -24.98 -35.16 -1.77
N VAL B 53 -24.02 -36.00 -1.40
CA VAL B 53 -22.61 -35.65 -1.45
C VAL B 53 -21.95 -36.63 -2.40
N ILE B 54 -21.43 -36.13 -3.51
CA ILE B 54 -20.93 -36.94 -4.61
C ILE B 54 -19.41 -36.80 -4.68
N GLN B 55 -18.70 -37.87 -4.39
CA GLN B 55 -17.25 -37.88 -4.52
C GLN B 55 -16.87 -38.05 -5.98
N ILE B 56 -16.06 -37.12 -6.49
CA ILE B 56 -15.61 -37.11 -7.88
C ILE B 56 -14.19 -37.66 -7.90
N ALA B 57 -13.94 -38.63 -8.79
CA ALA B 57 -12.63 -39.26 -8.84
C ALA B 57 -11.63 -38.42 -9.63
N LYS B 58 -10.34 -38.65 -9.38
CA LYS B 58 -9.31 -38.04 -10.19
C LYS B 58 -9.48 -38.45 -11.65
N GLY B 59 -9.47 -37.47 -12.55
CA GLY B 59 -9.60 -37.81 -13.95
C GLY B 59 -11.01 -38.18 -14.38
N GLN B 60 -12.01 -38.04 -13.52
CA GLN B 60 -13.37 -38.36 -13.91
C GLN B 60 -13.87 -37.34 -14.93
N LYS B 61 -14.33 -37.82 -16.09
CA LYS B 61 -14.81 -36.95 -17.16
C LYS B 61 -16.33 -36.87 -17.27
N SER B 62 -17.05 -37.79 -16.63
CA SER B 62 -18.49 -37.91 -16.80
C SER B 62 -19.19 -37.97 -15.44
N ALA B 63 -20.30 -37.27 -15.32
CA ALA B 63 -21.23 -37.44 -14.19
C ALA B 63 -22.64 -37.23 -14.73
N PRO B 64 -23.20 -38.26 -15.38
CA PRO B 64 -24.37 -38.04 -16.25
C PRO B 64 -25.56 -37.40 -15.58
N ASN B 65 -26.01 -37.93 -14.44
CA ASN B 65 -27.23 -37.41 -13.83
C ASN B 65 -27.00 -36.00 -13.28
N LEU B 66 -25.87 -35.80 -12.59
CA LEU B 66 -25.52 -34.45 -12.15
C LEU B 66 -25.52 -33.48 -13.32
N VAL B 67 -24.92 -33.88 -14.44
CA VAL B 67 -24.79 -32.92 -15.53
C VAL B 67 -26.12 -32.70 -16.23
N ARG B 68 -27.03 -33.70 -16.19
CA ARG B 68 -28.39 -33.45 -16.67
C ARG B 68 -29.05 -32.30 -15.92
N LEU B 69 -28.91 -32.29 -14.59
CA LEU B 69 -29.44 -31.18 -13.81
C LEU B 69 -28.77 -29.87 -14.20
N LEU B 70 -27.45 -29.89 -14.40
CA LEU B 70 -26.74 -28.65 -14.67
C LEU B 70 -27.16 -28.04 -16.00
N SER B 71 -27.55 -28.85 -16.98
CA SER B 71 -27.91 -28.32 -18.28
C SER B 71 -29.40 -28.11 -18.46
N ASP B 72 -30.21 -28.38 -17.43
CA ASP B 72 -31.66 -28.35 -17.55
C ASP B 72 -32.17 -26.93 -17.36
N ARG B 73 -32.58 -26.28 -18.46
CA ARG B 73 -32.99 -24.87 -18.37
C ARG B 73 -34.22 -24.67 -17.49
N ASP B 74 -34.97 -25.71 -17.16
CA ASP B 74 -36.14 -25.59 -16.29
C ASP B 74 -35.78 -25.63 -14.81
N ILE B 75 -34.52 -25.86 -14.46
CA ILE B 75 -34.13 -25.95 -13.06
C ILE B 75 -33.10 -24.86 -12.77
N THR B 76 -33.40 -24.00 -11.79
CA THR B 76 -32.43 -23.00 -11.39
C THR B 76 -31.41 -23.65 -10.47
N LYS B 77 -30.13 -23.46 -10.76
CA LYS B 77 -29.06 -23.92 -9.89
C LYS B 77 -28.67 -22.78 -8.95
N ILE B 78 -28.82 -23.03 -7.64
CA ILE B 78 -28.53 -22.03 -6.61
C ILE B 78 -27.13 -22.27 -6.07
N PHE B 79 -26.30 -21.23 -6.06
CA PHE B 79 -24.96 -21.30 -5.49
C PHE B 79 -24.75 -20.17 -4.50
N HIS B 80 -23.71 -20.32 -3.66
CA HIS B 80 -23.11 -19.19 -2.96
C HIS B 80 -21.75 -18.93 -3.59
N PHE B 81 -21.61 -17.77 -4.22
CA PHE B 81 -20.47 -17.43 -5.06
C PHE B 81 -20.32 -18.48 -6.18
N GLY B 82 -21.38 -18.57 -6.99
CA GLY B 82 -21.39 -19.47 -8.13
C GLY B 82 -20.30 -19.22 -9.14
N ARG B 83 -19.74 -18.00 -9.18
CA ARG B 83 -18.63 -17.72 -10.09
C ARG B 83 -17.57 -18.83 -10.00
N PHE B 84 -17.27 -19.29 -8.78
CA PHE B 84 -16.27 -20.35 -8.67
C PHE B 84 -16.83 -21.71 -9.09
N ASP B 85 -17.98 -22.12 -8.54
CA ASP B 85 -18.49 -23.47 -8.82
C ASP B 85 -18.78 -23.65 -10.31
N LEU B 86 -19.32 -22.62 -10.95
CA LEU B 86 -19.58 -22.71 -12.38
C LEU B 86 -18.30 -22.96 -13.15
N ALA B 87 -17.21 -22.28 -12.75
CA ALA B 87 -15.95 -22.46 -13.45
C ALA B 87 -15.44 -23.89 -13.30
N ILE B 88 -15.39 -24.42 -12.08
CA ILE B 88 -14.81 -25.76 -11.95
C ILE B 88 -15.75 -26.81 -12.54
N LEU B 89 -17.07 -26.63 -12.45
CA LEU B 89 -17.99 -27.60 -13.05
C LEU B 89 -17.85 -27.62 -14.58
N ALA B 90 -17.82 -26.43 -15.19
CA ALA B 90 -17.73 -26.38 -16.65
C ALA B 90 -16.37 -26.89 -17.13
N HIS B 91 -15.32 -26.60 -16.37
CA HIS B 91 -14.00 -27.10 -16.72
C HIS B 91 -13.96 -28.62 -16.62
N THR B 92 -14.58 -29.18 -15.60
CA THR B 92 -14.45 -30.61 -15.36
C THR B 92 -15.33 -31.43 -16.31
N PHE B 93 -16.60 -31.04 -16.46
CA PHE B 93 -17.54 -31.84 -17.26
C PHE B 93 -17.93 -31.20 -18.59
N GLY B 94 -17.42 -30.02 -18.92
CA GLY B 94 -17.66 -29.42 -20.23
C GLY B 94 -19.01 -28.80 -20.43
N VAL B 95 -19.81 -28.64 -19.38
CA VAL B 95 -21.13 -28.04 -19.53
C VAL B 95 -21.22 -26.86 -18.57
N MET B 96 -21.49 -25.66 -19.11
CA MET B 96 -21.66 -24.47 -18.28
C MET B 96 -23.14 -24.31 -17.95
N PRO B 97 -23.56 -24.46 -16.70
CA PRO B 97 -24.94 -24.14 -16.34
C PRO B 97 -25.26 -22.70 -16.69
N ASP B 98 -26.49 -22.45 -17.17
CA ASP B 98 -26.83 -21.09 -17.54
C ASP B 98 -28.09 -20.53 -16.90
N VAL B 99 -28.78 -21.29 -16.04
CA VAL B 99 -29.90 -20.77 -15.24
C VAL B 99 -29.45 -20.89 -13.80
N VAL B 100 -29.06 -19.77 -13.19
CA VAL B 100 -28.41 -19.81 -11.88
C VAL B 100 -28.99 -18.72 -10.97
N PHE B 101 -28.77 -18.90 -9.68
CA PHE B 101 -29.03 -17.89 -8.67
C PHE B 101 -27.82 -17.91 -7.75
N CYS B 102 -27.24 -16.74 -7.45
CA CYS B 102 -26.07 -16.66 -6.56
C CYS B 102 -26.42 -15.85 -5.32
N THR B 103 -26.30 -16.48 -4.14
CA THR B 103 -26.59 -15.81 -2.89
C THR B 103 -25.55 -14.74 -2.53
N LYS B 104 -24.32 -14.84 -3.05
CA LYS B 104 -23.35 -13.78 -2.78
C LYS B 104 -23.69 -12.52 -3.58
N ILE B 105 -23.97 -12.67 -4.88
CA ILE B 105 -24.44 -11.52 -5.65
C ILE B 105 -25.73 -10.95 -5.06
N ALA B 106 -26.66 -11.82 -4.66
CA ALA B 106 -27.90 -11.35 -4.05
C ALA B 106 -27.62 -10.57 -2.77
N SER B 107 -26.71 -11.07 -1.93
CA SER B 107 -26.35 -10.34 -0.72
C SER B 107 -25.77 -8.98 -1.06
N LYS B 108 -24.88 -8.93 -2.07
CA LYS B 108 -24.27 -7.65 -2.43
C LYS B 108 -25.31 -6.66 -2.94
N LEU B 109 -26.42 -7.15 -3.50
CA LEU B 109 -27.47 -6.29 -3.99
C LEU B 109 -28.53 -5.95 -2.94
N THR B 110 -28.55 -6.64 -1.78
CA THR B 110 -29.60 -6.39 -0.80
C THR B 110 -29.08 -6.08 0.60
N ARG B 111 -27.97 -6.71 1.00
CA ARG B 111 -27.43 -6.48 2.34
C ARG B 111 -26.41 -5.34 2.26
N THR B 112 -26.96 -4.17 1.94
CA THR B 112 -26.18 -2.97 1.73
C THR B 112 -25.77 -2.33 3.05
N TYR B 113 -26.30 -2.83 4.17
CA TYR B 113 -25.97 -2.39 5.52
C TYR B 113 -24.77 -3.11 6.10
N THR B 114 -24.07 -3.92 5.30
CA THR B 114 -22.88 -4.60 5.76
C THR B 114 -21.93 -4.73 4.59
N ASP B 115 -20.70 -5.09 4.90
CA ASP B 115 -19.71 -5.34 3.88
C ASP B 115 -19.24 -6.80 3.92
N ARG B 116 -19.87 -7.62 4.77
CA ARG B 116 -19.53 -9.03 4.91
C ARG B 116 -20.61 -9.86 4.22
N HIS B 117 -20.24 -10.49 3.12
CA HIS B 117 -21.16 -11.24 2.27
C HIS B 117 -20.78 -12.72 2.20
N GLY B 118 -20.06 -13.21 3.21
CA GLY B 118 -19.72 -14.61 3.27
C GLY B 118 -20.91 -15.46 3.66
N LEU B 119 -20.84 -16.74 3.26
CA LEU B 119 -21.95 -17.66 3.56
C LEU B 119 -22.18 -17.76 5.06
N LYS B 120 -21.10 -17.80 5.84
CA LYS B 120 -21.24 -17.95 7.29
C LYS B 120 -21.99 -16.77 7.88
N GLU B 121 -21.63 -15.56 7.47
CA GLU B 121 -22.29 -14.36 8.00
CA GLU B 121 -22.29 -14.36 8.00
C GLU B 121 -23.75 -14.30 7.56
N ILE B 122 -24.01 -14.67 6.31
CA ILE B 122 -25.37 -14.65 5.79
C ILE B 122 -26.26 -15.66 6.51
N CYS B 123 -25.77 -16.89 6.70
CA CYS B 123 -26.54 -17.88 7.45
C CYS B 123 -26.77 -17.43 8.88
N GLY B 124 -25.75 -16.84 9.50
CA GLY B 124 -25.92 -16.37 10.86
C GLY B 124 -26.99 -15.30 10.98
N GLU B 125 -26.97 -14.32 10.07
CA GLU B 125 -27.91 -13.20 10.15
C GLU B 125 -29.31 -13.62 9.71
N LEU B 126 -29.43 -14.21 8.52
CA LEU B 126 -30.74 -14.48 7.96
C LEU B 126 -31.43 -15.66 8.61
N LEU B 127 -30.69 -16.68 9.03
CA LEU B 127 -31.29 -17.92 9.50
C LEU B 127 -30.98 -18.28 10.94
N ASN B 128 -30.13 -17.51 11.63
CA ASN B 128 -29.64 -17.92 12.95
C ASN B 128 -29.10 -19.35 12.90
N VAL B 129 -28.38 -19.65 11.82
CA VAL B 129 -27.72 -20.92 11.61
C VAL B 129 -26.23 -20.69 11.68
N ASN B 130 -25.51 -21.51 12.43
CA ASN B 130 -24.07 -21.41 12.60
C ASN B 130 -23.39 -22.37 11.64
N ILE B 131 -22.69 -21.84 10.65
CA ILE B 131 -21.87 -22.63 9.75
C ILE B 131 -20.44 -22.62 10.28
N SER B 132 -19.83 -23.80 10.36
CA SER B 132 -18.42 -23.91 10.72
C SER B 132 -17.57 -24.08 9.46
N LYS B 133 -16.52 -23.28 9.34
CA LYS B 133 -15.62 -23.37 8.19
C LYS B 133 -14.40 -24.23 8.47
N GLN B 134 -14.39 -25.01 9.56
CA GLN B 134 -13.18 -25.70 9.97
C GLN B 134 -12.72 -26.75 8.95
N GLN B 135 -13.65 -27.44 8.31
CA GLN B 135 -13.26 -28.47 7.35
C GLN B 135 -12.96 -27.91 5.95
N GLN B 136 -13.15 -26.61 5.74
CA GLN B 136 -12.95 -26.02 4.42
C GLN B 136 -11.55 -26.31 3.88
N SER B 137 -10.53 -26.09 4.71
CA SER B 137 -9.14 -26.45 4.37
C SER B 137 -8.85 -27.84 4.92
N SER B 138 -9.17 -28.86 4.12
CA SER B 138 -8.86 -30.24 4.41
C SER B 138 -8.58 -30.93 3.09
N ASP B 139 -8.18 -32.21 3.16
CA ASP B 139 -7.83 -32.94 1.94
C ASP B 139 -9.13 -33.45 1.31
N TRP B 140 -9.69 -32.65 0.39
CA TRP B 140 -10.92 -33.06 -0.25
C TRP B 140 -10.73 -34.16 -1.28
N ALA B 141 -9.49 -34.48 -1.63
CA ALA B 141 -9.24 -35.57 -2.56
C ALA B 141 -9.04 -36.90 -1.86
N ALA B 142 -9.22 -36.96 -0.54
CA ALA B 142 -9.05 -38.20 0.19
C ALA B 142 -9.97 -39.29 -0.35
N GLU B 143 -9.47 -40.51 -0.38
CA GLU B 143 -10.28 -41.65 -0.82
C GLU B 143 -11.53 -41.80 0.04
N THR B 144 -11.39 -41.66 1.34
CA THR B 144 -12.53 -41.70 2.26
C THR B 144 -12.62 -40.35 2.96
N LEU B 145 -13.72 -39.64 2.72
CA LEU B 145 -13.98 -38.41 3.45
C LEU B 145 -14.38 -38.73 4.88
N SER B 146 -13.88 -37.91 5.83
CA SER B 146 -14.29 -38.03 7.21
C SER B 146 -15.74 -37.59 7.39
N ARG B 147 -16.34 -37.98 8.51
CA ARG B 147 -17.70 -37.55 8.80
C ARG B 147 -17.77 -36.04 8.95
N ALA B 148 -16.76 -35.44 9.59
CA ALA B 148 -16.70 -33.99 9.67
C ALA B 148 -16.71 -33.36 8.28
N GLN B 149 -15.90 -33.90 7.36
CA GLN B 149 -15.89 -33.39 5.99
C GLN B 149 -17.25 -33.54 5.33
N ILE B 150 -17.87 -34.71 5.49
CA ILE B 150 -19.13 -34.97 4.83
C ILE B 150 -20.22 -34.03 5.35
N GLU B 151 -20.24 -33.79 6.66
CA GLU B 151 -21.25 -32.91 7.23
C GLU B 151 -21.02 -31.46 6.82
N TYR B 152 -19.75 -31.03 6.74
CA TYR B 152 -19.46 -29.68 6.26
C TYR B 152 -19.90 -29.51 4.81
N ALA B 153 -19.54 -30.47 3.96
CA ALA B 153 -19.91 -30.37 2.55
C ALA B 153 -21.44 -30.28 2.41
N ALA B 154 -22.16 -31.08 3.18
CA ALA B 154 -23.62 -31.05 3.08
C ALA B 154 -24.20 -29.74 3.62
N SER B 155 -23.62 -29.20 4.69
CA SER B 155 -24.18 -27.99 5.28
C SER B 155 -24.08 -26.79 4.36
N ASP B 156 -23.17 -26.80 3.38
CA ASP B 156 -23.06 -25.70 2.44
C ASP B 156 -24.19 -25.65 1.40
N VAL B 157 -25.00 -26.71 1.27
CA VAL B 157 -26.16 -26.67 0.37
C VAL B 157 -27.49 -26.76 1.11
N LEU B 158 -27.50 -27.15 2.39
CA LEU B 158 -28.74 -27.36 3.13
C LEU B 158 -29.58 -26.10 3.28
N TYR B 159 -28.99 -24.92 3.15
CA TYR B 159 -29.70 -23.68 3.45
C TYR B 159 -29.89 -22.76 2.27
N LEU B 160 -29.37 -23.10 1.09
CA LEU B 160 -29.39 -22.15 -0.01
C LEU B 160 -30.80 -21.85 -0.50
N HIS B 161 -31.72 -22.82 -0.41
CA HIS B 161 -33.11 -22.58 -0.78
C HIS B 161 -33.73 -21.53 0.15
N ARG B 162 -33.55 -21.70 1.47
CA ARG B 162 -34.11 -20.71 2.38
C ARG B 162 -33.50 -19.35 2.16
N LEU B 163 -32.19 -19.32 1.87
CA LEU B 163 -31.54 -18.04 1.60
C LEU B 163 -32.10 -17.41 0.33
N LYS B 164 -32.26 -18.20 -0.73
CA LYS B 164 -32.78 -17.66 -1.99
C LYS B 164 -34.16 -17.04 -1.79
N ASP B 165 -35.03 -17.73 -1.05
CA ASP B 165 -36.36 -17.18 -0.77
C ASP B 165 -36.30 -15.82 -0.08
N ILE B 166 -35.42 -15.69 0.91
CA ILE B 166 -35.32 -14.41 1.62
C ILE B 166 -34.75 -13.33 0.70
N PHE B 167 -33.74 -13.67 -0.10
CA PHE B 167 -33.16 -12.66 -0.99
C PHE B 167 -34.15 -12.25 -2.08
N GLU B 168 -34.97 -13.18 -2.57
CA GLU B 168 -35.99 -12.82 -3.55
C GLU B 168 -36.96 -11.80 -2.96
N GLU B 169 -37.36 -12.00 -1.71
CA GLU B 169 -38.20 -11.02 -1.01
C GLU B 169 -37.52 -9.66 -0.96
N ARG B 170 -36.23 -9.62 -0.59
CA ARG B 170 -35.54 -8.34 -0.51
C ARG B 170 -35.37 -7.71 -1.88
N LEU B 171 -35.10 -8.52 -2.91
CA LEU B 171 -34.94 -7.98 -4.26
C LEU B 171 -36.24 -7.37 -4.75
N LYS B 172 -37.37 -7.98 -4.42
CA LYS B 172 -38.67 -7.41 -4.76
C LYS B 172 -38.93 -6.13 -3.99
N ARG B 173 -38.64 -6.14 -2.68
CA ARG B 173 -38.92 -4.98 -1.84
C ARG B 173 -38.13 -3.75 -2.30
N GLU B 174 -36.87 -3.95 -2.65
CA GLU B 174 -36.01 -2.87 -3.06
C GLU B 174 -36.03 -2.65 -4.58
N GLU B 175 -36.86 -3.41 -5.30
CA GLU B 175 -37.11 -3.19 -6.73
C GLU B 175 -35.84 -3.41 -7.55
N ARG B 176 -35.14 -4.50 -7.25
CA ARG B 176 -33.90 -4.80 -7.94
C ARG B 176 -33.94 -6.15 -8.63
N GLU B 177 -35.14 -6.65 -8.94
CA GLU B 177 -35.25 -7.99 -9.52
C GLU B 177 -34.60 -8.06 -10.89
N SER B 178 -34.83 -7.07 -11.74
CA SER B 178 -34.26 -7.15 -13.08
C SER B 178 -32.76 -6.94 -13.07
N VAL B 179 -32.25 -6.17 -12.10
CA VAL B 179 -30.82 -6.04 -11.89
C VAL B 179 -30.20 -7.38 -11.55
N ALA B 180 -30.78 -8.07 -10.56
CA ALA B 180 -30.25 -9.36 -10.16
C ALA B 180 -30.27 -10.36 -11.32
N LYS B 181 -31.37 -10.36 -12.07
CA LYS B 181 -31.51 -11.30 -13.18
C LYS B 181 -30.42 -11.10 -14.22
N ALA B 182 -30.12 -9.85 -14.57
CA ALA B 182 -29.04 -9.61 -15.52
C ALA B 182 -27.69 -10.05 -14.97
N CYS B 183 -27.44 -9.84 -13.67
CA CYS B 183 -26.19 -10.34 -13.07
C CYS B 183 -26.12 -11.86 -13.15
N PHE B 184 -27.22 -12.54 -12.85
CA PHE B 184 -27.23 -14.00 -12.94
C PHE B 184 -27.10 -14.47 -14.38
N GLN B 185 -27.66 -13.71 -15.33
CA GLN B 185 -27.54 -14.08 -16.74
CA GLN B 185 -27.54 -14.07 -16.75
C GLN B 185 -26.09 -13.99 -17.21
N PHE B 186 -25.34 -12.99 -16.73
CA PHE B 186 -23.94 -12.85 -17.11
C PHE B 186 -23.00 -13.75 -16.33
N LEU B 187 -23.38 -14.17 -15.12
CA LEU B 187 -22.48 -14.94 -14.26
C LEU B 187 -21.81 -16.12 -14.97
N PRO B 188 -22.50 -16.96 -15.73
CA PRO B 188 -21.78 -18.05 -16.41
C PRO B 188 -20.70 -17.55 -17.36
N MET B 189 -20.93 -16.44 -18.06
CA MET B 189 -19.86 -15.86 -18.88
C MET B 189 -18.73 -15.32 -18.02
N ARG B 190 -19.05 -14.74 -16.86
CA ARG B 190 -17.99 -14.29 -15.95
C ARG B 190 -17.11 -15.47 -15.53
N ALA B 191 -17.73 -16.65 -15.30
CA ALA B 191 -16.96 -17.85 -14.97
C ALA B 191 -16.17 -18.34 -16.18
N ASN B 192 -16.77 -18.28 -17.36
CA ASN B 192 -16.02 -18.66 -18.56
CA ASN B 192 -16.02 -18.65 -18.58
C ASN B 192 -14.82 -17.74 -18.77
N LEU B 193 -15.00 -16.44 -18.53
CA LEU B 193 -13.88 -15.51 -18.63
C LEU B 193 -12.76 -15.91 -17.67
N ASP B 194 -13.11 -16.38 -16.48
CA ASP B 194 -12.08 -16.85 -15.56
C ASP B 194 -11.32 -18.02 -16.16
N LEU B 195 -12.04 -18.99 -16.73
CA LEU B 195 -11.37 -20.14 -17.31
C LEU B 195 -10.49 -19.74 -18.48
N LEU B 196 -10.91 -18.75 -19.26
CA LEU B 196 -10.19 -18.36 -20.45
C LEU B 196 -8.92 -17.57 -20.15
N GLY B 197 -8.78 -17.00 -18.95
CA GLY B 197 -7.55 -16.31 -18.59
C GLY B 197 -7.74 -14.92 -18.00
N TRP B 198 -8.99 -14.51 -17.76
CA TRP B 198 -9.28 -13.18 -17.24
C TRP B 198 -9.71 -13.21 -15.77
N SER B 199 -9.26 -14.22 -15.00
CA SER B 199 -9.72 -14.35 -13.63
C SER B 199 -9.32 -13.17 -12.75
N GLU B 200 -8.26 -12.46 -13.08
CA GLU B 200 -7.82 -11.35 -12.25
C GLU B 200 -8.28 -9.99 -12.76
N ILE B 201 -9.14 -9.98 -13.79
CA ILE B 201 -9.50 -8.76 -14.49
C ILE B 201 -11.00 -8.53 -14.28
N ASP B 202 -11.36 -7.35 -13.76
CA ASP B 202 -12.75 -6.89 -13.85
C ASP B 202 -12.95 -6.38 -15.28
N ILE B 203 -13.67 -7.16 -16.10
CA ILE B 203 -13.74 -6.84 -17.52
C ILE B 203 -14.44 -5.51 -17.78
N PHE B 204 -15.25 -5.03 -16.83
CA PHE B 204 -16.00 -3.79 -17.00
C PHE B 204 -15.33 -2.57 -16.41
N ALA B 205 -14.14 -2.73 -15.80
CA ALA B 205 -13.49 -1.61 -15.15
C ALA B 205 -12.79 -0.72 -16.18
N HIS B 206 -12.61 0.54 -15.80
CA HIS B 206 -11.86 1.46 -16.65
C HIS B 206 -10.40 1.03 -16.76
N SER B 207 -9.81 0.58 -15.65
CA SER B 207 -8.46 0.05 -15.63
C SER B 207 -8.27 -0.82 -14.40
N THR C 3 2.20 -3.06 47.12
CA THR C 3 3.03 -2.09 46.42
C THR C 3 2.75 -0.66 46.89
N GLU C 4 3.75 -0.05 47.54
CA GLU C 4 3.57 1.31 48.05
C GLU C 4 3.71 2.31 46.91
N ILE C 5 2.70 3.17 46.75
CA ILE C 5 2.69 4.19 45.71
C ILE C 5 2.43 5.52 46.40
N ARG C 6 3.42 6.40 46.36
CA ARG C 6 3.31 7.74 46.94
C ARG C 6 2.83 8.71 45.85
N VAL C 7 1.68 9.33 46.06
CA VAL C 7 1.12 10.26 45.09
C VAL C 7 1.40 11.68 45.56
N HIS C 8 1.85 12.53 44.63
CA HIS C 8 2.19 13.90 44.96
C HIS C 8 1.53 14.88 43.99
N GLN C 9 1.37 16.11 44.45
CA GLN C 9 0.91 17.22 43.61
C GLN C 9 2.11 18.08 43.21
N GLY C 10 2.39 18.14 41.92
CA GLY C 10 3.38 19.07 41.35
C GLY C 10 4.84 18.64 41.34
N ASP C 11 5.34 18.06 42.43
CA ASP C 11 6.76 17.73 42.53
C ASP C 11 6.96 16.74 43.67
N LEU C 12 8.09 16.03 43.63
CA LEU C 12 8.53 15.29 44.81
C LEU C 12 8.69 16.27 45.97
N PRO C 13 8.41 15.84 47.20
CA PRO C 13 8.66 16.75 48.33
C PRO C 13 10.14 16.93 48.60
N ASN C 14 10.94 15.90 48.38
CA ASN C 14 12.39 15.93 48.57
C ASN C 14 12.98 14.82 47.74
N LEU C 15 14.32 14.70 47.77
CA LEU C 15 15.01 13.66 47.02
C LEU C 15 15.51 12.53 47.90
N ASP C 16 14.98 12.40 49.12
CA ASP C 16 15.49 11.42 50.09
C ASP C 16 15.50 10.00 49.53
N ASN C 17 14.53 9.65 48.68
CA ASN C 17 14.46 8.31 48.12
C ASN C 17 15.28 8.14 46.84
N TYR C 18 15.99 9.17 46.37
CA TYR C 18 16.64 9.11 45.07
C TYR C 18 18.10 9.51 45.14
N ARG C 19 18.78 9.16 46.24
CA ARG C 19 20.23 9.21 46.30
C ARG C 19 20.78 7.89 45.76
N ILE C 20 20.54 7.68 44.46
CA ILE C 20 20.78 6.39 43.80
C ILE C 20 21.45 6.64 42.44
N ASP C 21 21.96 5.55 41.86
CA ASP C 21 22.72 5.62 40.62
C ASP C 21 21.84 5.72 39.39
N ALA C 22 20.60 5.26 39.49
CA ALA C 22 19.72 5.15 38.33
C ALA C 22 18.30 5.22 38.82
N VAL C 23 17.46 5.97 38.08
CA VAL C 23 16.05 6.15 38.42
C VAL C 23 15.20 5.78 37.22
N ALA C 24 14.11 5.06 37.47
CA ALA C 24 13.14 4.69 36.46
C ALA C 24 12.12 5.81 36.31
N VAL C 25 11.87 6.24 35.05
CA VAL C 25 11.03 7.39 34.75
C VAL C 25 9.98 7.00 33.71
N ASP C 26 8.75 7.51 33.90
CA ASP C 26 7.73 7.39 32.89
C ASP C 26 6.83 8.61 33.00
N THR C 27 6.04 8.88 31.96
CA THR C 27 5.09 9.99 32.01
C THR C 27 3.74 9.54 31.45
N GLU C 28 2.69 10.26 31.88
CA GLU C 28 1.39 10.21 31.24
C GLU C 28 1.01 11.61 30.78
N THR C 29 0.30 11.66 29.66
CA THR C 29 -0.01 12.91 28.96
C THR C 29 -1.43 12.81 28.40
N LEU C 30 -1.87 13.88 27.75
CA LEU C 30 -3.13 13.83 27.01
C LEU C 30 -2.94 13.34 25.58
N GLY C 31 -1.72 12.93 25.20
CA GLY C 31 -1.53 12.37 23.88
C GLY C 31 -0.08 12.42 23.46
N LEU C 32 0.15 12.11 22.19
CA LEU C 32 1.52 11.89 21.71
C LEU C 32 2.13 13.11 21.04
N GLN C 33 1.47 14.26 21.09
CA GLN C 33 1.97 15.47 20.46
C GLN C 33 2.29 16.51 21.52
N PRO C 34 3.57 16.66 21.89
CA PRO C 34 3.93 17.53 23.02
C PRO C 34 3.49 18.99 22.86
N HIS C 35 3.46 19.52 21.63
CA HIS C 35 3.03 20.90 21.48
C HIS C 35 1.54 21.08 21.76
N ARG C 36 0.75 20.01 21.70
CA ARG C 36 -0.69 20.09 21.94
C ARG C 36 -1.11 19.44 23.25
N ASP C 37 -0.50 18.30 23.59
CA ASP C 37 -0.97 17.38 24.62
C ASP C 37 -0.09 17.52 25.85
N ARG C 38 -0.66 18.00 26.96
CA ARG C 38 0.17 18.40 28.09
C ARG C 38 0.65 17.21 28.91
N LEU C 39 1.79 17.42 29.57
CA LEU C 39 2.24 16.51 30.61
C LEU C 39 1.27 16.55 31.78
N CYS C 40 0.81 15.37 32.20
CA CYS C 40 -0.16 15.23 33.29
C CYS C 40 0.40 14.51 34.49
N VAL C 41 1.25 13.51 34.29
CA VAL C 41 1.79 12.68 35.36
C VAL C 41 3.25 12.38 35.06
N VAL C 42 4.08 12.40 36.10
CA VAL C 42 5.43 11.85 36.03
C VAL C 42 5.55 10.76 37.10
N GLN C 43 6.07 9.60 36.72
CA GLN C 43 6.24 8.50 37.65
C GLN C 43 7.72 8.20 37.77
N LEU C 44 8.13 7.85 38.99
CA LEU C 44 9.51 7.56 39.31
C LEU C 44 9.57 6.30 40.16
N SER C 45 10.62 5.51 39.99
CA SER C 45 10.92 4.46 40.95
C SER C 45 12.41 4.34 41.14
N SER C 46 12.80 3.99 42.36
CA SER C 46 14.20 3.77 42.68
C SER C 46 14.61 2.33 42.44
N GLY C 47 13.67 1.47 42.11
CA GLY C 47 13.93 0.05 41.98
C GLY C 47 13.61 -0.77 43.22
N ASP C 48 13.16 -0.14 44.30
CA ASP C 48 12.91 -0.85 45.55
C ASP C 48 11.51 -1.45 45.62
N GLY C 49 10.78 -1.49 44.50
CA GLY C 49 9.42 -1.98 44.50
C GLY C 49 8.37 -0.96 44.89
N THR C 50 8.75 0.30 45.08
CA THR C 50 7.82 1.38 45.38
C THR C 50 7.89 2.39 44.24
N ALA C 51 6.88 3.25 44.17
CA ALA C 51 6.86 4.25 43.12
C ALA C 51 6.32 5.57 43.66
N ASP C 52 6.76 6.66 43.03
CA ASP C 52 6.21 7.98 43.24
C ASP C 52 5.45 8.40 42.00
N VAL C 53 4.22 8.84 42.19
CA VAL C 53 3.38 9.29 41.09
C VAL C 53 3.07 10.77 41.34
N ILE C 54 3.48 11.63 40.40
CA ILE C 54 3.45 13.07 40.57
C ILE C 54 2.46 13.65 39.56
N GLN C 55 1.38 14.23 40.06
CA GLN C 55 0.43 14.90 39.19
C GLN C 55 0.97 16.26 38.79
N ILE C 56 1.01 16.51 37.49
CA ILE C 56 1.47 17.78 36.94
C ILE C 56 0.26 18.61 36.57
N ALA C 57 0.21 19.85 37.06
CA ALA C 57 -0.95 20.70 36.81
C ALA C 57 -0.86 21.31 35.41
N LYS C 58 -2.03 21.66 34.88
CA LYS C 58 -2.07 22.41 33.63
C LYS C 58 -1.35 23.74 33.83
N GLY C 59 -0.47 24.09 32.88
CA GLY C 59 0.25 25.33 32.99
C GLY C 59 1.46 25.29 33.90
N GLN C 60 1.76 24.15 34.51
CA GLN C 60 2.88 24.07 35.45
C GLN C 60 4.21 24.15 34.71
N LYS C 61 5.05 25.09 35.11
CA LYS C 61 6.31 25.37 34.43
C LYS C 61 7.54 24.87 35.17
N SER C 62 7.42 24.48 36.44
CA SER C 62 8.58 23.99 37.17
C SER C 62 8.22 22.80 38.05
N ALA C 63 9.21 21.93 38.24
CA ALA C 63 9.15 20.85 39.23
C ALA C 63 10.56 20.65 39.73
N PRO C 64 11.00 21.48 40.69
CA PRO C 64 12.45 21.59 40.96
C PRO C 64 13.14 20.28 41.34
N ASN C 65 12.54 19.50 42.23
CA ASN C 65 13.20 18.27 42.68
C ASN C 65 13.26 17.24 41.55
N LEU C 66 12.15 17.05 40.84
CA LEU C 66 12.17 16.16 39.69
C LEU C 66 13.22 16.59 38.68
N VAL C 67 13.27 17.89 38.36
CA VAL C 67 14.19 18.38 37.34
C VAL C 67 15.65 18.27 37.82
N ARG C 68 15.91 18.46 39.12
CA ARG C 68 17.22 18.17 39.68
C ARG C 68 17.66 16.75 39.33
N LEU C 69 16.75 15.79 39.50
CA LEU C 69 17.05 14.41 39.11
C LEU C 69 17.30 14.31 37.62
N LEU C 70 16.45 14.95 36.82
CA LEU C 70 16.59 14.83 35.37
C LEU C 70 17.90 15.43 34.88
N SER C 71 18.40 16.47 35.56
CA SER C 71 19.59 17.20 35.16
C SER C 71 20.88 16.59 35.68
N ASP C 72 20.81 15.60 36.57
CA ASP C 72 21.97 15.11 37.32
C ASP C 72 22.71 14.08 36.46
N ARG C 73 23.89 14.45 35.97
CA ARG C 73 24.62 13.55 35.09
C ARG C 73 25.16 12.31 35.80
N ASP C 74 25.18 12.29 37.12
CA ASP C 74 25.60 11.08 37.83
C ASP C 74 24.47 10.07 38.01
N ILE C 75 23.25 10.36 37.58
CA ILE C 75 22.12 9.45 37.76
C ILE C 75 21.58 9.10 36.38
N THR C 76 21.56 7.82 36.06
CA THR C 76 21.02 7.40 34.79
C THR C 76 19.50 7.34 34.87
N LYS C 77 18.83 8.00 33.93
CA LYS C 77 17.38 7.94 33.82
C LYS C 77 16.98 6.78 32.90
N ILE C 78 16.26 5.81 33.44
CA ILE C 78 15.80 4.65 32.68
C ILE C 78 14.39 4.91 32.17
N PHE C 79 14.18 4.74 30.88
CA PHE C 79 12.85 4.85 30.27
C PHE C 79 12.57 3.61 29.43
N HIS C 80 11.30 3.35 29.16
CA HIS C 80 10.92 2.51 28.04
C HIS C 80 10.40 3.41 26.92
N PHE C 81 11.12 3.43 25.80
CA PHE C 81 10.91 4.37 24.69
C PHE C 81 11.01 5.82 25.20
N GLY C 82 12.20 6.14 25.71
CA GLY C 82 12.45 7.47 26.24
C GLY C 82 12.39 8.57 25.21
N ARG C 83 12.52 8.25 23.92
CA ARG C 83 12.31 9.23 22.87
C ARG C 83 11.07 10.06 23.17
N PHE C 84 9.99 9.41 23.61
CA PHE C 84 8.79 10.18 23.89
C PHE C 84 8.91 10.96 25.21
N ASP C 85 9.29 10.28 26.30
CA ASP C 85 9.29 10.95 27.61
C ASP C 85 10.27 12.11 27.62
N LEU C 86 11.41 11.94 26.98
CA LEU C 86 12.40 13.02 26.91
C LEU C 86 11.80 14.24 26.21
N ALA C 87 11.06 14.03 25.12
CA ALA C 87 10.45 15.15 24.41
C ALA C 87 9.49 15.92 25.32
N ILE C 88 8.53 15.23 25.93
CA ILE C 88 7.49 15.95 26.68
C ILE C 88 8.08 16.56 27.95
N LEU C 89 9.04 15.89 28.59
CA LEU C 89 9.68 16.48 29.77
C LEU C 89 10.44 17.74 29.39
N ALA C 90 11.23 17.70 28.32
CA ALA C 90 12.01 18.87 27.95
C ALA C 90 11.11 20.00 27.49
N HIS C 91 10.05 19.67 26.76
CA HIS C 91 9.09 20.70 26.35
C HIS C 91 8.45 21.37 27.55
N THR C 92 8.17 20.59 28.59
CA THR C 92 7.38 21.13 29.72
C THR C 92 8.25 21.94 30.67
N PHE C 93 9.41 21.42 31.04
CA PHE C 93 10.25 22.04 32.05
C PHE C 93 11.55 22.61 31.50
N GLY C 94 11.80 22.47 30.20
CA GLY C 94 12.89 23.16 29.55
C GLY C 94 14.25 22.52 29.71
N VAL C 95 14.34 21.34 30.28
CA VAL C 95 15.62 20.66 30.51
C VAL C 95 15.58 19.30 29.83
N MET C 96 16.56 19.04 28.97
CA MET C 96 16.64 17.76 28.29
C MET C 96 17.56 16.85 29.09
N PRO C 97 17.06 15.77 29.70
CA PRO C 97 17.94 14.81 30.35
C PRO C 97 18.97 14.25 29.35
N ASP C 98 20.22 14.12 29.78
CA ASP C 98 21.26 13.71 28.85
C ASP C 98 22.00 12.44 29.24
N VAL C 99 21.66 11.80 30.35
CA VAL C 99 22.26 10.51 30.72
C VAL C 99 21.10 9.53 30.89
N VAL C 100 20.91 8.64 29.91
CA VAL C 100 19.69 7.84 29.85
C VAL C 100 19.99 6.41 29.45
N PHE C 101 19.02 5.54 29.71
CA PHE C 101 18.99 4.17 29.24
C PHE C 101 17.56 3.89 28.79
N CYS C 102 17.39 3.33 27.59
CA CYS C 102 16.08 3.05 27.03
C CYS C 102 15.91 1.56 26.83
N THR C 103 14.88 0.98 27.43
CA THR C 103 14.68 -0.45 27.34
C THR C 103 14.12 -0.87 25.99
N LYS C 104 13.51 0.06 25.25
CA LYS C 104 13.07 -0.30 23.90
C LYS C 104 14.25 -0.37 22.95
N ILE C 105 15.15 0.62 23.01
CA ILE C 105 16.37 0.54 22.21
C ILE C 105 17.20 -0.67 22.61
N ALA C 106 17.31 -0.94 23.92
CA ALA C 106 18.06 -2.12 24.35
C ALA C 106 17.43 -3.40 23.82
N SER C 107 16.10 -3.48 23.84
CA SER C 107 15.42 -4.65 23.31
C SER C 107 15.72 -4.83 21.82
N LYS C 108 15.69 -3.73 21.06
CA LYS C 108 15.94 -3.80 19.62
C LYS C 108 17.36 -4.23 19.31
N LEU C 109 18.29 -4.01 20.24
CA LEU C 109 19.69 -4.41 20.10
C LEU C 109 19.97 -5.81 20.62
N THR C 110 19.01 -6.43 21.32
CA THR C 110 19.30 -7.71 21.96
C THR C 110 18.22 -8.76 21.71
N ARG C 111 16.95 -8.37 21.68
CA ARG C 111 15.88 -9.34 21.42
C ARG C 111 15.63 -9.45 19.92
N THR C 112 16.68 -9.90 19.24
CA THR C 112 16.68 -10.02 17.79
C THR C 112 15.85 -11.20 17.31
N TYR C 113 15.43 -12.05 18.24
CA TYR C 113 14.61 -13.21 17.95
C TYR C 113 13.12 -12.90 17.95
N THR C 114 12.75 -11.62 17.99
CA THR C 114 11.36 -11.21 17.95
C THR C 114 11.29 -9.86 17.27
N ASP C 115 10.08 -9.48 16.89
CA ASP C 115 9.82 -8.16 16.35
C ASP C 115 8.93 -7.34 17.27
N ARG C 116 8.56 -7.89 18.42
CA ARG C 116 7.69 -7.23 19.39
CA ARG C 116 7.69 -7.21 19.38
C ARG C 116 8.56 -6.66 20.51
N HIS C 117 8.67 -5.34 20.59
CA HIS C 117 9.52 -4.67 21.56
C HIS C 117 8.74 -3.77 22.51
N GLY C 118 7.47 -4.06 22.72
CA GLY C 118 6.69 -3.26 23.65
C GLY C 118 6.92 -3.65 25.10
N LEU C 119 6.53 -2.76 26.02
CA LEU C 119 6.87 -3.00 27.42
C LEU C 119 6.16 -4.23 27.95
N LYS C 120 4.91 -4.44 27.55
CA LYS C 120 4.17 -5.60 28.03
C LYS C 120 4.86 -6.89 27.60
N GLU C 121 5.26 -6.96 26.33
CA GLU C 121 5.92 -8.16 25.84
CA GLU C 121 5.94 -8.15 25.83
C GLU C 121 7.26 -8.37 26.54
N ILE C 122 8.01 -7.30 26.77
CA ILE C 122 9.32 -7.44 27.41
C ILE C 122 9.17 -7.86 28.87
N CYS C 123 8.20 -7.29 29.58
CA CYS C 123 8.00 -7.67 30.98
C CYS C 123 7.57 -9.12 31.09
N GLY C 124 6.69 -9.56 30.19
CA GLY C 124 6.23 -10.95 30.25
C GLY C 124 7.35 -11.92 29.96
N GLU C 125 8.16 -11.64 28.95
CA GLU C 125 9.24 -12.56 28.58
C GLU C 125 10.37 -12.55 29.60
N LEU C 126 10.88 -11.35 29.94
CA LEU C 126 12.08 -11.28 30.77
C LEU C 126 11.79 -11.49 32.24
N LEU C 127 10.60 -11.11 32.72
CA LEU C 127 10.32 -11.13 34.15
C LEU C 127 9.12 -11.99 34.52
N ASN C 128 8.40 -12.55 33.54
CA ASN C 128 7.12 -13.20 33.78
C ASN C 128 6.19 -12.28 34.58
N VAL C 129 6.14 -11.02 34.18
CA VAL C 129 5.32 -10.00 34.83
C VAL C 129 4.28 -9.54 33.82
N ASN C 130 3.01 -9.53 34.23
CA ASN C 130 1.92 -9.15 33.34
C ASN C 130 1.62 -7.66 33.52
N ILE C 131 1.88 -6.88 32.48
CA ILE C 131 1.53 -5.46 32.44
C ILE C 131 0.19 -5.32 31.72
N SER C 132 -0.73 -4.54 32.29
CA SER C 132 -2.00 -4.23 31.64
C SER C 132 -1.93 -2.83 31.05
N LYS C 133 -2.39 -2.68 29.80
CA LYS C 133 -2.41 -1.39 29.14
C LYS C 133 -3.82 -0.78 29.11
N GLN C 134 -4.75 -1.33 29.91
CA GLN C 134 -6.14 -0.91 29.82
C GLN C 134 -6.32 0.57 30.17
N GLN C 135 -5.54 1.07 31.13
CA GLN C 135 -5.64 2.46 31.57
C GLN C 135 -4.82 3.42 30.71
N GLN C 136 -4.05 2.92 29.75
CA GLN C 136 -3.23 3.79 28.93
C GLN C 136 -4.04 4.89 28.27
N SER C 137 -5.20 4.55 27.73
CA SER C 137 -6.11 5.51 27.12
C SER C 137 -7.18 5.88 28.15
N SER C 138 -6.87 6.87 28.97
CA SER C 138 -7.79 7.42 29.95
C SER C 138 -7.50 8.92 30.09
N ASP C 139 -8.35 9.60 30.85
CA ASP C 139 -8.18 11.04 31.04
C ASP C 139 -7.13 11.27 32.12
N TRP C 140 -5.88 11.42 31.67
CA TRP C 140 -4.77 11.65 32.57
C TRP C 140 -4.73 13.07 33.13
N ALA C 141 -5.54 13.98 32.59
CA ALA C 141 -5.63 15.33 33.14
C ALA C 141 -6.71 15.45 34.19
N ALA C 142 -7.36 14.34 34.55
CA ALA C 142 -8.40 14.38 35.57
C ALA C 142 -7.83 14.93 36.87
N GLU C 143 -8.66 15.70 37.58
CA GLU C 143 -8.23 16.30 38.84
C GLU C 143 -7.82 15.23 39.85
N THR C 144 -8.64 14.19 40.01
CA THR C 144 -8.31 13.05 40.85
C THR C 144 -8.15 11.83 39.96
N LEU C 145 -6.94 11.28 39.96
CA LEU C 145 -6.69 10.04 39.21
C LEU C 145 -7.40 8.88 39.89
N SER C 146 -7.93 7.96 39.09
CA SER C 146 -8.54 6.77 39.64
C SER C 146 -7.49 5.86 40.27
N ARG C 147 -7.94 4.96 41.14
CA ARG C 147 -7.03 3.97 41.70
C ARG C 147 -6.39 3.14 40.59
N ALA C 148 -7.18 2.78 39.58
CA ALA C 148 -6.66 2.03 38.43
C ALA C 148 -5.58 2.81 37.71
N GLN C 149 -5.84 4.10 37.46
CA GLN C 149 -4.84 4.95 36.82
C GLN C 149 -3.55 5.01 37.64
N ILE C 150 -3.68 5.14 38.96
CA ILE C 150 -2.50 5.26 39.81
C ILE C 150 -1.66 3.98 39.76
N GLU C 151 -2.33 2.83 39.85
CA GLU C 151 -1.63 1.55 39.79
C GLU C 151 -0.99 1.33 38.41
N TYR C 152 -1.72 1.68 37.35
CA TYR C 152 -1.14 1.58 36.01
C TYR C 152 0.12 2.42 35.91
N ALA C 153 0.04 3.67 36.35
CA ALA C 153 1.17 4.58 36.19
C ALA C 153 2.39 4.07 36.94
N ALA C 154 2.19 3.54 38.14
CA ALA C 154 3.30 3.01 38.92
C ALA C 154 3.91 1.77 38.28
N SER C 155 3.07 0.90 37.71
CA SER C 155 3.57 -0.34 37.14
C SER C 155 4.51 -0.10 35.97
N ASP C 156 4.41 1.06 35.30
CA ASP C 156 5.29 1.36 34.18
C ASP C 156 6.71 1.73 34.61
N VAL C 157 6.96 2.00 35.89
CA VAL C 157 8.32 2.25 36.37
C VAL C 157 8.81 1.20 37.35
N LEU C 158 7.94 0.32 37.84
CA LEU C 158 8.34 -0.63 38.89
C LEU C 158 9.35 -1.66 38.39
N TYR C 159 9.44 -1.88 37.09
CA TYR C 159 10.23 -2.99 36.57
C TYR C 159 11.42 -2.58 35.74
N LEU C 160 11.65 -1.28 35.54
CA LEU C 160 12.64 -0.88 34.55
C LEU C 160 14.07 -1.15 35.01
N HIS C 161 14.34 -1.09 36.33
CA HIS C 161 15.66 -1.47 36.83
C HIS C 161 15.95 -2.93 36.54
N ARG C 162 14.96 -3.80 36.77
CA ARG C 162 15.16 -5.23 36.54
C ARG C 162 15.37 -5.50 35.05
N LEU C 163 14.66 -4.79 34.19
CA LEU C 163 14.85 -4.96 32.75
C LEU C 163 16.24 -4.49 32.34
N LYS C 164 16.65 -3.32 32.85
CA LYS C 164 17.96 -2.78 32.50
C LYS C 164 19.08 -3.74 32.88
N ASP C 165 18.97 -4.36 34.06
CA ASP C 165 20.00 -5.33 34.48
C ASP C 165 20.09 -6.49 33.49
N ILE C 166 18.96 -7.05 33.08
CA ILE C 166 18.99 -8.13 32.10
C ILE C 166 19.54 -7.63 30.77
N PHE C 167 19.05 -6.48 30.30
CA PHE C 167 19.52 -5.96 29.02
C PHE C 167 21.02 -5.68 29.02
N GLU C 168 21.55 -5.16 30.13
CA GLU C 168 22.99 -4.94 30.18
C GLU C 168 23.76 -6.26 30.08
N GLU C 169 23.21 -7.32 30.68
CA GLU C 169 23.84 -8.63 30.53
C GLU C 169 23.82 -9.09 29.09
N ARG C 170 22.70 -8.89 28.39
CA ARG C 170 22.64 -9.29 26.99
C ARG C 170 23.58 -8.45 26.14
N LEU C 171 23.66 -7.15 26.42
CA LEU C 171 24.51 -6.26 25.64
C LEU C 171 25.98 -6.64 25.80
N LYS C 172 26.36 -7.00 27.02
CA LYS C 172 27.73 -7.50 27.24
C LYS C 172 27.94 -8.82 26.51
N ARG C 173 26.98 -9.72 26.60
CA ARG C 173 27.16 -11.05 26.02
C ARG C 173 27.34 -10.95 24.50
N GLU C 174 26.55 -10.12 23.85
CA GLU C 174 26.60 -9.98 22.41
C GLU C 174 27.59 -8.91 21.95
N GLU C 175 28.31 -8.29 22.90
CA GLU C 175 29.37 -7.33 22.61
C GLU C 175 28.84 -6.08 21.89
N ARG C 176 27.74 -5.53 22.43
CA ARG C 176 27.10 -4.36 21.83
C ARG C 176 27.01 -3.20 22.81
N GLU C 177 27.87 -3.18 23.83
CA GLU C 177 27.75 -2.15 24.85
C GLU C 177 28.06 -0.77 24.28
N SER C 178 29.08 -0.65 23.43
CA SER C 178 29.40 0.66 22.91
C SER C 178 28.37 1.12 21.88
N VAL C 179 27.76 0.17 21.15
CA VAL C 179 26.67 0.54 20.25
C VAL C 179 25.51 1.15 21.02
N ALA C 180 25.07 0.45 22.07
CA ALA C 180 23.96 0.95 22.88
C ALA C 180 24.29 2.31 23.47
N LYS C 181 25.50 2.47 24.01
CA LYS C 181 25.88 3.73 24.64
C LYS C 181 25.79 4.89 23.65
N ALA C 182 26.24 4.69 22.41
CA ALA C 182 26.11 5.74 21.41
C ALA C 182 24.64 6.02 21.08
N CYS C 183 23.80 4.97 21.01
CA CYS C 183 22.37 5.21 20.80
C CYS C 183 21.79 6.01 21.96
N PHE C 184 22.16 5.66 23.19
CA PHE C 184 21.61 6.39 24.34
C PHE C 184 22.11 7.83 24.35
N GLN C 185 23.38 8.04 23.94
CA GLN C 185 23.93 9.39 23.91
CA GLN C 185 23.90 9.40 23.94
C GLN C 185 23.21 10.27 22.90
N PHE C 186 22.79 9.69 21.77
CA PHE C 186 22.10 10.48 20.76
C PHE C 186 20.61 10.67 21.08
N LEU C 187 20.02 9.76 21.86
CA LEU C 187 18.57 9.79 22.09
C LEU C 187 18.01 11.12 22.57
N PRO C 188 18.66 11.87 23.48
CA PRO C 188 18.12 13.21 23.79
C PRO C 188 18.06 14.13 22.59
N MET C 189 19.07 14.10 21.71
CA MET C 189 18.98 14.89 20.49
C MET C 189 17.90 14.39 19.54
N ARG C 190 17.68 13.07 19.49
CA ARG C 190 16.56 12.55 18.72
C ARG C 190 15.24 13.14 19.22
N ALA C 191 15.10 13.23 20.55
CA ALA C 191 13.89 13.79 21.13
C ALA C 191 13.80 15.29 20.84
N ASN C 192 14.95 15.98 20.87
CA ASN C 192 14.98 17.39 20.47
C ASN C 192 14.54 17.57 19.02
N LEU C 193 15.04 16.71 18.13
CA LEU C 193 14.64 16.75 16.72
C LEU C 193 13.13 16.68 16.59
N ASP C 194 12.51 15.78 17.38
CA ASP C 194 11.06 15.65 17.38
C ASP C 194 10.40 16.98 17.73
N LEU C 195 10.89 17.63 18.78
CA LEU C 195 10.26 18.87 19.21
C LEU C 195 10.46 19.98 18.20
N LEU C 196 11.58 19.98 17.49
CA LEU C 196 11.89 21.05 16.57
C LEU C 196 11.15 20.92 15.24
N GLY C 197 10.53 19.77 14.98
CA GLY C 197 9.74 19.62 13.77
C GLY C 197 10.06 18.40 12.92
N TRP C 198 11.01 17.56 13.36
CA TRP C 198 11.41 16.40 12.55
C TRP C 198 10.85 15.08 13.08
N SER C 199 9.72 15.11 13.81
CA SER C 199 9.27 13.89 14.48
C SER C 199 8.88 12.78 13.50
N GLU C 200 8.52 13.11 12.26
CA GLU C 200 8.17 12.09 11.29
C GLU C 200 9.33 11.74 10.36
N ILE C 201 10.53 12.21 10.64
CA ILE C 201 11.67 12.06 9.74
C ILE C 201 12.73 11.22 10.44
N ASP C 202 13.17 10.14 9.78
CA ASP C 202 14.41 9.46 10.17
C ASP C 202 15.55 10.27 9.60
N ILE C 203 16.24 11.01 10.47
CA ILE C 203 17.23 11.96 10.01
C ILE C 203 18.41 11.26 9.32
N PHE C 204 18.60 9.97 9.58
CA PHE C 204 19.71 9.22 9.01
C PHE C 204 19.34 8.45 7.76
N ALA C 205 18.09 8.52 7.33
CA ALA C 205 17.67 7.77 6.16
C ALA C 205 18.15 8.45 4.89
N HIS C 206 18.34 7.65 3.84
CA HIS C 206 18.58 8.18 2.51
C HIS C 206 17.43 9.07 2.07
N SER C 207 16.21 8.62 2.31
CA SER C 207 15.01 9.38 1.96
C SER C 207 13.81 8.82 2.69
N THR D 3 21.04 -5.12 -41.72
CA THR D 3 20.83 -6.32 -40.92
C THR D 3 20.07 -7.39 -41.70
N GLU D 4 20.73 -8.50 -41.97
CA GLU D 4 20.10 -9.61 -42.66
C GLU D 4 19.17 -10.35 -41.71
N ILE D 5 17.88 -10.32 -42.01
CA ILE D 5 16.87 -10.99 -41.21
C ILE D 5 16.16 -11.97 -42.13
N ARG D 6 16.26 -13.26 -41.81
CA ARG D 6 15.60 -14.29 -42.60
C ARG D 6 14.25 -14.60 -41.96
N VAL D 7 13.17 -14.35 -42.69
CA VAL D 7 11.81 -14.54 -42.20
C VAL D 7 11.26 -15.86 -42.76
N HIS D 8 10.74 -16.71 -41.88
CA HIS D 8 10.28 -18.04 -42.26
C HIS D 8 8.87 -18.28 -41.77
N GLN D 9 8.18 -19.20 -42.44
CA GLN D 9 6.87 -19.68 -42.03
C GLN D 9 7.02 -21.01 -41.33
N GLY D 10 6.59 -21.09 -40.07
CA GLY D 10 6.50 -22.40 -39.42
C GLY D 10 7.75 -22.97 -38.79
N ASP D 11 8.86 -23.00 -39.53
CA ASP D 11 10.08 -23.63 -39.02
C ASP D 11 11.26 -23.04 -39.77
N LEU D 12 12.45 -23.20 -39.19
CA LEU D 12 13.67 -23.05 -39.98
C LEU D 12 13.61 -24.01 -41.16
N PRO D 13 14.12 -23.62 -42.33
CA PRO D 13 14.17 -24.58 -43.44
C PRO D 13 15.21 -25.67 -43.22
N ASN D 14 16.22 -25.43 -42.40
CA ASN D 14 17.27 -26.40 -42.10
C ASN D 14 18.12 -25.82 -40.98
N LEU D 15 19.09 -26.60 -40.50
CA LEU D 15 19.94 -26.17 -39.40
C LEU D 15 21.32 -25.73 -39.85
N ASP D 16 21.48 -25.37 -41.13
CA ASP D 16 22.81 -25.09 -41.66
C ASP D 16 23.47 -23.91 -40.95
N ASN D 17 22.70 -22.96 -40.42
CA ASN D 17 23.28 -21.83 -39.71
C ASN D 17 23.41 -22.06 -38.22
N TYR D 18 23.06 -23.24 -37.73
CA TYR D 18 22.99 -23.47 -36.29
C TYR D 18 23.80 -24.70 -35.90
N ARG D 19 24.91 -24.94 -36.58
CA ARG D 19 25.93 -25.87 -36.13
C ARG D 19 26.90 -25.13 -35.20
N ILE D 20 26.40 -24.80 -34.01
CA ILE D 20 27.10 -23.94 -33.07
C ILE D 20 26.86 -24.46 -31.65
N ASP D 21 27.68 -23.98 -30.71
CA ASP D 21 27.58 -24.40 -29.32
CA ASP D 21 27.60 -24.38 -29.31
C ASP D 21 26.55 -23.62 -28.51
N ALA D 22 26.05 -22.50 -29.02
CA ALA D 22 25.08 -21.70 -28.28
C ALA D 22 24.23 -20.90 -29.25
N VAL D 23 22.92 -20.82 -28.98
CA VAL D 23 21.98 -20.12 -29.85
C VAL D 23 21.15 -19.14 -29.04
N ALA D 24 20.99 -17.93 -29.58
CA ALA D 24 20.15 -16.91 -28.96
C ALA D 24 18.71 -17.11 -29.41
N VAL D 25 17.79 -17.08 -28.45
CA VAL D 25 16.39 -17.43 -28.65
C VAL D 25 15.51 -16.36 -28.02
N ASP D 26 14.40 -16.03 -28.68
CA ASP D 26 13.39 -15.17 -28.11
C ASP D 26 12.06 -15.54 -28.76
N THR D 27 10.95 -15.08 -28.16
CA THR D 27 9.63 -15.36 -28.70
C THR D 27 8.76 -14.11 -28.64
N GLU D 28 7.77 -14.05 -29.54
CA GLU D 28 6.69 -13.08 -29.45
C GLU D 28 5.37 -13.84 -29.39
N THR D 29 4.41 -13.28 -28.65
CA THR D 29 3.16 -13.96 -28.32
C THR D 29 2.03 -12.94 -28.37
N LEU D 30 0.80 -13.42 -28.15
CA LEU D 30 -0.31 -12.50 -27.92
C LEU D 30 -0.43 -12.06 -26.47
N GLY D 31 0.52 -12.44 -25.61
CA GLY D 31 0.53 -11.94 -24.25
C GLY D 31 1.28 -12.87 -23.32
N LEU D 32 1.12 -12.61 -22.03
CA LEU D 32 2.00 -13.23 -21.03
C LEU D 32 1.42 -14.51 -20.44
N GLN D 33 0.26 -14.97 -20.89
CA GLN D 33 -0.37 -16.13 -20.28
C GLN D 33 -0.37 -17.28 -21.28
N PRO D 34 0.54 -18.25 -21.15
CA PRO D 34 0.72 -19.24 -22.22
C PRO D 34 -0.49 -20.12 -22.44
N HIS D 35 -1.38 -20.29 -21.45
CA HIS D 35 -2.58 -21.07 -21.72
C HIS D 35 -3.61 -20.32 -22.57
N ARG D 36 -3.56 -19.00 -22.59
CA ARG D 36 -4.48 -18.18 -23.38
C ARG D 36 -3.83 -17.58 -24.62
N ASP D 37 -2.55 -17.20 -24.52
CA ASP D 37 -1.89 -16.32 -25.47
C ASP D 37 -0.89 -17.13 -26.29
N ARG D 38 -1.20 -17.32 -27.57
CA ARG D 38 -0.46 -18.27 -28.37
C ARG D 38 0.93 -17.75 -28.74
N LEU D 39 1.84 -18.68 -28.96
CA LEU D 39 3.13 -18.37 -29.54
C LEU D 39 2.94 -17.90 -30.97
N CYS D 40 3.49 -16.72 -31.30
CA CYS D 40 3.33 -16.11 -32.61
C CYS D 40 4.61 -16.05 -33.44
N VAL D 41 5.75 -15.80 -32.81
CA VAL D 41 7.02 -15.69 -33.51
C VAL D 41 8.08 -16.33 -32.64
N VAL D 42 9.00 -17.07 -33.26
CA VAL D 42 10.24 -17.47 -32.60
C VAL D 42 11.40 -16.84 -33.35
N GLN D 43 12.35 -16.27 -32.61
CA GLN D 43 13.52 -15.66 -33.21
C GLN D 43 14.78 -16.37 -32.74
N LEU D 44 15.75 -16.48 -33.65
CA LEU D 44 17.00 -17.18 -33.41
C LEU D 44 18.16 -16.36 -33.97
N SER D 45 19.29 -16.40 -33.28
CA SER D 45 20.51 -15.85 -33.86
C SER D 45 21.69 -16.72 -33.44
N SER D 46 22.61 -16.91 -34.37
CA SER D 46 23.87 -17.59 -34.09
C SER D 46 24.92 -16.66 -33.50
N GLY D 47 24.63 -15.38 -33.36
CA GLY D 47 25.62 -14.43 -32.89
C GLY D 47 26.41 -13.74 -33.98
N ASP D 48 26.13 -14.04 -35.25
CA ASP D 48 26.90 -13.49 -36.35
C ASP D 48 26.33 -12.19 -36.90
N GLY D 49 25.43 -11.54 -36.16
CA GLY D 49 24.83 -10.32 -36.64
C GLY D 49 23.65 -10.51 -37.56
N THR D 50 23.23 -11.74 -37.81
CA THR D 50 22.01 -12.03 -38.53
C THR D 50 21.03 -12.76 -37.63
N ALA D 51 19.76 -12.79 -38.05
CA ALA D 51 18.72 -13.43 -37.27
C ALA D 51 17.73 -14.14 -38.18
N ASP D 52 17.11 -15.18 -37.64
CA ASP D 52 15.99 -15.88 -38.24
C ASP D 52 14.73 -15.57 -37.45
N VAL D 53 13.68 -15.15 -38.14
CA VAL D 53 12.39 -14.81 -37.52
C VAL D 53 11.37 -15.78 -38.08
N ILE D 54 10.81 -16.62 -37.21
CA ILE D 54 9.92 -17.71 -37.61
C ILE D 54 8.51 -17.39 -37.16
N GLN D 55 7.59 -17.22 -38.11
CA GLN D 55 6.19 -17.02 -37.79
C GLN D 55 5.53 -18.35 -37.47
N ILE D 56 4.91 -18.44 -36.30
CA ILE D 56 4.25 -19.65 -35.83
C ILE D 56 2.76 -19.50 -36.06
N ALA D 57 2.16 -20.48 -36.74
CA ALA D 57 0.75 -20.37 -37.08
C ALA D 57 -0.12 -20.71 -35.87
N LYS D 58 -1.36 -20.21 -35.89
CA LYS D 58 -2.32 -20.59 -34.88
C LYS D 58 -2.54 -22.10 -34.94
N GLY D 59 -2.46 -22.76 -33.79
CA GLY D 59 -2.68 -24.20 -33.72
C GLY D 59 -1.50 -25.06 -34.13
N GLN D 60 -0.36 -24.47 -34.48
CA GLN D 60 0.79 -25.26 -34.92
C GLN D 60 1.35 -26.08 -33.76
N LYS D 61 1.50 -27.39 -33.96
CA LYS D 61 1.92 -28.28 -32.89
C LYS D 61 3.38 -28.72 -32.99
N SER D 62 4.03 -28.55 -34.14
CA SER D 62 5.40 -29.02 -34.29
C SER D 62 6.24 -28.01 -35.07
N ALA D 63 7.54 -28.07 -34.83
CA ALA D 63 8.53 -27.30 -35.59
C ALA D 63 9.85 -28.04 -35.48
N PRO D 64 10.03 -29.09 -36.29
CA PRO D 64 11.07 -30.10 -35.98
C PRO D 64 12.50 -29.58 -35.97
N ASN D 65 12.85 -28.61 -36.82
CA ASN D 65 14.22 -28.08 -36.81
C ASN D 65 14.44 -27.22 -35.57
N LEU D 66 13.54 -26.27 -35.35
CA LEU D 66 13.62 -25.48 -34.13
C LEU D 66 13.65 -26.37 -32.89
N VAL D 67 12.80 -27.40 -32.86
CA VAL D 67 12.71 -28.23 -31.66
C VAL D 67 13.97 -29.09 -31.49
N ARG D 68 14.60 -29.49 -32.59
CA ARG D 68 15.88 -30.18 -32.50
C ARG D 68 16.91 -29.33 -31.76
N LEU D 69 17.01 -28.04 -32.11
CA LEU D 69 17.93 -27.17 -31.39
C LEU D 69 17.55 -27.08 -29.92
N LEU D 70 16.26 -26.91 -29.64
CA LEU D 70 15.81 -26.75 -28.26
C LEU D 70 16.13 -27.95 -27.39
N SER D 71 16.10 -29.16 -27.97
CA SER D 71 16.39 -30.33 -27.16
C SER D 71 17.85 -30.76 -27.23
N ASP D 72 18.67 -30.06 -28.00
CA ASP D 72 20.05 -30.49 -28.21
C ASP D 72 20.86 -30.12 -26.97
N ARG D 73 21.23 -31.13 -26.19
CA ARG D 73 21.97 -30.90 -24.95
C ARG D 73 23.38 -30.34 -25.17
N ASP D 74 23.89 -30.32 -26.40
CA ASP D 74 25.20 -29.75 -26.64
C ASP D 74 25.16 -28.27 -27.00
N ILE D 75 23.96 -27.68 -27.06
CA ILE D 75 23.78 -26.32 -27.52
C ILE D 75 23.10 -25.54 -26.40
N THR D 76 23.79 -24.55 -25.86
CA THR D 76 23.17 -23.71 -24.84
C THR D 76 22.19 -22.75 -25.49
N LYS D 77 20.96 -22.73 -25.00
CA LYS D 77 19.97 -21.76 -25.43
C LYS D 77 20.09 -20.52 -24.55
N ILE D 78 20.36 -19.37 -25.17
CA ILE D 78 20.48 -18.08 -24.48
C ILE D 78 19.18 -17.31 -24.61
N PHE D 79 18.67 -16.82 -23.48
CA PHE D 79 17.44 -16.05 -23.42
C PHE D 79 17.68 -14.80 -22.59
N HIS D 80 16.84 -13.80 -22.79
CA HIS D 80 16.67 -12.76 -21.76
C HIS D 80 15.34 -13.00 -21.08
N PHE D 81 15.39 -13.26 -19.78
CA PHE D 81 14.21 -13.71 -19.01
C PHE D 81 13.60 -14.96 -19.64
N GLY D 82 14.42 -16.00 -19.71
CA GLY D 82 14.01 -17.26 -20.31
C GLY D 82 12.89 -17.96 -19.57
N ARG D 83 12.63 -17.57 -18.32
CA ARG D 83 11.48 -18.13 -17.60
C ARG D 83 10.22 -18.05 -18.45
N PHE D 84 10.04 -16.95 -19.17
CA PHE D 84 8.86 -16.82 -20.01
C PHE D 84 8.95 -17.67 -21.27
N ASP D 85 10.04 -17.49 -22.04
CA ASP D 85 10.18 -18.19 -23.32
C ASP D 85 10.14 -19.70 -23.14
N LEU D 86 10.79 -20.19 -22.09
CA LEU D 86 10.80 -21.63 -21.83
C LEU D 86 9.38 -22.15 -21.63
N ALA D 87 8.54 -21.39 -20.92
CA ALA D 87 7.19 -21.85 -20.66
C ALA D 87 6.37 -21.90 -21.94
N ILE D 88 6.46 -20.87 -22.78
CA ILE D 88 5.59 -20.88 -23.95
C ILE D 88 6.14 -21.83 -25.00
N LEU D 89 7.46 -22.03 -25.04
CA LEU D 89 8.01 -22.99 -25.99
C LEU D 89 7.63 -24.42 -25.57
N ALA D 90 7.78 -24.75 -24.29
CA ALA D 90 7.40 -26.08 -23.83
C ALA D 90 5.91 -26.30 -23.99
N HIS D 91 5.11 -25.30 -23.66
CA HIS D 91 3.67 -25.44 -23.77
C HIS D 91 3.22 -25.64 -25.21
N THR D 92 3.91 -25.04 -26.19
CA THR D 92 3.45 -25.08 -27.57
C THR D 92 3.93 -26.35 -28.28
N PHE D 93 5.22 -26.66 -28.18
CA PHE D 93 5.79 -27.80 -28.91
C PHE D 93 6.08 -29.00 -28.05
N GLY D 94 5.91 -28.93 -26.73
CA GLY D 94 6.02 -30.09 -25.88
C GLY D 94 7.41 -30.46 -25.41
N VAL D 95 8.42 -29.64 -25.69
CA VAL D 95 9.81 -29.92 -25.29
C VAL D 95 10.31 -28.79 -24.41
N MET D 96 10.76 -29.14 -23.20
CA MET D 96 11.37 -28.16 -22.29
C MET D 96 12.88 -28.18 -22.47
N PRO D 97 13.49 -27.12 -23.04
CA PRO D 97 14.95 -27.07 -23.12
C PRO D 97 15.54 -27.12 -21.72
N ASP D 98 16.70 -27.77 -21.59
CA ASP D 98 17.32 -27.87 -20.27
C ASP D 98 18.79 -27.49 -20.24
N VAL D 99 19.31 -26.82 -21.26
CA VAL D 99 20.67 -26.26 -21.23
C VAL D 99 20.54 -24.81 -21.65
N VAL D 100 20.50 -23.90 -20.67
CA VAL D 100 20.10 -22.53 -20.92
C VAL D 100 21.02 -21.56 -20.20
N PHE D 101 20.96 -20.30 -20.66
CA PHE D 101 21.62 -19.18 -20.03
C PHE D 101 20.64 -18.03 -20.12
N CYS D 102 20.38 -17.38 -18.99
CA CYS D 102 19.47 -16.25 -18.91
C CYS D 102 20.28 -15.00 -18.58
N THR D 103 20.23 -14.01 -19.47
CA THR D 103 20.91 -12.75 -19.19
C THR D 103 20.22 -11.93 -18.11
N LYS D 104 18.93 -12.17 -17.82
CA LYS D 104 18.31 -11.43 -16.73
C LYS D 104 18.78 -11.96 -15.38
N ILE D 105 18.82 -13.28 -15.20
CA ILE D 105 19.40 -13.85 -14.00
C ILE D 105 20.87 -13.49 -13.89
N ALA D 106 21.59 -13.50 -15.00
CA ALA D 106 23.01 -13.17 -14.94
C ALA D 106 23.20 -11.72 -14.50
N SER D 107 22.33 -10.83 -15.00
CA SER D 107 22.37 -9.42 -14.58
C SER D 107 22.09 -9.28 -13.09
N LYS D 108 21.05 -9.96 -12.59
CA LYS D 108 20.75 -9.89 -11.16
C LYS D 108 21.88 -10.41 -10.30
N LEU D 109 22.70 -11.33 -10.84
CA LEU D 109 23.83 -11.87 -10.08
C LEU D 109 25.12 -11.06 -10.25
N THR D 110 25.18 -10.09 -11.17
CA THR D 110 26.43 -9.38 -11.42
C THR D 110 26.28 -7.87 -11.39
N ARG D 111 25.18 -7.33 -11.92
CA ARG D 111 24.98 -5.87 -11.95
C ARG D 111 24.31 -5.47 -10.63
N THR D 112 25.08 -5.65 -9.57
CA THR D 112 24.61 -5.38 -8.22
C THR D 112 24.58 -3.89 -7.91
N TYR D 113 25.06 -3.07 -8.84
CA TYR D 113 25.12 -1.63 -8.69
C TYR D 113 23.93 -0.93 -9.33
N THR D 114 22.92 -1.68 -9.71
CA THR D 114 21.70 -1.11 -10.27
C THR D 114 20.57 -2.04 -9.90
N ASP D 115 19.36 -1.51 -10.05
CA ASP D 115 18.17 -2.28 -9.83
C ASP D 115 17.38 -2.47 -11.12
N ARG D 116 17.93 -2.02 -12.24
CA ARG D 116 17.29 -2.14 -13.56
C ARG D 116 17.98 -3.27 -14.33
N HIS D 117 17.24 -4.35 -14.55
CA HIS D 117 17.78 -5.54 -15.21
C HIS D 117 17.01 -5.87 -16.50
N GLY D 118 16.38 -4.88 -17.11
CA GLY D 118 15.73 -5.10 -18.38
C GLY D 118 16.71 -5.14 -19.55
N LEU D 119 16.26 -5.75 -20.64
CA LEU D 119 17.13 -5.95 -21.80
C LEU D 119 17.59 -4.61 -22.37
N LYS D 120 16.70 -3.61 -22.43
CA LYS D 120 17.08 -2.31 -22.97
C LYS D 120 18.20 -1.68 -22.15
N GLU D 121 18.06 -1.71 -20.83
CA GLU D 121 19.07 -1.11 -19.96
CA GLU D 121 19.08 -1.11 -19.96
C GLU D 121 20.39 -1.86 -20.05
N ILE D 122 20.34 -3.19 -20.15
CA ILE D 122 21.55 -4.00 -20.21
C ILE D 122 22.31 -3.76 -21.51
N CYS D 123 21.60 -3.75 -22.65
CA CYS D 123 22.27 -3.51 -23.92
C CYS D 123 22.85 -2.11 -23.98
N GLY D 124 22.17 -1.14 -23.37
CA GLY D 124 22.73 0.20 -23.32
C GLY D 124 24.03 0.25 -22.55
N GLU D 125 24.03 -0.34 -21.36
CA GLU D 125 25.19 -0.25 -20.48
C GLU D 125 26.35 -1.10 -20.99
N LEU D 126 26.07 -2.35 -21.37
CA LEU D 126 27.16 -3.26 -21.69
C LEU D 126 27.65 -3.10 -23.11
N LEU D 127 26.78 -2.67 -24.03
CA LEU D 127 27.13 -2.65 -25.44
C LEU D 127 26.96 -1.30 -26.10
N ASN D 128 26.38 -0.31 -25.42
CA ASN D 128 26.07 0.97 -26.03
C ASN D 128 25.10 0.79 -27.21
N VAL D 129 24.25 -0.23 -27.11
CA VAL D 129 23.24 -0.53 -28.11
C VAL D 129 21.89 -0.04 -27.62
N ASN D 130 21.14 0.64 -28.47
CA ASN D 130 19.82 1.16 -28.14
C ASN D 130 18.76 0.19 -28.63
N ILE D 131 18.01 -0.40 -27.71
CA ILE D 131 16.88 -1.27 -28.03
C ILE D 131 15.60 -0.45 -27.93
N SER D 132 14.79 -0.50 -28.98
CA SER D 132 13.47 0.13 -28.95
C SER D 132 12.41 -0.91 -28.62
N LYS D 133 11.49 -0.54 -27.73
CA LYS D 133 10.39 -1.41 -27.32
C LYS D 133 9.06 -1.03 -27.97
N GLN D 134 9.07 -0.18 -29.00
CA GLN D 134 7.81 0.36 -29.51
C GLN D 134 6.93 -0.71 -30.15
N GLN D 135 7.53 -1.75 -30.74
CA GLN D 135 6.74 -2.80 -31.38
C GLN D 135 6.37 -3.94 -30.44
N GLN D 136 6.85 -3.91 -29.20
CA GLN D 136 6.50 -4.96 -28.24
C GLN D 136 4.98 -5.11 -28.12
N SER D 137 4.26 -3.99 -27.98
CA SER D 137 2.80 -4.01 -27.95
CA SER D 137 2.80 -4.00 -27.96
C SER D 137 2.29 -3.80 -29.39
N SER D 138 2.21 -4.92 -30.11
CA SER D 138 1.70 -4.94 -31.48
C SER D 138 1.07 -6.30 -31.72
N ASP D 139 0.38 -6.43 -32.85
CA ASP D 139 -0.36 -7.66 -33.14
C ASP D 139 0.62 -8.68 -33.70
N TRP D 140 1.21 -9.47 -32.80
CA TRP D 140 2.21 -10.44 -33.23
C TRP D 140 1.61 -11.62 -33.98
N ALA D 141 0.30 -11.74 -33.97
CA ALA D 141 -0.41 -12.81 -34.67
C ALA D 141 -0.75 -12.43 -36.11
N ALA D 142 -0.42 -11.21 -36.52
CA ALA D 142 -0.77 -10.75 -37.86
C ALA D 142 -0.20 -11.67 -38.93
N GLU D 143 -0.97 -11.88 -39.99
CA GLU D 143 -0.53 -12.73 -41.10
C GLU D 143 0.80 -12.24 -41.65
N THR D 144 0.91 -10.95 -41.93
CA THR D 144 2.14 -10.34 -42.39
C THR D 144 2.67 -9.40 -41.32
N LEU D 145 3.87 -9.67 -40.82
CA LEU D 145 4.52 -8.77 -39.89
C LEU D 145 5.06 -7.56 -40.64
N SER D 146 5.00 -6.40 -39.99
CA SER D 146 5.59 -5.21 -40.59
C SER D 146 7.11 -5.27 -40.48
N ARG D 147 7.78 -4.46 -41.30
CA ARG D 147 9.23 -4.35 -41.21
C ARG D 147 9.66 -3.95 -39.82
N ALA D 148 8.94 -3.02 -39.20
CA ALA D 148 9.31 -2.55 -37.87
C ALA D 148 9.18 -3.67 -36.84
N GLN D 149 8.13 -4.49 -36.97
CA GLN D 149 7.98 -5.67 -36.13
C GLN D 149 9.14 -6.64 -36.33
N ILE D 150 9.49 -6.91 -37.59
CA ILE D 150 10.52 -7.90 -37.87
C ILE D 150 11.86 -7.44 -37.31
N GLU D 151 12.18 -6.15 -37.48
CA GLU D 151 13.45 -5.63 -36.96
C GLU D 151 13.46 -5.66 -35.44
N TYR D 152 12.33 -5.38 -34.80
CA TYR D 152 12.26 -5.45 -33.34
C TYR D 152 12.49 -6.87 -32.85
N ALA D 153 11.79 -7.83 -33.46
CA ALA D 153 11.93 -9.23 -33.06
C ALA D 153 13.37 -9.70 -33.21
N ALA D 154 14.02 -9.32 -34.31
CA ALA D 154 15.42 -9.68 -34.51
C ALA D 154 16.32 -9.00 -33.50
N SER D 155 15.99 -7.76 -33.11
CA SER D 155 16.83 -7.02 -32.17
C SER D 155 16.95 -7.74 -30.83
N ASP D 156 15.93 -8.50 -30.42
CA ASP D 156 15.97 -9.15 -29.13
C ASP D 156 16.88 -10.38 -29.09
N VAL D 157 17.37 -10.89 -30.22
CA VAL D 157 18.30 -12.00 -30.23
C VAL D 157 19.67 -11.64 -30.80
N LEU D 158 19.82 -10.47 -31.43
CA LEU D 158 21.08 -10.13 -32.09
C LEU D 158 22.23 -9.92 -31.12
N TYR D 159 21.96 -9.57 -29.86
CA TYR D 159 23.03 -9.19 -28.95
C TYR D 159 23.22 -10.17 -27.79
N LEU D 160 22.45 -11.25 -27.73
CA LEU D 160 22.50 -12.11 -26.55
C LEU D 160 23.85 -12.82 -26.40
N HIS D 161 24.50 -13.19 -27.50
CA HIS D 161 25.82 -13.81 -27.39
C HIS D 161 26.82 -12.85 -26.76
N ARG D 162 26.82 -11.59 -27.21
CA ARG D 162 27.75 -10.62 -26.66
C ARG D 162 27.48 -10.36 -25.18
N LEU D 163 26.20 -10.33 -24.78
CA LEU D 163 25.88 -10.11 -23.37
C LEU D 163 26.28 -11.30 -22.53
N LYS D 164 26.03 -12.51 -23.02
CA LYS D 164 26.44 -13.72 -22.30
C LYS D 164 27.95 -13.75 -22.07
N ASP D 165 28.72 -13.39 -23.11
CA ASP D 165 30.18 -13.37 -22.96
C ASP D 165 30.61 -12.41 -21.86
N ILE D 166 30.02 -11.22 -21.82
CA ILE D 166 30.37 -10.27 -20.77
C ILE D 166 29.94 -10.79 -19.41
N PHE D 167 28.70 -11.29 -19.32
CA PHE D 167 28.19 -11.76 -18.03
C PHE D 167 29.03 -12.91 -17.49
N GLU D 168 29.48 -13.81 -18.37
CA GLU D 168 30.35 -14.90 -17.93
C GLU D 168 31.66 -14.38 -17.37
N GLU D 169 32.21 -13.30 -17.95
CA GLU D 169 33.40 -12.68 -17.37
C GLU D 169 33.11 -12.15 -15.97
N ARG D 170 31.94 -11.53 -15.77
CA ARG D 170 31.63 -10.98 -14.45
C ARG D 170 31.38 -12.09 -13.44
N LEU D 171 30.66 -13.13 -13.85
CA LEU D 171 30.42 -14.28 -12.96
C LEU D 171 31.73 -14.88 -12.49
N LYS D 172 32.71 -15.01 -13.40
CA LYS D 172 34.01 -15.52 -13.01
C LYS D 172 34.73 -14.55 -12.08
N ARG D 173 34.71 -13.25 -12.40
CA ARG D 173 35.41 -12.27 -11.58
C ARG D 173 34.89 -12.29 -10.13
N GLU D 174 33.57 -12.28 -9.96
CA GLU D 174 32.97 -12.30 -8.64
C GLU D 174 32.78 -13.70 -8.07
N GLU D 175 33.25 -14.73 -8.78
CA GLU D 175 33.21 -16.11 -8.30
C GLU D 175 31.78 -16.55 -8.00
N ARG D 176 30.88 -16.33 -8.97
CA ARG D 176 29.48 -16.74 -8.83
C ARG D 176 29.08 -17.71 -9.94
N GLU D 177 30.04 -18.41 -10.54
CA GLU D 177 29.72 -19.28 -11.66
C GLU D 177 28.81 -20.42 -11.23
N SER D 178 29.09 -21.06 -10.10
CA SER D 178 28.29 -22.22 -9.70
C SER D 178 26.92 -21.78 -9.19
N VAL D 179 26.83 -20.59 -8.61
CA VAL D 179 25.52 -20.02 -8.27
C VAL D 179 24.70 -19.85 -9.54
N ALA D 180 25.27 -19.19 -10.55
CA ALA D 180 24.56 -19.00 -11.82
C ALA D 180 24.13 -20.33 -12.40
N LYS D 181 25.02 -21.32 -12.42
CA LYS D 181 24.70 -22.60 -13.04
C LYS D 181 23.52 -23.27 -12.35
N ALA D 182 23.46 -23.19 -11.02
CA ALA D 182 22.34 -23.79 -10.31
C ALA D 182 21.03 -23.07 -10.64
N CYS D 183 21.07 -21.74 -10.77
CA CYS D 183 19.87 -21.02 -11.15
C CYS D 183 19.42 -21.41 -12.55
N PHE D 184 20.36 -21.51 -13.50
CA PHE D 184 20.00 -21.91 -14.85
C PHE D 184 19.45 -23.33 -14.88
N GLN D 185 19.99 -24.20 -14.04
CA GLN D 185 19.55 -25.59 -13.99
C GLN D 185 18.10 -25.69 -13.49
N PHE D 186 17.72 -24.82 -12.57
CA PHE D 186 16.36 -24.84 -12.05
C PHE D 186 15.37 -24.09 -12.95
N LEU D 187 15.87 -23.19 -13.80
CA LEU D 187 14.98 -22.35 -14.61
C LEU D 187 13.92 -23.13 -15.37
N PRO D 188 14.23 -24.25 -16.04
CA PRO D 188 13.14 -24.99 -16.71
C PRO D 188 12.07 -25.48 -15.76
N MET D 189 12.43 -25.86 -14.54
CA MET D 189 11.42 -26.26 -13.58
C MET D 189 10.63 -25.07 -13.06
N ARG D 190 11.28 -23.90 -12.93
CA ARG D 190 10.55 -22.68 -12.62
C ARG D 190 9.50 -22.38 -13.70
N ALA D 191 9.88 -22.53 -14.97
CA ALA D 191 8.92 -22.36 -16.06
C ALA D 191 7.79 -23.39 -15.99
N ASN D 192 8.13 -24.64 -15.69
CA ASN D 192 7.09 -25.67 -15.55
CA ASN D 192 7.10 -25.67 -15.56
C ASN D 192 6.14 -25.34 -14.41
N LEU D 193 6.69 -24.89 -13.28
CA LEU D 193 5.85 -24.46 -12.16
C LEU D 193 4.85 -23.41 -12.61
N ASP D 194 5.30 -22.48 -13.46
CA ASP D 194 4.39 -21.46 -13.99
C ASP D 194 3.27 -22.11 -14.79
N LEU D 195 3.62 -23.05 -15.67
CA LEU D 195 2.61 -23.70 -16.49
C LEU D 195 1.66 -24.53 -15.65
N LEU D 196 2.14 -25.09 -14.54
CA LEU D 196 1.29 -25.94 -13.73
C LEU D 196 0.36 -25.16 -12.82
N GLY D 197 0.57 -23.86 -12.65
CA GLY D 197 -0.38 -23.06 -11.90
C GLY D 197 0.23 -22.29 -10.74
N TRP D 198 1.55 -22.25 -10.65
CA TRP D 198 2.24 -21.50 -9.60
C TRP D 198 2.94 -20.25 -10.14
N SER D 199 2.45 -19.69 -11.24
CA SER D 199 3.15 -18.56 -11.85
C SER D 199 3.20 -17.35 -10.92
N GLU D 200 2.26 -17.21 -10.00
CA GLU D 200 2.25 -16.06 -9.10
C GLU D 200 2.95 -16.33 -7.76
N ILE D 201 3.59 -17.48 -7.62
CA ILE D 201 4.11 -17.93 -6.33
C ILE D 201 5.63 -18.06 -6.44
N ASP D 202 6.34 -17.39 -5.53
CA ASP D 202 7.74 -17.70 -5.30
C ASP D 202 7.76 -18.94 -4.42
N ILE D 203 8.08 -20.10 -5.02
CA ILE D 203 7.96 -21.37 -4.30
C ILE D 203 8.90 -21.44 -3.10
N PHE D 204 9.94 -20.61 -3.06
CA PHE D 204 10.95 -20.66 -1.99
C PHE D 204 10.72 -19.63 -0.89
N ALA D 205 9.70 -18.79 -1.02
CA ALA D 205 9.41 -17.76 -0.03
C ALA D 205 8.79 -18.37 1.22
N HIS D 206 9.01 -17.70 2.35
CA HIS D 206 8.34 -18.09 3.58
C HIS D 206 6.84 -17.94 3.44
N SER D 207 6.39 -16.85 2.85
CA SER D 207 4.99 -16.67 2.49
C SER D 207 4.90 -15.63 1.37
N THR E 3 -34.65 1.35 29.24
CA THR E 3 -35.68 0.38 29.61
C THR E 3 -37.02 0.70 28.94
N GLU E 4 -37.54 1.90 29.12
CA GLU E 4 -38.80 2.31 28.49
C GLU E 4 -38.53 2.86 27.10
N ILE E 5 -39.02 2.15 26.09
CA ILE E 5 -38.84 2.51 24.69
C ILE E 5 -40.22 2.65 24.07
N ARG E 6 -40.50 3.81 23.49
CA ARG E 6 -41.78 4.05 22.82
C ARG E 6 -41.57 3.88 21.33
N VAL E 7 -42.31 2.95 20.73
CA VAL E 7 -42.16 2.64 19.30
C VAL E 7 -43.31 3.27 18.54
N HIS E 8 -42.98 4.02 17.48
CA HIS E 8 -43.96 4.77 16.69
C HIS E 8 -43.84 4.40 15.22
N GLN E 9 -44.95 4.51 14.49
CA GLN E 9 -44.97 4.37 13.04
C GLN E 9 -45.02 5.75 12.39
N GLY E 10 -44.00 6.09 11.61
CA GLY E 10 -44.06 7.32 10.81
C GLY E 10 -43.55 8.62 11.43
N ASP E 11 -44.01 8.95 12.64
CA ASP E 11 -43.65 10.22 13.27
C ASP E 11 -43.91 10.10 14.76
N LEU E 12 -43.30 10.99 15.53
CA LEU E 12 -43.77 11.21 16.89
C LEU E 12 -45.24 11.62 16.84
N PRO E 13 -46.04 11.26 17.86
CA PRO E 13 -47.43 11.73 17.88
C PRO E 13 -47.56 13.20 18.26
N ASN E 14 -46.62 13.72 19.03
CA ASN E 14 -46.59 15.13 19.42
C ASN E 14 -45.19 15.41 19.97
N LEU E 15 -44.96 16.64 20.41
CA LEU E 15 -43.65 17.03 20.93
C LEU E 15 -43.66 17.19 22.45
N ASP E 16 -44.63 16.59 23.13
CA ASP E 16 -44.79 16.81 24.56
C ASP E 16 -43.56 16.39 25.37
N ASN E 17 -42.81 15.40 24.90
CA ASN E 17 -41.61 14.95 25.60
C ASN E 17 -40.36 15.71 25.18
N TYR E 18 -40.47 16.68 24.27
CA TYR E 18 -39.28 17.31 23.71
C TYR E 18 -39.38 18.83 23.77
N ARG E 19 -39.95 19.34 24.87
CA ARG E 19 -39.85 20.76 25.21
C ARG E 19 -38.58 20.97 26.03
N ILE E 20 -37.44 20.78 25.37
CA ILE E 20 -36.13 20.70 26.02
C ILE E 20 -35.09 21.43 25.18
N ASP E 21 -33.93 21.69 25.80
CA ASP E 21 -32.84 22.41 25.16
C ASP E 21 -32.05 21.57 24.17
N ALA E 22 -32.06 20.26 24.30
CA ALA E 22 -31.25 19.44 23.41
C ALA E 22 -31.85 18.05 23.32
N VAL E 23 -31.75 17.44 22.15
CA VAL E 23 -32.31 16.12 21.88
C VAL E 23 -31.24 15.24 21.24
N ALA E 24 -31.16 14.00 21.71
CA ALA E 24 -30.26 13.01 21.13
C ALA E 24 -30.95 12.35 19.95
N VAL E 25 -30.23 12.26 18.82
CA VAL E 25 -30.82 11.77 17.58
C VAL E 25 -29.92 10.71 16.97
N ASP E 26 -30.53 9.69 16.37
CA ASP E 26 -29.81 8.67 15.64
C ASP E 26 -30.74 8.10 14.58
N THR E 27 -30.16 7.42 13.60
CA THR E 27 -30.94 6.82 12.52
C THR E 27 -30.43 5.41 12.24
N GLU E 28 -31.33 4.58 11.72
CA GLU E 28 -30.96 3.32 11.09
C GLU E 28 -31.44 3.36 9.65
N THR E 29 -30.68 2.71 8.77
CA THR E 29 -30.86 2.78 7.33
C THR E 29 -30.53 1.42 6.75
N LEU E 30 -30.73 1.28 5.44
CA LEU E 30 -30.26 0.11 4.72
C LEU E 30 -28.80 0.22 4.29
N GLY E 31 -28.10 1.27 4.67
CA GLY E 31 -26.68 1.35 4.39
C GLY E 31 -26.19 2.79 4.40
N LEU E 32 -24.97 2.97 3.92
CA LEU E 32 -24.28 4.23 4.09
C LEU E 32 -24.43 5.19 2.91
N GLN E 33 -25.19 4.84 1.89
CA GLN E 33 -25.31 5.70 0.71
C GLN E 33 -26.72 6.25 0.62
N PRO E 34 -26.95 7.51 1.02
CA PRO E 34 -28.33 8.01 1.11
C PRO E 34 -29.10 7.98 -0.19
N HIS E 35 -28.44 8.13 -1.35
CA HIS E 35 -29.17 8.09 -2.60
C HIS E 35 -29.70 6.70 -2.91
N ARG E 36 -29.11 5.66 -2.33
CA ARG E 36 -29.54 4.28 -2.54
C ARG E 36 -30.23 3.68 -1.33
N ASP E 37 -29.74 3.97 -0.13
CA ASP E 37 -30.05 3.24 1.10
C ASP E 37 -31.02 4.07 1.93
N ARG E 38 -32.27 3.63 2.03
CA ARG E 38 -33.33 4.47 2.57
C ARG E 38 -33.27 4.57 4.09
N LEU E 39 -33.81 5.68 4.59
CA LEU E 39 -34.00 5.86 6.02
C LEU E 39 -35.07 4.89 6.52
N CYS E 40 -34.76 4.14 7.58
CA CYS E 40 -35.67 3.15 8.11
C CYS E 40 -36.17 3.44 9.51
N VAL E 41 -35.31 4.01 10.36
CA VAL E 41 -35.64 4.29 11.76
C VAL E 41 -34.99 5.61 12.12
N VAL E 42 -35.70 6.41 12.93
CA VAL E 42 -35.12 7.55 13.62
C VAL E 42 -35.36 7.38 15.11
N GLN E 43 -34.33 7.58 15.92
CA GLN E 43 -34.43 7.43 17.36
C GLN E 43 -34.15 8.76 18.03
N LEU E 44 -34.85 8.99 19.15
CA LEU E 44 -34.77 10.24 19.88
C LEU E 44 -34.73 9.93 21.36
N SER E 45 -34.00 10.76 22.10
CA SER E 45 -34.05 10.71 23.55
C SER E 45 -33.92 12.11 24.09
N SER E 46 -34.72 12.42 25.11
CA SER E 46 -34.64 13.68 25.84
C SER E 46 -33.53 13.66 26.88
N GLY E 47 -32.88 12.52 27.11
CA GLY E 47 -31.88 12.39 28.15
C GLY E 47 -32.39 11.83 29.45
N ASP E 48 -33.69 11.53 29.56
CA ASP E 48 -34.28 11.06 30.80
C ASP E 48 -34.23 9.54 30.94
N GLY E 49 -33.43 8.86 30.13
CA GLY E 49 -33.36 7.42 30.20
C GLY E 49 -34.45 6.69 29.45
N THR E 50 -35.29 7.38 28.70
CA THR E 50 -36.26 6.77 27.81
C THR E 50 -35.93 7.18 26.38
N ALA E 51 -36.52 6.46 25.42
CA ALA E 51 -36.25 6.73 24.03
C ALA E 51 -37.51 6.51 23.20
N ASP E 52 -37.62 7.26 22.11
CA ASP E 52 -38.63 7.04 21.11
C ASP E 52 -37.96 6.45 19.88
N VAL E 53 -38.53 5.38 19.34
CA VAL E 53 -38.01 4.71 18.17
C VAL E 53 -39.08 4.79 17.10
N ILE E 54 -38.78 5.47 15.99
CA ILE E 54 -39.75 5.81 14.96
C ILE E 54 -39.43 5.04 13.70
N GLN E 55 -40.35 4.16 13.28
CA GLN E 55 -40.17 3.43 12.03
C GLN E 55 -40.58 4.30 10.83
N ILE E 56 -39.70 4.40 9.85
CA ILE E 56 -39.90 5.23 8.67
C ILE E 56 -40.24 4.32 7.48
N ALA E 57 -41.39 4.55 6.85
CA ALA E 57 -41.82 3.70 5.75
C ALA E 57 -41.03 4.00 4.47
N LYS E 58 -40.96 3.00 3.60
CA LYS E 58 -40.41 3.21 2.28
C LYS E 58 -41.23 4.25 1.55
N GLY E 59 -40.58 5.26 0.99
CA GLY E 59 -41.30 6.28 0.27
C GLY E 59 -41.83 7.41 1.11
N GLN E 60 -41.62 7.37 2.43
CA GLN E 60 -42.20 8.38 3.31
C GLN E 60 -41.49 9.72 3.12
N LYS E 61 -42.26 10.76 2.82
CA LYS E 61 -41.71 12.08 2.52
C LYS E 61 -41.84 13.08 3.66
N SER E 62 -42.66 12.79 4.67
CA SER E 62 -42.85 13.76 5.74
C SER E 62 -42.84 13.06 7.09
N ALA E 63 -42.37 13.80 8.08
CA ALA E 63 -42.38 13.37 9.47
C ALA E 63 -42.47 14.64 10.30
N PRO E 64 -43.66 15.27 10.31
CA PRO E 64 -43.73 16.70 10.65
C PRO E 64 -43.24 17.04 12.05
N ASN E 65 -43.52 16.20 13.04
CA ASN E 65 -43.11 16.53 14.40
C ASN E 65 -41.61 16.37 14.57
N LEU E 66 -41.06 15.27 14.06
CA LEU E 66 -39.62 15.08 14.02
C LEU E 66 -38.93 16.24 13.32
N VAL E 67 -39.47 16.63 12.17
CA VAL E 67 -38.83 17.67 11.38
C VAL E 67 -38.94 19.03 12.07
N ARG E 68 -40.03 19.26 12.82
CA ARG E 68 -40.09 20.47 13.65
C ARG E 68 -38.93 20.51 14.63
N LEU E 69 -38.64 19.39 15.30
CA LEU E 69 -37.49 19.34 16.19
C LEU E 69 -36.19 19.61 15.42
N LEU E 70 -36.04 18.97 14.27
CA LEU E 70 -34.79 19.07 13.52
C LEU E 70 -34.52 20.50 13.06
N SER E 71 -35.56 21.29 12.78
CA SER E 71 -35.38 22.65 12.28
C SER E 71 -35.50 23.72 13.35
N ASP E 72 -35.72 23.34 14.61
CA ASP E 72 -35.88 24.32 15.69
C ASP E 72 -34.49 24.76 16.14
N ARG E 73 -34.14 26.03 15.87
CA ARG E 73 -32.82 26.55 16.19
C ARG E 73 -32.56 26.68 17.69
N ASP E 74 -33.58 26.59 18.53
CA ASP E 74 -33.39 26.67 19.98
C ASP E 74 -33.08 25.31 20.60
N ILE E 75 -33.05 24.25 19.80
CA ILE E 75 -32.80 22.90 20.30
C ILE E 75 -31.54 22.37 19.62
N THR E 76 -30.54 22.04 20.42
CA THR E 76 -29.35 21.39 19.86
C THR E 76 -29.65 19.93 19.61
N LYS E 77 -29.39 19.47 18.39
CA LYS E 77 -29.49 18.05 18.06
C LYS E 77 -28.12 17.40 18.32
N ILE E 78 -28.10 16.37 19.15
CA ILE E 78 -26.88 15.65 19.52
C ILE E 78 -26.81 14.37 18.71
N PHE E 79 -25.68 14.15 18.02
CA PHE E 79 -25.45 12.93 17.25
C PHE E 79 -24.09 12.34 17.62
N HIS E 80 -23.91 11.06 17.32
CA HIS E 80 -22.57 10.49 17.21
C HIS E 80 -22.26 10.30 15.72
N PHE E 81 -21.27 11.03 15.22
CA PHE E 81 -20.98 11.14 13.79
C PHE E 81 -22.22 11.64 13.05
N GLY E 82 -22.60 12.87 13.38
CA GLY E 82 -23.73 13.51 12.74
C GLY E 82 -23.56 13.71 11.25
N ARG E 83 -22.32 13.68 10.74
CA ARG E 83 -22.11 13.80 9.29
C ARG E 83 -23.04 12.86 8.54
N PHE E 84 -23.16 11.62 9.01
CA PHE E 84 -24.03 10.68 8.32
C PHE E 84 -25.50 11.01 8.56
N ASP E 85 -25.91 11.13 9.82
CA ASP E 85 -27.33 11.29 10.11
C ASP E 85 -27.89 12.53 9.46
N LEU E 86 -27.11 13.61 9.46
CA LEU E 86 -27.56 14.85 8.82
C LEU E 86 -27.81 14.63 7.34
N ALA E 87 -26.94 13.87 6.67
CA ALA E 87 -27.11 13.68 5.23
C ALA E 87 -28.37 12.86 4.93
N ILE E 88 -28.58 11.76 5.66
CA ILE E 88 -29.74 10.94 5.34
C ILE E 88 -31.03 11.64 5.75
N LEU E 89 -31.02 12.38 6.88
CA LEU E 89 -32.23 13.11 7.27
C LEU E 89 -32.53 14.22 6.27
N ALA E 90 -31.51 14.96 5.81
CA ALA E 90 -31.79 16.04 4.87
C ALA E 90 -32.23 15.48 3.54
N HIS E 91 -31.61 14.36 3.13
CA HIS E 91 -32.00 13.74 1.87
C HIS E 91 -33.41 13.21 1.93
N THR E 92 -33.84 12.69 3.09
CA THR E 92 -35.15 12.04 3.17
C THR E 92 -36.27 13.06 3.31
N PHE E 93 -36.10 14.04 4.19
CA PHE E 93 -37.17 15.00 4.48
C PHE E 93 -36.89 16.41 3.98
N GLY E 94 -35.74 16.65 3.34
CA GLY E 94 -35.50 17.95 2.71
C GLY E 94 -35.07 19.06 3.63
N VAL E 95 -34.83 18.79 4.91
CA VAL E 95 -34.47 19.80 5.87
C VAL E 95 -33.14 19.42 6.50
N MET E 96 -32.17 20.34 6.45
CA MET E 96 -30.87 20.12 7.05
C MET E 96 -30.84 20.76 8.42
N PRO E 97 -30.79 19.99 9.51
CA PRO E 97 -30.62 20.59 10.84
C PRO E 97 -29.37 21.46 10.87
N ASP E 98 -29.43 22.58 11.62
CA ASP E 98 -28.27 23.47 11.63
C ASP E 98 -27.81 23.89 13.03
N VAL E 99 -28.32 23.27 14.09
CA VAL E 99 -27.80 23.47 15.45
C VAL E 99 -27.51 22.09 15.99
N VAL E 100 -26.23 21.69 16.00
CA VAL E 100 -25.87 20.31 16.25
C VAL E 100 -24.65 20.23 17.18
N PHE E 101 -24.52 19.10 17.84
CA PHE E 101 -23.35 18.71 18.62
C PHE E 101 -23.03 17.28 18.21
N CYS E 102 -21.77 17.03 17.85
CA CYS E 102 -21.35 15.71 17.40
C CYS E 102 -20.32 15.15 18.38
N THR E 103 -20.66 14.03 19.02
CA THR E 103 -19.77 13.40 19.99
C THR E 103 -18.53 12.81 19.31
N LYS E 104 -18.59 12.49 18.01
CA LYS E 104 -17.38 11.99 17.37
C LYS E 104 -16.40 13.13 17.12
N ILE E 105 -16.89 14.26 16.62
CA ILE E 105 -16.01 15.41 16.49
C ILE E 105 -15.48 15.85 17.85
N ALA E 106 -16.36 15.87 18.86
CA ALA E 106 -15.92 16.26 20.20
C ALA E 106 -14.88 15.30 20.74
N SER E 107 -15.05 14.00 20.48
CA SER E 107 -14.02 13.04 20.90
C SER E 107 -12.70 13.32 20.19
N LYS E 108 -12.74 13.62 18.89
CA LYS E 108 -11.50 13.86 18.16
C LYS E 108 -10.79 15.13 18.65
N LEU E 109 -11.52 16.03 19.31
CA LEU E 109 -10.94 17.27 19.83
C LEU E 109 -10.52 17.18 21.29
N THR E 110 -10.86 16.09 21.98
CA THR E 110 -10.59 15.98 23.42
C THR E 110 -9.90 14.68 23.81
N ARG E 111 -10.29 13.56 23.21
CA ARG E 111 -9.67 12.27 23.56
C ARG E 111 -8.47 12.07 22.65
N THR E 112 -7.49 12.94 22.84
CA THR E 112 -6.28 12.95 22.04
C THR E 112 -5.31 11.86 22.47
N TYR E 113 -5.60 11.18 23.57
CA TYR E 113 -4.81 10.08 24.08
C TYR E 113 -5.21 8.73 23.49
N THR E 114 -6.10 8.72 22.50
CA THR E 114 -6.48 7.49 21.84
C THR E 114 -6.79 7.78 20.39
N ASP E 115 -6.81 6.73 19.60
CA ASP E 115 -7.12 6.84 18.19
C ASP E 115 -8.48 6.22 17.87
N ARG E 116 -9.20 5.79 18.90
CA ARG E 116 -10.48 5.09 18.75
C ARG E 116 -11.60 6.03 19.21
N HIS E 117 -12.46 6.43 18.26
CA HIS E 117 -13.48 7.42 18.52
C HIS E 117 -14.88 6.91 18.21
N GLY E 118 -15.07 5.58 18.23
CA GLY E 118 -16.39 5.02 17.99
C GLY E 118 -17.29 5.13 19.22
N LEU E 119 -18.61 5.02 19.00
CA LEU E 119 -19.54 5.19 20.10
C LEU E 119 -19.33 4.14 21.18
N LYS E 120 -19.08 2.90 20.78
CA LYS E 120 -18.87 1.84 21.78
C LYS E 120 -17.67 2.15 22.66
N GLU E 121 -16.57 2.58 22.03
CA GLU E 121 -15.36 2.88 22.81
CA GLU E 121 -15.36 2.90 22.80
C GLU E 121 -15.59 4.07 23.75
N ILE E 122 -16.33 5.09 23.29
CA ILE E 122 -16.54 6.29 24.08
C ILE E 122 -17.47 6.02 25.26
N CYS E 123 -18.52 5.22 25.04
CA CYS E 123 -19.42 4.90 26.14
C CYS E 123 -18.71 4.07 27.20
N GLY E 124 -17.88 3.11 26.77
CA GLY E 124 -17.15 2.30 27.73
C GLY E 124 -16.22 3.11 28.60
N GLU E 125 -15.48 4.04 27.98
CA GLU E 125 -14.49 4.82 28.74
C GLU E 125 -15.16 5.88 29.61
N LEU E 126 -16.08 6.65 29.03
CA LEU E 126 -16.63 7.78 29.75
C LEU E 126 -17.73 7.38 30.73
N LEU E 127 -18.51 6.35 30.41
CA LEU E 127 -19.71 6.05 31.16
C LEU E 127 -19.74 4.65 31.75
N ASN E 128 -18.73 3.81 31.46
CA ASN E 128 -18.77 2.40 31.83
CA ASN E 128 -18.77 2.40 31.83
C ASN E 128 -20.07 1.75 31.36
N VAL E 129 -20.50 2.10 30.15
CA VAL E 129 -21.68 1.54 29.52
C VAL E 129 -21.23 0.68 28.36
N ASN E 130 -21.65 -0.58 28.36
CA ASN E 130 -21.32 -1.53 27.30
C ASN E 130 -22.37 -1.42 26.18
N ILE E 131 -21.92 -1.01 25.00
CA ILE E 131 -22.77 -0.93 23.81
C ILE E 131 -22.48 -2.13 22.93
N SER E 132 -23.53 -2.86 22.53
CA SER E 132 -23.39 -3.97 21.60
C SER E 132 -23.72 -3.49 20.19
N LYS E 133 -22.87 -3.83 19.22
CA LYS E 133 -23.12 -3.50 17.83
CA LYS E 133 -23.11 -3.51 17.83
C LYS E 133 -23.61 -4.71 17.02
N GLN E 134 -24.13 -5.74 17.70
CA GLN E 134 -24.53 -6.96 17.01
C GLN E 134 -25.71 -6.72 16.06
N GLN E 135 -26.63 -5.85 16.42
CA GLN E 135 -27.81 -5.59 15.59
C GLN E 135 -27.57 -4.52 14.54
N GLN E 136 -26.39 -3.90 14.51
CA GLN E 136 -26.09 -2.85 13.54
C GLN E 136 -26.31 -3.33 12.11
N SER E 137 -25.81 -4.51 11.78
CA SER E 137 -26.02 -5.11 10.47
C SER E 137 -27.20 -6.08 10.59
N SER E 138 -28.40 -5.53 10.39
CA SER E 138 -29.64 -6.31 10.40
C SER E 138 -30.57 -5.64 9.40
N ASP E 139 -31.72 -6.27 9.15
CA ASP E 139 -32.67 -5.74 8.18
C ASP E 139 -33.50 -4.65 8.84
N TRP E 140 -32.98 -3.42 8.80
CA TRP E 140 -33.70 -2.28 9.39
C TRP E 140 -34.96 -1.89 8.63
N ALA E 141 -35.19 -2.43 7.45
CA ALA E 141 -36.43 -2.18 6.73
C ALA E 141 -37.52 -3.20 7.05
N ALA E 142 -37.26 -4.14 7.96
CA ALA E 142 -38.28 -5.11 8.34
C ALA E 142 -39.54 -4.41 8.83
N GLU E 143 -40.69 -4.93 8.42
CA GLU E 143 -41.96 -4.36 8.87
C GLU E 143 -42.05 -4.36 10.39
N THR E 144 -41.66 -5.48 11.01
CA THR E 144 -41.62 -5.61 12.46
C THR E 144 -40.16 -5.72 12.89
N LEU E 145 -39.69 -4.71 13.60
CA LEU E 145 -38.36 -4.78 14.19
C LEU E 145 -38.36 -5.76 15.36
N SER E 146 -37.27 -6.48 15.54
CA SER E 146 -37.18 -7.35 16.70
C SER E 146 -36.93 -6.53 17.96
N ARG E 147 -37.21 -7.14 19.12
CA ARG E 147 -36.90 -6.47 20.38
C ARG E 147 -35.41 -6.13 20.47
N ALA E 148 -34.55 -7.02 19.99
CA ALA E 148 -33.11 -6.75 20.02
C ALA E 148 -32.76 -5.56 19.14
N GLN E 149 -33.43 -5.42 17.99
CA GLN E 149 -33.21 -4.26 17.14
C GLN E 149 -33.65 -2.98 17.84
N ILE E 150 -34.83 -3.04 18.47
CA ILE E 150 -35.41 -1.88 19.14
C ILE E 150 -34.51 -1.43 20.28
N GLU E 151 -34.01 -2.38 21.07
CA GLU E 151 -33.13 -2.03 22.18
C GLU E 151 -31.80 -1.50 21.67
N TYR E 152 -31.28 -2.07 20.58
CA TYR E 152 -30.06 -1.54 19.99
C TYR E 152 -30.25 -0.09 19.53
N ALA E 153 -31.35 0.16 18.80
CA ALA E 153 -31.59 1.51 18.29
C ALA E 153 -31.75 2.51 19.43
N ALA E 154 -32.47 2.13 20.49
CA ALA E 154 -32.63 3.02 21.64
C ALA E 154 -31.30 3.31 22.33
N SER E 155 -30.43 2.31 22.44
CA SER E 155 -29.20 2.51 23.20
C SER E 155 -28.28 3.53 22.52
N ASP E 156 -28.41 3.73 21.21
CA ASP E 156 -27.56 4.69 20.51
C ASP E 156 -27.92 6.13 20.81
N VAL E 157 -29.09 6.41 21.39
CA VAL E 157 -29.45 7.76 21.81
C VAL E 157 -29.52 7.92 23.33
N LEU E 158 -29.63 6.83 24.09
CA LEU E 158 -29.87 6.92 25.52
C LEU E 158 -28.75 7.64 26.28
N TYR E 159 -27.53 7.68 25.74
CA TYR E 159 -26.37 8.18 26.48
C TYR E 159 -25.77 9.45 25.91
N LEU E 160 -26.36 10.03 24.85
CA LEU E 160 -25.69 11.13 24.17
C LEU E 160 -25.68 12.42 25.00
N HIS E 161 -26.70 12.62 25.83
CA HIS E 161 -26.67 13.79 26.72
C HIS E 161 -25.54 13.68 27.72
N ARG E 162 -25.33 12.50 28.29
CA ARG E 162 -24.26 12.34 29.25
C ARG E 162 -22.90 12.48 28.60
N LEU E 163 -22.75 11.98 27.37
CA LEU E 163 -21.47 12.16 26.68
C LEU E 163 -21.23 13.63 26.38
N LYS E 164 -22.26 14.32 25.88
CA LYS E 164 -22.15 15.74 25.57
C LYS E 164 -21.70 16.54 26.80
N ASP E 165 -22.33 16.29 27.94
CA ASP E 165 -21.95 16.99 29.17
C ASP E 165 -20.48 16.81 29.49
N ILE E 166 -19.98 15.57 29.36
CA ILE E 166 -18.57 15.33 29.69
C ILE E 166 -17.67 16.02 28.68
N PHE E 167 -17.98 15.87 27.40
CA PHE E 167 -17.18 16.49 26.35
C PHE E 167 -17.18 18.02 26.46
N GLU E 168 -18.32 18.61 26.85
CA GLU E 168 -18.32 20.05 27.08
C GLU E 168 -17.34 20.42 28.19
N GLU E 169 -17.26 19.61 29.24
CA GLU E 169 -16.28 19.86 30.30
C GLU E 169 -14.85 19.77 29.78
N ARG E 170 -14.58 18.79 28.92
CA ARG E 170 -13.22 18.65 28.39
C ARG E 170 -12.90 19.78 27.43
N LEU E 171 -13.86 20.17 26.60
CA LEU E 171 -13.64 21.26 25.66
C LEU E 171 -13.32 22.56 26.40
N LYS E 172 -14.02 22.81 27.50
CA LYS E 172 -13.72 23.99 28.30
C LYS E 172 -12.34 23.88 28.93
N ARG E 173 -12.05 22.71 29.52
CA ARG E 173 -10.78 22.52 30.21
C ARG E 173 -9.60 22.76 29.27
N GLU E 174 -9.67 22.25 28.05
CA GLU E 174 -8.60 22.39 27.09
C GLU E 174 -8.72 23.64 26.23
N GLU E 175 -9.73 24.47 26.49
CA GLU E 175 -9.93 25.76 25.83
C GLU E 175 -10.12 25.60 24.32
N ARG E 176 -11.02 24.70 23.94
CA ARG E 176 -11.29 24.41 22.53
C ARG E 176 -12.76 24.61 22.20
N GLU E 177 -13.48 25.40 22.99
CA GLU E 177 -14.90 25.56 22.78
C GLU E 177 -15.19 26.22 21.44
N SER E 178 -14.42 27.26 21.10
CA SER E 178 -14.71 27.96 19.85
C SER E 178 -14.32 27.11 18.65
N VAL E 179 -13.24 26.34 18.78
CA VAL E 179 -12.89 25.38 17.73
C VAL E 179 -14.04 24.42 17.48
N ALA E 180 -14.54 23.78 18.54
CA ALA E 180 -15.63 22.83 18.38
C ALA E 180 -16.87 23.49 17.80
N LYS E 181 -17.19 24.69 18.27
CA LYS E 181 -18.38 25.39 17.76
C LYS E 181 -18.28 25.62 16.25
N ALA E 182 -17.11 26.04 15.77
CA ALA E 182 -16.94 26.25 14.34
C ALA E 182 -17.08 24.94 13.57
N CYS E 183 -16.50 23.86 14.11
CA CYS E 183 -16.67 22.53 13.50
C CYS E 183 -18.14 22.14 13.42
N PHE E 184 -18.88 22.33 14.52
CA PHE E 184 -20.31 21.98 14.51
C PHE E 184 -21.09 22.87 13.56
N GLN E 185 -20.69 24.13 13.41
CA GLN E 185 -21.37 25.02 12.49
CA GLN E 185 -21.37 25.04 12.49
C GLN E 185 -21.18 24.59 11.05
N PHE E 186 -20.00 24.07 10.71
CA PHE E 186 -19.76 23.63 9.34
C PHE E 186 -20.34 22.25 9.06
N LEU E 187 -20.47 21.40 10.08
CA LEU E 187 -20.90 20.02 9.86
C LEU E 187 -22.14 19.86 8.99
N PRO E 188 -23.20 20.67 9.12
CA PRO E 188 -24.32 20.50 8.18
C PRO E 188 -23.93 20.75 6.73
N MET E 189 -23.00 21.67 6.48
CA MET E 189 -22.54 21.87 5.11
C MET E 189 -21.63 20.72 4.65
N ARG E 190 -20.87 20.14 5.57
CA ARG E 190 -20.09 18.95 5.24
C ARG E 190 -21.00 17.80 4.81
N ALA E 191 -22.14 17.64 5.48
CA ALA E 191 -23.13 16.64 5.09
C ALA E 191 -23.77 16.97 3.75
N ASN E 192 -24.06 18.24 3.54
CA ASN E 192 -24.58 18.68 2.25
C ASN E 192 -23.60 18.37 1.13
N LEU E 193 -22.31 18.65 1.36
CA LEU E 193 -21.27 18.31 0.39
C LEU E 193 -21.31 16.83 0.06
N ASP E 194 -21.52 15.97 1.06
CA ASP E 194 -21.62 14.54 0.81
C ASP E 194 -22.76 14.22 -0.15
N LEU E 195 -23.94 14.79 0.11
CA LEU E 195 -25.09 14.54 -0.75
C LEU E 195 -24.86 15.03 -2.17
N LEU E 196 -24.18 16.17 -2.33
CA LEU E 196 -23.99 16.76 -3.65
C LEU E 196 -22.92 16.05 -4.47
N GLY E 197 -22.14 15.15 -3.87
CA GLY E 197 -21.18 14.39 -4.65
C GLY E 197 -19.75 14.46 -4.21
N TRP E 198 -19.46 15.11 -3.08
CA TRP E 198 -18.10 15.20 -2.57
C TRP E 198 -17.84 14.29 -1.36
N SER E 199 -18.63 13.21 -1.22
CA SER E 199 -18.53 12.40 -0.01
C SER E 199 -17.15 11.76 0.16
N GLU E 200 -16.40 11.56 -0.91
CA GLU E 200 -15.09 10.96 -0.81
C GLU E 200 -13.96 12.00 -0.76
N ILE E 201 -14.29 13.29 -0.70
CA ILE E 201 -13.33 14.36 -0.86
C ILE E 201 -13.27 15.16 0.43
N ASP E 202 -12.08 15.29 0.99
CA ASP E 202 -11.83 16.28 2.04
C ASP E 202 -11.66 17.63 1.34
N ILE E 203 -12.67 18.49 1.44
CA ILE E 203 -12.69 19.70 0.65
C ILE E 203 -11.57 20.66 1.07
N PHE E 204 -10.97 20.47 2.24
CA PHE E 204 -9.92 21.36 2.72
C PHE E 204 -8.52 20.82 2.49
N ALA E 205 -8.40 19.61 1.96
CA ALA E 205 -7.08 19.04 1.78
C ALA E 205 -6.36 19.68 0.60
N HIS E 206 -5.03 19.63 0.63
CA HIS E 206 -4.26 20.07 -0.51
C HIS E 206 -4.57 19.24 -1.75
N SER E 207 -4.65 17.92 -1.60
CA SER E 207 -5.02 17.06 -2.72
C SER E 207 -5.51 15.69 -2.24
N THR F 3 -12.30 18.05 -41.77
CA THR F 3 -13.32 17.33 -41.02
C THR F 3 -14.60 18.17 -40.88
N GLU F 4 -15.68 17.74 -41.53
CA GLU F 4 -16.95 18.45 -41.38
C GLU F 4 -17.55 18.13 -40.03
N ILE F 5 -17.94 19.18 -39.30
CA ILE F 5 -18.49 19.03 -37.96
C ILE F 5 -19.72 19.91 -37.88
N ARG F 6 -20.88 19.29 -37.70
CA ARG F 6 -22.15 20.00 -37.59
C ARG F 6 -22.47 20.19 -36.12
N VAL F 7 -22.56 21.45 -35.68
CA VAL F 7 -22.82 21.78 -34.28
C VAL F 7 -24.29 22.13 -34.15
N HIS F 8 -24.99 21.44 -33.25
CA HIS F 8 -26.41 21.69 -33.03
C HIS F 8 -26.67 22.05 -31.58
N GLN F 9 -27.76 22.76 -31.35
CA GLN F 9 -28.23 23.07 -30.01
C GLN F 9 -29.35 22.11 -29.64
N GLY F 10 -29.20 21.43 -28.52
CA GLY F 10 -30.26 20.56 -28.02
C GLY F 10 -30.44 19.19 -28.64
N ASP F 11 -30.55 19.10 -29.96
CA ASP F 11 -30.89 17.85 -30.63
C ASP F 11 -30.44 17.91 -32.08
N LEU F 12 -30.29 16.74 -32.70
CA LEU F 12 -30.16 16.69 -34.15
C LEU F 12 -31.40 17.27 -34.80
N PRO F 13 -31.26 17.95 -35.94
CA PRO F 13 -32.46 18.44 -36.64
C PRO F 13 -33.30 17.32 -37.24
N ASN F 14 -32.68 16.22 -37.64
CA ASN F 14 -33.37 15.06 -38.20
C ASN F 14 -32.37 13.90 -38.24
N LEU F 15 -32.86 12.73 -38.63
CA LEU F 15 -32.04 11.52 -38.67
C LEU F 15 -31.57 11.18 -40.08
N ASP F 16 -31.54 12.17 -40.98
CA ASP F 16 -31.21 11.90 -42.37
C ASP F 16 -29.82 11.31 -42.53
N ASN F 17 -28.88 11.70 -41.69
CA ASN F 17 -27.51 11.19 -41.79
C ASN F 17 -27.29 9.93 -40.99
N TYR F 18 -28.34 9.37 -40.37
CA TYR F 18 -28.18 8.21 -39.49
C TYR F 18 -29.17 7.10 -39.83
N ARG F 19 -29.49 6.94 -41.11
CA ARG F 19 -30.20 5.75 -41.58
C ARG F 19 -29.16 4.65 -41.84
N ILE F 20 -28.56 4.18 -40.74
CA ILE F 20 -27.41 3.28 -40.78
C ILE F 20 -27.60 2.20 -39.71
N ASP F 21 -26.73 1.19 -39.75
CA ASP F 21 -26.85 0.09 -38.80
C ASP F 21 -26.00 0.25 -37.56
N ALA F 22 -25.06 1.18 -37.54
CA ALA F 22 -24.26 1.42 -36.34
C ALA F 22 -23.79 2.87 -36.31
N VAL F 23 -23.87 3.49 -35.13
CA VAL F 23 -23.52 4.89 -34.94
C VAL F 23 -22.50 4.99 -33.81
N ALA F 24 -21.50 5.85 -34.00
CA ALA F 24 -20.51 6.12 -32.96
C ALA F 24 -21.03 7.22 -32.05
N VAL F 25 -20.90 7.01 -30.73
CA VAL F 25 -21.48 7.90 -29.74
C VAL F 25 -20.41 8.26 -28.72
N ASP F 26 -20.40 9.53 -28.29
CA ASP F 26 -19.56 9.97 -27.19
C ASP F 26 -20.27 11.12 -26.48
N THR F 27 -19.80 11.43 -25.26
CA THR F 27 -20.38 12.50 -24.48
C THR F 27 -19.28 13.33 -23.82
N GLU F 28 -19.59 14.59 -23.58
CA GLU F 28 -18.80 15.45 -22.71
C GLU F 28 -19.71 15.93 -21.58
N THR F 29 -19.13 16.04 -20.39
CA THR F 29 -19.85 16.33 -19.16
C THR F 29 -18.99 17.27 -18.33
N LEU F 30 -19.49 17.65 -17.16
CA LEU F 30 -18.66 18.41 -16.21
C LEU F 30 -17.90 17.52 -15.26
N GLY F 31 -18.00 16.20 -15.42
CA GLY F 31 -17.22 15.29 -14.60
C GLY F 31 -17.77 13.89 -14.68
N LEU F 32 -17.19 13.02 -13.86
CA LEU F 32 -17.47 11.59 -13.92
C LEU F 32 -18.64 11.15 -13.06
N GLN F 33 -19.35 12.06 -12.38
CA GLN F 33 -20.42 11.67 -11.48
C GLN F 33 -21.78 12.11 -12.01
N PRO F 34 -22.54 11.22 -12.66
CA PRO F 34 -23.75 11.67 -13.38
C PRO F 34 -24.77 12.35 -12.50
N HIS F 35 -24.82 12.02 -11.21
CA HIS F 35 -25.79 12.68 -10.34
C HIS F 35 -25.40 14.11 -10.00
N ARG F 36 -24.14 14.47 -10.17
CA ARG F 36 -23.66 15.82 -9.92
C ARG F 36 -23.34 16.58 -11.19
N ASP F 37 -22.76 15.90 -12.19
CA ASP F 37 -22.09 16.54 -13.32
C ASP F 37 -22.94 16.35 -14.58
N ARG F 38 -23.46 17.45 -15.11
CA ARG F 38 -24.47 17.35 -16.16
C ARG F 38 -23.87 16.97 -17.50
N LEU F 39 -24.69 16.31 -18.32
CA LEU F 39 -24.33 16.10 -19.71
C LEU F 39 -24.26 17.43 -20.43
N CYS F 40 -23.14 17.68 -21.12
CA CYS F 40 -22.92 18.95 -21.78
C CYS F 40 -22.93 18.86 -23.29
N VAL F 41 -22.42 17.76 -23.84
CA VAL F 41 -22.27 17.59 -25.27
C VAL F 41 -22.54 16.12 -25.58
N VAL F 42 -23.22 15.86 -26.69
CA VAL F 42 -23.32 14.52 -27.25
C VAL F 42 -22.77 14.57 -28.66
N GLN F 43 -21.89 13.63 -28.99
CA GLN F 43 -21.26 13.57 -30.30
C GLN F 43 -21.64 12.27 -30.99
N LEU F 44 -21.89 12.36 -32.29
CA LEU F 44 -22.29 11.23 -33.11
C LEU F 44 -21.49 11.22 -34.40
N SER F 45 -21.16 10.04 -34.90
CA SER F 45 -20.68 9.93 -36.26
C SER F 45 -21.23 8.66 -36.91
N SER F 46 -21.58 8.79 -38.18
CA SER F 46 -21.96 7.65 -39.02
C SER F 46 -20.76 6.87 -39.54
N GLY F 47 -19.55 7.38 -39.33
CA GLY F 47 -18.36 6.75 -39.87
C GLY F 47 -17.91 7.28 -41.21
N ASP F 48 -18.62 8.25 -41.79
CA ASP F 48 -18.20 8.84 -43.05
C ASP F 48 -17.19 9.97 -42.86
N GLY F 49 -16.54 10.06 -41.71
CA GLY F 49 -15.57 11.12 -41.48
C GLY F 49 -16.16 12.45 -41.09
N THR F 50 -17.48 12.55 -40.96
CA THR F 50 -18.12 13.74 -40.43
C THR F 50 -18.67 13.43 -39.04
N ALA F 51 -19.00 14.48 -38.29
CA ALA F 51 -19.53 14.33 -36.95
C ALA F 51 -20.62 15.37 -36.69
N ASP F 52 -21.54 15.01 -35.81
CA ASP F 52 -22.50 15.97 -35.26
C ASP F 52 -22.16 16.19 -33.79
N VAL F 53 -22.03 17.45 -33.41
CA VAL F 53 -21.74 17.83 -32.02
C VAL F 53 -22.99 18.54 -31.50
N ILE F 54 -23.64 17.95 -30.51
CA ILE F 54 -24.89 18.47 -29.98
C ILE F 54 -24.63 19.05 -28.60
N GLN F 55 -24.88 20.35 -28.46
CA GLN F 55 -24.75 21.01 -27.16
C GLN F 55 -26.03 20.79 -26.35
N ILE F 56 -25.87 20.23 -25.16
CA ILE F 56 -26.99 19.92 -24.28
C ILE F 56 -27.09 21.00 -23.23
N ALA F 57 -28.27 21.58 -23.07
CA ALA F 57 -28.44 22.69 -22.15
C ALA F 57 -28.63 22.19 -20.73
N LYS F 58 -28.33 23.07 -19.78
CA LYS F 58 -28.58 22.74 -18.38
C LYS F 58 -30.06 22.49 -18.18
N GLY F 59 -30.38 21.38 -17.50
CA GLY F 59 -31.77 21.07 -17.23
C GLY F 59 -32.56 20.52 -18.39
N GLN F 60 -31.91 20.24 -19.52
CA GLN F 60 -32.62 19.71 -20.67
C GLN F 60 -33.04 18.26 -20.43
N LYS F 61 -34.31 17.96 -20.68
CA LYS F 61 -34.88 16.66 -20.36
C LYS F 61 -35.11 15.77 -21.57
N SER F 62 -35.15 16.31 -22.79
CA SER F 62 -35.44 15.49 -23.95
C SER F 62 -34.53 15.89 -25.11
N ALA F 63 -34.41 14.96 -26.05
CA ALA F 63 -33.66 15.09 -27.29
C ALA F 63 -34.26 14.07 -28.26
N PRO F 64 -35.45 14.35 -28.78
CA PRO F 64 -36.25 13.29 -29.44
C PRO F 64 -35.52 12.50 -30.50
N ASN F 65 -34.78 13.18 -31.39
CA ASN F 65 -34.12 12.47 -32.49
C ASN F 65 -32.96 11.64 -31.98
N LEU F 66 -32.10 12.23 -31.16
CA LEU F 66 -31.03 11.48 -30.53
C LEU F 66 -31.57 10.26 -29.81
N VAL F 67 -32.64 10.45 -29.02
CA VAL F 67 -33.15 9.36 -28.20
C VAL F 67 -33.79 8.27 -29.08
N ARG F 68 -34.39 8.65 -30.21
CA ARG F 68 -34.84 7.65 -31.18
C ARG F 68 -33.67 6.78 -31.62
N LEU F 69 -32.53 7.40 -31.92
CA LEU F 69 -31.32 6.66 -32.26
C LEU F 69 -30.89 5.73 -31.14
N LEU F 70 -30.87 6.25 -29.91
CA LEU F 70 -30.43 5.43 -28.78
C LEU F 70 -31.38 4.29 -28.48
N SER F 71 -32.64 4.40 -28.90
CA SER F 71 -33.67 3.40 -28.67
C SER F 71 -33.77 2.36 -29.78
N ASP F 72 -33.14 2.60 -30.93
CA ASP F 72 -33.35 1.75 -32.10
C ASP F 72 -32.57 0.45 -31.94
N ARG F 73 -33.29 -0.67 -31.79
CA ARG F 73 -32.64 -1.97 -31.66
C ARG F 73 -31.90 -2.37 -32.93
N ASP F 74 -32.25 -1.79 -34.07
CA ASP F 74 -31.58 -2.12 -35.32
C ASP F 74 -30.27 -1.37 -35.52
N ILE F 75 -29.88 -0.52 -34.57
CA ILE F 75 -28.72 0.34 -34.74
C ILE F 75 -27.80 0.13 -33.55
N THR F 76 -26.61 -0.39 -33.80
CA THR F 76 -25.65 -0.62 -32.72
C THR F 76 -24.98 0.70 -32.35
N LYS F 77 -25.04 1.04 -31.07
CA LYS F 77 -24.34 2.20 -30.56
C LYS F 77 -22.91 1.81 -30.17
N ILE F 78 -21.93 2.45 -30.81
CA ILE F 78 -20.51 2.21 -30.54
C ILE F 78 -20.00 3.29 -29.60
N PHE F 79 -19.36 2.87 -28.51
CA PHE F 79 -18.71 3.76 -27.55
C PHE F 79 -17.29 3.29 -27.31
N HIS F 80 -16.45 4.19 -26.78
CA HIS F 80 -15.25 3.79 -26.06
C HIS F 80 -15.48 3.98 -24.58
N PHE F 81 -15.48 2.87 -23.84
CA PHE F 81 -15.91 2.84 -22.44
C PHE F 81 -17.35 3.34 -22.33
N GLY F 82 -18.24 2.57 -22.95
CA GLY F 82 -19.65 2.92 -22.94
C GLY F 82 -20.27 2.91 -21.57
N ARG F 83 -19.64 2.25 -20.59
CA ARG F 83 -20.15 2.22 -19.23
C ARG F 83 -20.46 3.62 -18.73
N PHE F 84 -19.59 4.59 -19.03
CA PHE F 84 -19.84 5.96 -18.59
C PHE F 84 -20.93 6.63 -19.42
N ASP F 85 -20.80 6.59 -20.75
CA ASP F 85 -21.77 7.27 -21.62
C ASP F 85 -23.17 6.71 -21.45
N LEU F 86 -23.30 5.39 -21.30
CA LEU F 86 -24.62 4.81 -21.09
C LEU F 86 -25.25 5.35 -19.82
N ALA F 87 -24.45 5.48 -18.76
CA ALA F 87 -24.97 5.98 -17.50
C ALA F 87 -25.48 7.41 -17.65
N ILE F 88 -24.67 8.31 -18.22
CA ILE F 88 -25.08 9.71 -18.25
C ILE F 88 -26.22 9.92 -19.25
N LEU F 89 -26.22 9.18 -20.37
CA LEU F 89 -27.33 9.32 -21.31
C LEU F 89 -28.63 8.82 -20.70
N ALA F 90 -28.60 7.67 -20.03
CA ALA F 90 -29.80 7.15 -19.41
C ALA F 90 -30.25 8.05 -18.27
N HIS F 91 -29.31 8.56 -17.48
CA HIS F 91 -29.68 9.44 -16.38
C HIS F 91 -30.31 10.73 -16.89
N THR F 92 -29.82 11.26 -18.01
CA THR F 92 -30.28 12.56 -18.50
C THR F 92 -31.62 12.45 -19.24
N PHE F 93 -31.72 11.51 -20.18
CA PHE F 93 -32.91 11.45 -21.05
C PHE F 93 -33.87 10.33 -20.71
N GLY F 94 -33.49 9.39 -19.85
CA GLY F 94 -34.41 8.38 -19.38
C GLY F 94 -34.44 7.10 -20.19
N VAL F 95 -33.64 6.98 -21.24
CA VAL F 95 -33.59 5.78 -22.07
C VAL F 95 -32.21 5.15 -21.94
N MET F 96 -32.17 3.85 -21.66
CA MET F 96 -30.92 3.11 -21.63
C MET F 96 -30.75 2.37 -22.94
N PRO F 97 -29.78 2.73 -23.79
CA PRO F 97 -29.56 1.95 -25.02
C PRO F 97 -29.21 0.50 -24.70
N ASP F 98 -29.67 -0.42 -25.53
CA ASP F 98 -29.49 -1.85 -25.22
C ASP F 98 -28.83 -2.65 -26.34
N VAL F 99 -28.35 -2.00 -27.39
CA VAL F 99 -27.62 -2.67 -28.47
C VAL F 99 -26.33 -1.86 -28.64
N VAL F 100 -25.24 -2.33 -28.02
CA VAL F 100 -24.04 -1.52 -27.89
C VAL F 100 -22.79 -2.31 -28.27
N PHE F 101 -21.71 -1.56 -28.54
CA PHE F 101 -20.38 -2.11 -28.76
C PHE F 101 -19.40 -1.17 -28.08
N CYS F 102 -18.49 -1.72 -27.28
CA CYS F 102 -17.52 -0.93 -26.53
C CYS F 102 -16.11 -1.30 -26.96
N THR F 103 -15.36 -0.33 -27.49
CA THR F 103 -13.99 -0.56 -27.91
C THR F 103 -13.05 -0.82 -26.74
N LYS F 104 -13.37 -0.34 -25.53
CA LYS F 104 -12.50 -0.65 -24.40
C LYS F 104 -12.64 -2.12 -24.00
N ILE F 105 -13.87 -2.61 -23.85
CA ILE F 105 -14.06 -4.02 -23.57
C ILE F 105 -13.46 -4.87 -24.69
N ALA F 106 -13.67 -4.48 -25.95
CA ALA F 106 -13.06 -5.23 -27.06
C ALA F 106 -11.54 -5.25 -26.96
N SER F 107 -10.92 -4.12 -26.61
CA SER F 107 -9.48 -4.06 -26.44
C SER F 107 -9.02 -5.01 -25.32
N LYS F 108 -9.76 -5.04 -24.21
CA LYS F 108 -9.35 -5.89 -23.10
C LYS F 108 -9.46 -7.36 -23.43
N LEU F 109 -10.34 -7.71 -24.37
CA LEU F 109 -10.55 -9.08 -24.83
C LEU F 109 -9.61 -9.50 -25.95
N THR F 110 -8.95 -8.55 -26.61
CA THR F 110 -8.13 -8.87 -27.77
C THR F 110 -6.70 -8.34 -27.67
N ARG F 111 -6.49 -7.16 -27.10
CA ARG F 111 -5.14 -6.61 -26.99
C ARG F 111 -4.49 -7.09 -25.70
N THR F 112 -4.34 -8.41 -25.65
CA THR F 112 -3.82 -9.12 -24.49
C THR F 112 -2.33 -8.94 -24.31
N TYR F 113 -1.68 -8.26 -25.26
CA TYR F 113 -0.24 -8.02 -25.22
C TYR F 113 0.10 -6.67 -24.62
N THR F 114 -0.88 -5.99 -24.02
CA THR F 114 -0.64 -4.72 -23.36
C THR F 114 -1.64 -4.55 -22.24
N ASP F 115 -1.35 -3.61 -21.37
CA ASP F 115 -2.26 -3.25 -20.30
C ASP F 115 -2.82 -1.86 -20.50
N ARG F 116 -2.52 -1.22 -21.62
CA ARG F 116 -2.99 0.12 -21.93
C ARG F 116 -4.14 0.00 -22.91
N HIS F 117 -5.35 0.32 -22.43
CA HIS F 117 -6.57 0.16 -23.23
C HIS F 117 -7.28 1.49 -23.42
N GLY F 118 -6.55 2.61 -23.30
CA GLY F 118 -7.13 3.91 -23.54
C GLY F 118 -7.34 4.21 -25.01
N LEU F 119 -8.28 5.10 -25.28
CA LEU F 119 -8.61 5.42 -26.67
C LEU F 119 -7.40 5.97 -27.41
N LYS F 120 -6.59 6.81 -26.76
CA LYS F 120 -5.40 7.34 -27.41
C LYS F 120 -4.47 6.20 -27.83
N GLU F 121 -4.20 5.27 -26.91
CA GLU F 121 -3.31 4.15 -27.20
C GLU F 121 -3.88 3.28 -28.32
N ILE F 122 -5.16 2.97 -28.26
CA ILE F 122 -5.77 2.11 -29.26
C ILE F 122 -5.70 2.76 -30.64
N CYS F 123 -6.03 4.06 -30.72
CA CYS F 123 -5.99 4.74 -32.01
C CYS F 123 -4.58 4.83 -32.56
N GLY F 124 -3.59 5.07 -31.69
CA GLY F 124 -2.21 5.12 -32.15
C GLY F 124 -1.75 3.77 -32.70
N GLU F 125 -2.09 2.69 -32.01
CA GLU F 125 -1.64 1.36 -32.41
C GLU F 125 -2.40 0.83 -33.62
N LEU F 126 -3.74 0.82 -33.56
CA LEU F 126 -4.53 0.22 -34.63
C LEU F 126 -4.60 1.09 -35.88
N LEU F 127 -4.59 2.42 -35.73
CA LEU F 127 -4.86 3.31 -36.85
C LEU F 127 -3.71 4.26 -37.15
N ASN F 128 -2.63 4.24 -36.37
CA ASN F 128 -1.57 5.23 -36.51
C ASN F 128 -2.16 6.64 -36.55
N VAL F 129 -3.13 6.87 -35.67
CA VAL F 129 -3.82 8.15 -35.53
C VAL F 129 -3.52 8.70 -34.14
N ASN F 130 -3.16 9.98 -34.07
CA ASN F 130 -2.76 10.62 -32.82
C ASN F 130 -3.94 11.41 -32.26
N ILE F 131 -4.47 10.93 -31.13
CA ILE F 131 -5.53 11.63 -30.39
C ILE F 131 -4.87 12.49 -29.32
N SER F 132 -5.29 13.76 -29.22
CA SER F 132 -4.86 14.64 -28.15
C SER F 132 -5.97 14.78 -27.12
N LYS F 133 -5.60 14.69 -25.83
CA LYS F 133 -6.55 14.81 -24.74
C LYS F 133 -6.49 16.18 -24.05
N GLN F 134 -5.91 17.18 -24.71
CA GLN F 134 -5.71 18.47 -24.06
C GLN F 134 -7.04 19.11 -23.66
N GLN F 135 -8.04 19.04 -24.53
CA GLN F 135 -9.31 19.70 -24.26
C GLN F 135 -10.25 18.86 -23.40
N GLN F 136 -9.88 17.62 -23.08
CA GLN F 136 -10.70 16.79 -22.22
C GLN F 136 -11.05 17.50 -20.92
N SER F 137 -10.07 18.13 -20.28
CA SER F 137 -10.30 18.91 -19.07
C SER F 137 -10.49 20.37 -19.45
N SER F 138 -11.72 20.71 -19.84
CA SER F 138 -12.10 22.07 -20.14
C SER F 138 -13.56 22.25 -19.71
N ASP F 139 -14.02 23.49 -19.76
CA ASP F 139 -15.39 23.81 -19.35
C ASP F 139 -16.35 23.39 -20.46
N TRP F 140 -16.88 22.17 -20.35
CA TRP F 140 -17.82 21.70 -21.36
C TRP F 140 -19.21 22.32 -21.24
N ALA F 141 -19.46 23.10 -20.18
CA ALA F 141 -20.73 23.77 -19.98
C ALA F 141 -20.72 25.20 -20.50
N ALA F 142 -19.65 25.60 -21.19
CA ALA F 142 -19.56 26.96 -21.72
C ALA F 142 -20.68 27.22 -22.70
N GLU F 143 -21.24 28.44 -22.64
CA GLU F 143 -22.35 28.79 -23.52
C GLU F 143 -21.94 28.61 -24.98
N THR F 144 -20.77 29.12 -25.34
CA THR F 144 -20.19 28.92 -26.66
C THR F 144 -18.95 28.04 -26.52
N LEU F 145 -18.97 26.88 -27.15
CA LEU F 145 -17.79 26.03 -27.15
C LEU F 145 -16.73 26.63 -28.04
N SER F 146 -15.47 26.44 -27.65
CA SER F 146 -14.35 26.85 -28.49
C SER F 146 -14.22 25.91 -29.69
N ARG F 147 -13.47 26.37 -30.70
CA ARG F 147 -13.17 25.51 -31.84
C ARG F 147 -12.35 24.30 -31.41
N ALA F 148 -11.42 24.50 -30.46
CA ALA F 148 -10.61 23.39 -29.98
C ALA F 148 -11.48 22.33 -29.32
N GLN F 149 -12.46 22.74 -28.51
CA GLN F 149 -13.35 21.79 -27.87
C GLN F 149 -14.17 21.03 -28.91
N ILE F 150 -14.76 21.75 -29.86
CA ILE F 150 -15.59 21.13 -30.89
C ILE F 150 -14.79 20.07 -31.63
N GLU F 151 -13.56 20.40 -32.03
CA GLU F 151 -12.73 19.45 -32.77
C GLU F 151 -12.39 18.24 -31.91
N TYR F 152 -12.02 18.47 -30.64
CA TYR F 152 -11.72 17.35 -29.75
C TYR F 152 -12.94 16.45 -29.58
N ALA F 153 -14.11 17.06 -29.38
CA ALA F 153 -15.32 16.25 -29.15
C ALA F 153 -15.65 15.41 -30.37
N ALA F 154 -15.52 16.01 -31.56
CA ALA F 154 -15.79 15.28 -32.79
C ALA F 154 -14.81 14.14 -33.00
N SER F 155 -13.53 14.36 -32.69
CA SER F 155 -12.51 13.37 -33.00
C SER F 155 -12.65 12.11 -32.14
N ASP F 156 -13.39 12.17 -31.03
CA ASP F 156 -13.62 10.99 -30.21
C ASP F 156 -14.67 10.03 -30.80
N VAL F 157 -15.43 10.43 -31.81
CA VAL F 157 -16.33 9.51 -32.50
C VAL F 157 -15.91 9.24 -33.93
N LEU F 158 -14.98 10.01 -34.49
CA LEU F 158 -14.63 9.84 -35.90
C LEU F 158 -14.02 8.48 -36.19
N TYR F 159 -13.49 7.79 -35.19
CA TYR F 159 -12.68 6.61 -35.45
C TYR F 159 -13.30 5.31 -34.96
N LEU F 160 -14.41 5.37 -34.22
CA LEU F 160 -14.90 4.19 -33.53
C LEU F 160 -15.42 3.13 -34.49
N HIS F 161 -15.88 3.52 -35.69
CA HIS F 161 -16.30 2.53 -36.67
C HIS F 161 -15.12 1.69 -37.14
N ARG F 162 -14.03 2.35 -37.55
CA ARG F 162 -12.84 1.61 -37.97
C ARG F 162 -12.28 0.75 -36.84
N LEU F 163 -12.25 1.28 -35.62
CA LEU F 163 -11.78 0.50 -34.49
C LEU F 163 -12.63 -0.75 -34.30
N LYS F 164 -13.95 -0.59 -34.37
CA LYS F 164 -14.86 -1.73 -34.17
C LYS F 164 -14.62 -2.80 -35.23
N ASP F 165 -14.46 -2.40 -36.49
CA ASP F 165 -14.16 -3.35 -37.57
C ASP F 165 -12.91 -4.17 -37.26
N ILE F 166 -11.87 -3.51 -36.78
CA ILE F 166 -10.63 -4.23 -36.47
C ILE F 166 -10.84 -5.16 -35.27
N PHE F 167 -11.51 -4.69 -34.22
CA PHE F 167 -11.74 -5.54 -33.04
C PHE F 167 -12.58 -6.75 -33.40
N GLU F 168 -13.61 -6.56 -34.24
CA GLU F 168 -14.41 -7.70 -34.67
C GLU F 168 -13.56 -8.73 -35.39
N GLU F 169 -12.60 -8.27 -36.21
CA GLU F 169 -11.66 -9.20 -36.84
C GLU F 169 -10.89 -9.99 -35.79
N ARG F 170 -10.40 -9.31 -34.74
CA ARG F 170 -9.59 -9.99 -33.73
C ARG F 170 -10.45 -10.90 -32.87
N LEU F 171 -11.66 -10.45 -32.52
CA LEU F 171 -12.57 -11.28 -31.75
C LEU F 171 -12.90 -12.56 -32.51
N LYS F 172 -13.04 -12.46 -33.83
CA LYS F 172 -13.27 -13.65 -34.64
C LYS F 172 -12.03 -14.53 -34.68
N ARG F 173 -10.85 -13.93 -34.87
CA ARG F 173 -9.61 -14.70 -34.95
C ARG F 173 -9.36 -15.51 -33.68
N GLU F 174 -9.52 -14.90 -32.51
CA GLU F 174 -9.27 -15.58 -31.25
C GLU F 174 -10.52 -16.26 -30.69
N GLU F 175 -11.61 -16.30 -31.46
CA GLU F 175 -12.80 -17.08 -31.12
C GLU F 175 -13.42 -16.60 -29.82
N ARG F 176 -13.60 -15.28 -29.71
CA ARG F 176 -14.15 -14.68 -28.49
C ARG F 176 -15.42 -13.88 -28.78
N GLU F 177 -16.10 -14.19 -29.88
CA GLU F 177 -17.25 -13.37 -30.28
C GLU F 177 -18.39 -13.47 -29.27
N SER F 178 -18.70 -14.67 -28.80
CA SER F 178 -19.81 -14.80 -27.86
C SER F 178 -19.45 -14.21 -26.50
N VAL F 179 -18.17 -14.25 -26.14
CA VAL F 179 -17.72 -13.61 -24.90
C VAL F 179 -17.99 -12.11 -24.96
N ALA F 180 -17.49 -11.45 -26.02
CA ALA F 180 -17.74 -10.03 -26.18
C ALA F 180 -19.23 -9.73 -26.19
N LYS F 181 -20.02 -10.57 -26.88
CA LYS F 181 -21.45 -10.33 -26.98
C LYS F 181 -22.10 -10.33 -25.59
N ALA F 182 -21.77 -11.31 -24.75
CA ALA F 182 -22.31 -11.32 -23.39
C ALA F 182 -21.87 -10.07 -22.62
N CYS F 183 -20.61 -9.66 -22.77
CA CYS F 183 -20.17 -8.45 -22.08
C CYS F 183 -20.98 -7.24 -22.53
N PHE F 184 -21.18 -7.08 -23.84
CA PHE F 184 -21.95 -5.93 -24.34
C PHE F 184 -23.40 -6.01 -23.88
N GLN F 185 -23.95 -7.23 -23.79
CA GLN F 185 -25.32 -7.41 -23.34
CA GLN F 185 -25.32 -7.38 -23.35
C GLN F 185 -25.50 -6.96 -21.90
N PHE F 186 -24.48 -7.18 -21.06
CA PHE F 186 -24.57 -6.79 -19.66
C PHE F 186 -24.20 -5.33 -19.43
N LEU F 187 -23.45 -4.73 -20.34
CA LEU F 187 -22.96 -3.36 -20.15
C LEU F 187 -24.05 -2.37 -19.76
N PRO F 188 -25.22 -2.32 -20.39
CA PRO F 188 -26.25 -1.36 -19.93
C PRO F 188 -26.63 -1.56 -18.47
N MET F 189 -26.68 -2.80 -18.01
CA MET F 189 -26.99 -3.05 -16.61
C MET F 189 -25.82 -2.67 -15.70
N ARG F 190 -24.59 -2.86 -16.18
CA ARG F 190 -23.43 -2.38 -15.43
C ARG F 190 -23.52 -0.87 -15.23
N ALA F 191 -23.92 -0.15 -16.28
CA ALA F 191 -24.14 1.29 -16.18
C ALA F 191 -25.27 1.61 -15.21
N ASN F 192 -26.36 0.86 -15.28
CA ASN F 192 -27.48 1.08 -14.36
CA ASN F 192 -27.46 1.11 -14.36
C ASN F 192 -27.05 0.85 -12.92
N LEU F 193 -26.26 -0.21 -12.68
CA LEU F 193 -25.73 -0.45 -11.35
C LEU F 193 -24.94 0.75 -10.85
N ASP F 194 -24.17 1.39 -11.74
CA ASP F 194 -23.45 2.60 -11.37
C ASP F 194 -24.42 3.68 -10.92
N LEU F 195 -25.46 3.92 -11.72
CA LEU F 195 -26.44 4.96 -11.39
C LEU F 195 -27.14 4.65 -10.08
N LEU F 196 -27.41 3.38 -9.80
CA LEU F 196 -28.14 3.00 -8.60
C LEU F 196 -27.29 3.02 -7.35
N GLY F 197 -25.97 3.13 -7.45
CA GLY F 197 -25.14 3.26 -6.26
C GLY F 197 -24.03 2.26 -6.07
N TRP F 198 -23.81 1.37 -7.05
CA TRP F 198 -22.73 0.39 -6.98
C TRP F 198 -21.54 0.74 -7.86
N SER F 199 -21.30 2.04 -8.09
CA SER F 199 -20.28 2.42 -9.06
C SER F 199 -18.88 2.02 -8.62
N GLU F 200 -18.62 1.89 -7.31
CA GLU F 200 -17.30 1.48 -6.83
C GLU F 200 -17.21 -0.03 -6.57
N ILE F 201 -18.19 -0.81 -6.99
CA ILE F 201 -18.27 -2.21 -6.62
C ILE F 201 -18.20 -3.05 -7.89
N ASP F 202 -17.24 -3.97 -7.94
CA ASP F 202 -17.28 -5.06 -8.91
C ASP F 202 -18.29 -6.08 -8.39
N ILE F 203 -19.50 -6.06 -8.94
CA ILE F 203 -20.57 -6.89 -8.41
C ILE F 203 -20.26 -8.38 -8.47
N PHE F 204 -19.31 -8.77 -9.33
CA PHE F 204 -18.94 -10.17 -9.48
C PHE F 204 -17.76 -10.60 -8.62
N ALA F 205 -17.12 -9.68 -7.90
CA ALA F 205 -15.95 -10.04 -7.12
C ALA F 205 -16.33 -10.81 -5.86
N HIS F 206 -15.38 -11.63 -5.38
CA HIS F 206 -15.57 -12.31 -4.10
C HIS F 206 -15.71 -11.30 -2.98
N SER F 207 -14.91 -10.24 -3.02
CA SER F 207 -14.97 -9.17 -2.05
C SER F 207 -14.22 -7.96 -2.58
N THR G 3 38.91 20.21 -13.26
CA THR G 3 39.56 19.75 -14.48
C THR G 3 40.69 18.74 -14.17
N GLU G 4 41.56 19.04 -13.21
CA GLU G 4 42.70 18.17 -12.94
C GLU G 4 42.30 17.03 -12.01
N ILE G 5 42.43 15.81 -12.50
CA ILE G 5 42.09 14.60 -11.78
C ILE G 5 43.31 13.70 -11.77
N ARG G 6 43.80 13.37 -10.59
CA ARG G 6 44.95 12.49 -10.43
C ARG G 6 44.44 11.09 -10.09
N VAL G 7 44.76 10.09 -10.92
CA VAL G 7 44.30 8.73 -10.72
C VAL G 7 45.42 7.90 -10.11
N HIS G 8 45.09 7.13 -9.07
CA HIS G 8 46.08 6.36 -8.32
C HIS G 8 45.63 4.91 -8.23
N GLN G 9 46.60 4.01 -8.10
CA GLN G 9 46.32 2.60 -7.84
C GLN G 9 46.59 2.31 -6.37
N GLY G 10 45.57 1.87 -5.65
CA GLY G 10 45.75 1.45 -4.26
C GLY G 10 45.70 2.51 -3.17
N ASP G 11 46.45 3.59 -3.32
CA ASP G 11 46.59 4.59 -2.28
C ASP G 11 47.15 5.87 -2.87
N LEU G 12 46.94 6.99 -2.18
CA LEU G 12 47.72 8.19 -2.45
C LEU G 12 49.21 7.89 -2.29
N PRO G 13 50.08 8.64 -2.97
CA PRO G 13 51.53 8.44 -2.76
C PRO G 13 52.00 9.07 -1.47
N ASN G 14 51.28 10.10 -1.03
CA ASN G 14 51.61 10.90 0.16
C ASN G 14 50.39 11.77 0.46
N LEU G 15 50.48 12.52 1.55
CA LEU G 15 49.39 13.42 1.94
C LEU G 15 49.74 14.88 1.70
N ASP G 16 50.70 15.17 0.81
CA ASP G 16 51.16 16.53 0.60
C ASP G 16 50.02 17.47 0.24
N ASN G 17 49.00 16.97 -0.44
CA ASN G 17 47.89 17.83 -0.84
C ASN G 17 46.79 17.92 0.20
N TYR G 18 46.97 17.31 1.37
CA TYR G 18 45.90 17.17 2.35
C TYR G 18 46.37 17.60 3.73
N ARG G 19 47.21 18.62 3.78
CA ARG G 19 47.51 19.33 5.02
C ARG G 19 46.48 20.45 5.19
N ILE G 20 45.23 20.03 5.42
CA ILE G 20 44.08 20.93 5.40
C ILE G 20 43.13 20.60 6.54
N ASP G 21 42.19 21.53 6.78
CA ASP G 21 41.19 21.40 7.84
CA ASP G 21 41.23 21.36 7.86
C ASP G 21 40.11 20.38 7.51
N ALA G 22 39.81 20.20 6.22
CA ALA G 22 38.67 19.37 5.86
C ALA G 22 38.94 18.77 4.50
N VAL G 23 38.55 17.51 4.32
CA VAL G 23 38.72 16.80 3.05
C VAL G 23 37.39 16.20 2.59
N ALA G 24 37.10 16.38 1.31
CA ALA G 24 35.92 15.77 0.71
C ALA G 24 36.20 14.32 0.30
N VAL G 25 35.28 13.41 0.65
CA VAL G 25 35.47 11.97 0.45
C VAL G 25 34.23 11.38 -0.22
N ASP G 26 34.45 10.47 -1.18
CA ASP G 26 33.37 9.67 -1.75
C ASP G 26 33.95 8.31 -2.11
N THR G 27 33.06 7.34 -2.38
CA THR G 27 33.47 5.98 -2.75
C THR G 27 32.58 5.47 -3.89
N GLU G 28 33.13 4.56 -4.69
CA GLU G 28 32.36 3.78 -5.65
C GLU G 28 32.54 2.30 -5.31
N THR G 29 31.49 1.51 -5.52
CA THR G 29 31.46 0.12 -5.11
C THR G 29 30.77 -0.69 -6.19
N LEU G 30 30.68 -2.00 -5.97
CA LEU G 30 29.86 -2.82 -6.85
C LEU G 30 28.40 -2.84 -6.42
N GLY G 31 28.02 -2.11 -5.38
CA GLY G 31 26.64 -2.10 -4.96
C GLY G 31 26.52 -1.56 -3.54
N LEU G 32 25.32 -1.71 -2.97
CA LEU G 32 24.99 -1.06 -1.72
C LEU G 32 25.20 -1.92 -0.48
N GLN G 33 25.61 -3.19 -0.65
CA GLN G 33 25.71 -4.13 0.46
C GLN G 33 27.17 -4.41 0.75
N PRO G 34 27.75 -3.80 1.79
CA PRO G 34 29.20 -3.86 1.94
C PRO G 34 29.74 -5.27 2.15
N HIS G 35 28.94 -6.19 2.72
CA HIS G 35 29.42 -7.56 2.90
C HIS G 35 29.49 -8.33 1.59
N ARG G 36 28.80 -7.87 0.55
CA ARG G 36 28.83 -8.50 -0.78
C ARG G 36 29.59 -7.70 -1.81
N ASP G 37 29.50 -6.37 -1.76
CA ASP G 37 29.87 -5.47 -2.85
C ASP G 37 31.13 -4.70 -2.44
N ARG G 38 32.24 -5.01 -3.10
CA ARG G 38 33.54 -4.53 -2.65
C ARG G 38 33.72 -3.05 -2.96
N LEU G 39 34.56 -2.41 -2.15
CA LEU G 39 34.99 -1.06 -2.44
C LEU G 39 35.85 -1.08 -3.71
N CYS G 40 35.53 -0.21 -4.65
CA CYS G 40 36.23 -0.15 -5.94
C CYS G 40 37.04 1.12 -6.13
N VAL G 41 36.56 2.25 -5.62
CA VAL G 41 37.21 3.54 -5.85
C VAL G 41 37.00 4.38 -4.62
N VAL G 42 38.04 5.12 -4.21
CA VAL G 42 37.91 6.17 -3.21
C VAL G 42 38.32 7.47 -3.88
N GLN G 43 37.53 8.53 -3.68
CA GLN G 43 37.80 9.83 -4.26
C GLN G 43 37.96 10.85 -3.15
N LEU G 44 38.90 11.77 -3.34
CA LEU G 44 39.22 12.81 -2.38
C LEU G 44 39.36 14.14 -3.11
N SER G 45 38.98 15.22 -2.44
CA SER G 45 39.32 16.56 -2.91
C SER G 45 39.66 17.45 -1.72
N SER G 46 40.66 18.30 -1.91
CA SER G 46 41.01 19.32 -0.94
C SER G 46 40.12 20.55 -1.05
N GLY G 47 39.31 20.66 -2.09
CA GLY G 47 38.49 21.84 -2.32
C GLY G 47 39.11 22.86 -3.25
N ASP G 48 40.28 22.57 -3.82
CA ASP G 48 40.94 23.47 -4.75
C ASP G 48 40.52 23.23 -6.20
N GLY G 49 39.47 22.46 -6.43
CA GLY G 49 39.03 22.21 -7.78
C GLY G 49 39.73 21.07 -8.47
N THR G 50 40.53 20.30 -7.75
CA THR G 50 41.16 19.09 -8.25
C THR G 50 40.72 17.91 -7.38
N ALA G 51 40.95 16.70 -7.88
CA ALA G 51 40.54 15.51 -7.15
C ALA G 51 41.55 14.39 -7.34
N ASP G 52 41.63 13.52 -6.34
CA ASP G 52 42.36 12.28 -6.43
C ASP G 52 41.37 11.14 -6.53
N VAL G 53 41.58 10.24 -7.47
CA VAL G 53 40.71 9.10 -7.69
C VAL G 53 41.56 7.85 -7.49
N ILE G 54 41.24 7.07 -6.45
CA ILE G 54 42.06 5.94 -6.04
C ILE G 54 41.32 4.66 -6.37
N GLN G 55 41.86 3.88 -7.30
CA GLN G 55 41.32 2.55 -7.59
C GLN G 55 41.73 1.58 -6.49
N ILE G 56 40.75 0.91 -5.92
CA ILE G 56 40.97 -0.09 -4.87
C ILE G 56 40.87 -1.47 -5.52
N ALA G 57 41.85 -2.32 -5.26
CA ALA G 57 41.87 -3.64 -5.87
C ALA G 57 41.00 -4.60 -5.09
N LYS G 58 40.52 -5.63 -5.78
CA LYS G 58 39.84 -6.74 -5.09
C LYS G 58 40.73 -7.30 -3.99
N GLY G 59 40.17 -7.48 -2.80
CA GLY G 59 40.90 -8.05 -1.69
C GLY G 59 41.91 -7.13 -1.03
N GLN G 60 42.02 -5.87 -1.45
CA GLN G 60 42.95 -4.94 -0.85
C GLN G 60 42.55 -4.64 0.59
N LYS G 61 43.50 -4.70 1.52
CA LYS G 61 43.19 -4.54 2.93
C LYS G 61 43.78 -3.30 3.57
N SER G 62 44.78 -2.67 2.96
CA SER G 62 45.37 -1.47 3.53
C SER G 62 45.53 -0.39 2.47
N ALA G 63 45.61 0.84 2.94
CA ALA G 63 45.83 2.04 2.15
C ALA G 63 46.34 3.08 3.14
N PRO G 64 47.61 2.98 3.53
CA PRO G 64 48.07 3.68 4.74
C PRO G 64 47.93 5.19 4.69
N ASN G 65 48.17 5.81 3.53
CA ASN G 65 48.03 7.27 3.45
C ASN G 65 46.56 7.67 3.55
N LEU G 66 45.71 7.04 2.73
CA LEU G 66 44.28 7.30 2.82
C LEU G 66 43.77 7.09 4.24
N VAL G 67 44.18 5.99 4.86
CA VAL G 67 43.67 5.64 6.19
C VAL G 67 44.20 6.62 7.24
N ARG G 68 45.46 7.07 7.11
CA ARG G 68 45.95 8.11 8.01
C ARG G 68 45.07 9.36 7.92
N LEU G 69 44.70 9.75 6.70
CA LEU G 69 43.75 10.85 6.52
C LEU G 69 42.44 10.59 7.25
N LEU G 70 41.87 9.39 7.04
CA LEU G 70 40.55 9.07 7.59
C LEU G 70 40.56 8.99 9.11
N SER G 71 41.70 8.63 9.70
CA SER G 71 41.82 8.52 11.15
C SER G 71 42.17 9.83 11.82
N ASP G 72 42.53 10.87 11.06
CA ASP G 72 43.09 12.08 11.64
C ASP G 72 41.95 12.89 12.25
N ARG G 73 41.95 13.01 13.59
CA ARG G 73 40.90 13.73 14.29
CA ARG G 73 40.89 13.73 14.26
C ARG G 73 40.93 15.22 14.00
N ASP G 74 42.02 15.75 13.44
CA ASP G 74 42.11 17.17 13.16
C ASP G 74 41.56 17.53 11.78
N ILE G 75 41.14 16.55 10.98
CA ILE G 75 40.63 16.83 9.64
C ILE G 75 39.21 16.29 9.56
N THR G 76 38.26 17.18 9.26
CA THR G 76 36.89 16.76 9.06
C THR G 76 36.72 16.12 7.70
N LYS G 77 36.17 14.90 7.66
CA LYS G 77 35.84 14.22 6.42
C LYS G 77 34.42 14.61 6.01
N ILE G 78 34.29 15.19 4.80
CA ILE G 78 33.00 15.64 4.26
C ILE G 78 32.49 14.59 3.29
N PHE G 79 31.25 14.14 3.51
CA PHE G 79 30.59 13.20 2.61
C PHE G 79 29.24 13.74 2.21
N HIS G 80 28.70 13.25 1.10
CA HIS G 80 27.27 13.31 0.87
C HIS G 80 26.68 11.93 1.13
N PHE G 81 25.82 11.84 2.15
CA PHE G 81 25.30 10.59 2.67
C PHE G 81 26.45 9.69 3.13
N GLY G 82 27.19 10.21 4.13
CA GLY G 82 28.34 9.48 4.63
C GLY G 82 28.00 8.18 5.32
N ARG G 83 26.73 7.99 5.70
CA ARG G 83 26.32 6.71 6.27
C ARG G 83 26.79 5.55 5.42
N PHE G 84 26.70 5.68 4.10
CA PHE G 84 27.15 4.58 3.24
C PHE G 84 28.68 4.52 3.18
N ASP G 85 29.33 5.65 2.86
CA ASP G 85 30.78 5.66 2.69
C ASP G 85 31.50 5.19 3.95
N LEU G 86 31.03 5.64 5.11
CA LEU G 86 31.64 5.24 6.37
C LEU G 86 31.60 3.73 6.53
N ALA G 87 30.46 3.10 6.20
CA ALA G 87 30.34 1.66 6.37
C ALA G 87 31.31 0.91 5.46
N ILE G 88 31.38 1.28 4.19
CA ILE G 88 32.23 0.49 3.30
C ILE G 88 33.71 0.79 3.58
N LEU G 89 34.03 2.01 4.00
CA LEU G 89 35.42 2.31 4.34
C LEU G 89 35.86 1.53 5.58
N ALA G 90 35.06 1.59 6.65
CA ALA G 90 35.40 0.86 7.87
C ALA G 90 35.43 -0.64 7.62
N HIS G 91 34.49 -1.15 6.80
CA HIS G 91 34.47 -2.57 6.53
C HIS G 91 35.72 -3.00 5.78
N THR G 92 36.22 -2.15 4.88
CA THR G 92 37.32 -2.55 4.01
C THR G 92 38.67 -2.36 4.69
N PHE G 93 38.88 -1.23 5.37
CA PHE G 93 40.18 -0.92 5.91
C PHE G 93 40.28 -1.04 7.42
N GLY G 94 39.15 -1.25 8.10
CA GLY G 94 39.17 -1.51 9.53
C GLY G 94 39.16 -0.27 10.40
N VAL G 95 39.05 0.91 9.82
CA VAL G 95 39.07 2.16 10.57
C VAL G 95 37.78 2.93 10.29
N MET G 96 37.09 3.33 11.34
CA MET G 96 35.88 4.12 11.19
C MET G 96 36.23 5.57 11.46
N PRO G 97 36.23 6.45 10.44
CA PRO G 97 36.41 7.88 10.72
C PRO G 97 35.36 8.35 11.71
N ASP G 98 35.75 9.27 12.61
CA ASP G 98 34.81 9.78 13.60
C ASP G 98 34.78 11.30 13.69
N VAL G 99 35.27 12.01 12.68
CA VAL G 99 35.12 13.48 12.58
C VAL G 99 34.61 13.75 11.17
N VAL G 100 33.29 13.92 11.04
CA VAL G 100 32.66 13.92 9.72
C VAL G 100 31.64 15.04 9.63
N PHE G 101 31.33 15.40 8.39
CA PHE G 101 30.24 16.31 8.03
C PHE G 101 29.51 15.64 6.88
N CYS G 102 28.17 15.61 6.96
CA CYS G 102 27.38 14.99 5.89
C CYS G 102 26.45 16.04 5.30
N THR G 103 26.58 16.27 4.00
CA THR G 103 25.75 17.26 3.33
C THR G 103 24.31 16.80 3.18
N LYS G 104 24.04 15.49 3.22
CA LYS G 104 22.65 15.06 3.14
C LYS G 104 21.92 15.34 4.43
N ILE G 105 22.51 14.96 5.56
CA ILE G 105 21.94 15.34 6.85
C ILE G 105 21.82 16.85 6.95
N ALA G 106 22.87 17.58 6.52
CA ALA G 106 22.83 19.03 6.60
C ALA G 106 21.70 19.61 5.74
N SER G 107 21.48 19.04 4.56
CA SER G 107 20.35 19.47 3.73
C SER G 107 19.02 19.19 4.41
N LYS G 108 18.89 18.03 5.06
CA LYS G 108 17.64 17.70 5.72
C LYS G 108 17.36 18.60 6.92
N LEU G 109 18.40 19.18 7.54
CA LEU G 109 18.21 20.11 8.65
C LEU G 109 18.06 21.56 8.21
N THR G 110 18.26 21.88 6.94
CA THR G 110 18.23 23.28 6.51
C THR G 110 17.34 23.54 5.30
N ARG G 111 17.31 22.63 4.34
CA ARG G 111 16.49 22.81 3.14
C ARG G 111 15.10 22.24 3.40
N THR G 112 14.45 22.82 4.40
CA THR G 112 13.15 22.39 4.85
C THR G 112 12.05 22.76 3.87
N TYR G 113 12.38 23.50 2.82
CA TYR G 113 11.42 23.95 1.83
C TYR G 113 11.35 23.02 0.63
N THR G 114 12.03 21.89 0.69
CA THR G 114 11.95 20.87 -0.34
C THR G 114 12.06 19.52 0.34
N ASP G 115 11.74 18.49 -0.43
CA ASP G 115 11.85 17.12 0.04
C ASP G 115 12.92 16.36 -0.72
N ARG G 116 13.64 17.02 -1.62
CA ARG G 116 14.69 16.39 -2.43
C ARG G 116 16.05 16.77 -1.85
N HIS G 117 16.79 15.77 -1.37
CA HIS G 117 18.07 16.01 -0.70
C HIS G 117 19.20 15.25 -1.38
N GLY G 118 19.05 14.97 -2.68
CA GLY G 118 20.09 14.33 -3.44
C GLY G 118 21.19 15.29 -3.84
N LEU G 119 22.37 14.74 -4.10
CA LEU G 119 23.52 15.56 -4.44
C LEU G 119 23.25 16.41 -5.67
N LYS G 120 22.65 15.81 -6.71
CA LYS G 120 22.35 16.56 -7.92
C LYS G 120 21.45 17.75 -7.61
N GLU G 121 20.39 17.53 -6.84
CA GLU G 121 19.46 18.61 -6.55
CA GLU G 121 19.47 18.61 -6.53
C GLU G 121 20.14 19.70 -5.73
N ILE G 122 20.99 19.33 -4.78
CA ILE G 122 21.65 20.31 -3.93
C ILE G 122 22.66 21.12 -4.72
N CYS G 123 23.43 20.48 -5.59
CA CYS G 123 24.39 21.21 -6.42
C CYS G 123 23.68 22.14 -7.38
N GLY G 124 22.55 21.70 -7.94
CA GLY G 124 21.79 22.57 -8.82
C GLY G 124 21.33 23.84 -8.12
N GLU G 125 20.80 23.68 -6.91
CA GLU G 125 20.17 24.81 -6.21
C GLU G 125 21.21 25.75 -5.59
N LEU G 126 22.19 25.19 -4.89
CA LEU G 126 23.13 26.01 -4.13
C LEU G 126 24.31 26.51 -4.94
N LEU G 127 24.71 25.79 -5.97
CA LEU G 127 25.91 26.12 -6.72
C LEU G 127 25.66 26.41 -8.19
N ASN G 128 24.45 26.17 -8.68
CA ASN G 128 24.18 26.16 -10.12
C ASN G 128 25.18 25.29 -10.87
N VAL G 129 25.44 24.11 -10.32
CA VAL G 129 26.37 23.14 -10.89
C VAL G 129 25.56 21.91 -11.28
N ASN G 130 25.78 21.43 -12.50
CA ASN G 130 25.04 20.28 -13.02
C ASN G 130 25.83 19.00 -12.80
N ILE G 131 25.34 18.14 -11.92
CA ILE G 131 25.88 16.82 -11.70
C ILE G 131 25.12 15.83 -12.57
N SER G 132 25.84 14.96 -13.27
CA SER G 132 25.25 13.85 -14.00
C SER G 132 25.44 12.56 -13.23
N LYS G 133 24.38 11.77 -13.08
CA LYS G 133 24.47 10.48 -12.43
CA LYS G 133 24.45 10.48 -12.42
C LYS G 133 24.50 9.32 -13.42
N GLN G 134 24.73 9.60 -14.70
CA GLN G 134 24.73 8.56 -15.73
C GLN G 134 25.71 7.42 -15.43
N GLN G 135 26.89 7.75 -14.90
CA GLN G 135 27.89 6.72 -14.65
C GLN G 135 27.75 6.05 -13.29
N GLN G 136 26.75 6.46 -12.49
CA GLN G 136 26.57 5.86 -11.17
C GLN G 136 26.37 4.35 -11.27
N SER G 137 25.55 3.90 -12.22
CA SER G 137 25.36 2.47 -12.48
C SER G 137 26.28 2.07 -13.62
N SER G 138 27.49 1.65 -13.27
CA SER G 138 28.50 1.22 -14.22
C SER G 138 29.39 0.22 -13.49
N ASP G 139 30.30 -0.42 -14.23
CA ASP G 139 31.17 -1.43 -13.63
C ASP G 139 32.35 -0.73 -12.97
N TRP G 140 32.21 -0.44 -11.67
CA TRP G 140 33.25 0.26 -10.95
C TRP G 140 34.44 -0.63 -10.60
N ALA G 141 34.33 -1.94 -10.81
CA ALA G 141 35.42 -2.85 -10.57
C ALA G 141 36.24 -3.15 -11.82
N ALA G 142 35.94 -2.47 -12.93
CA ALA G 142 36.71 -2.65 -14.15
C ALA G 142 38.18 -2.34 -13.91
N GLU G 143 39.06 -3.10 -14.57
CA GLU G 143 40.49 -2.89 -14.43
C GLU G 143 40.88 -1.48 -14.84
N THR G 144 40.29 -0.97 -15.91
CA THR G 144 40.53 0.37 -16.42
C THR G 144 39.21 1.14 -16.39
N LEU G 145 39.13 2.13 -15.51
CA LEU G 145 37.96 3.01 -15.49
C LEU G 145 37.91 3.85 -16.76
N SER G 146 36.71 4.02 -17.30
CA SER G 146 36.54 4.88 -18.45
C SER G 146 36.77 6.34 -18.06
N ARG G 147 36.97 7.18 -19.08
CA ARG G 147 37.13 8.60 -18.83
C ARG G 147 35.85 9.20 -18.26
N ALA G 148 34.68 8.67 -18.65
CA ALA G 148 33.44 9.15 -18.07
C ALA G 148 33.31 8.73 -16.60
N GLN G 149 33.72 7.51 -16.27
CA GLN G 149 33.72 7.08 -14.87
C GLN G 149 34.63 7.96 -14.03
N ILE G 150 35.84 8.21 -14.52
CA ILE G 150 36.80 9.04 -13.80
C ILE G 150 36.22 10.43 -13.58
N GLU G 151 35.64 11.02 -14.64
CA GLU G 151 35.11 12.37 -14.49
C GLU G 151 33.91 12.37 -13.54
N TYR G 152 33.07 11.35 -13.62
CA TYR G 152 31.94 11.27 -12.69
C TYR G 152 32.40 11.13 -11.25
N ALA G 153 33.39 10.26 -11.01
CA ALA G 153 33.81 10.01 -9.64
C ALA G 153 34.40 11.26 -9.01
N ALA G 154 35.12 12.06 -9.80
CA ALA G 154 35.70 13.30 -9.29
C ALA G 154 34.64 14.34 -9.00
N SER G 155 33.63 14.44 -9.87
CA SER G 155 32.58 15.45 -9.68
C SER G 155 31.85 15.29 -8.35
N ASP G 156 31.80 14.06 -7.82
CA ASP G 156 31.15 13.80 -6.54
C ASP G 156 31.90 14.35 -5.34
N VAL G 157 33.17 14.74 -5.47
CA VAL G 157 33.89 15.38 -4.37
C VAL G 157 34.29 16.81 -4.67
N LEU G 158 34.18 17.28 -5.91
CA LEU G 158 34.69 18.60 -6.25
C LEU G 158 33.95 19.72 -5.54
N TYR G 159 32.70 19.49 -5.12
CA TYR G 159 31.85 20.57 -4.65
C TYR G 159 31.50 20.48 -3.16
N LEU G 160 31.97 19.46 -2.45
CA LEU G 160 31.48 19.24 -1.09
C LEU G 160 31.93 20.34 -0.12
N HIS G 161 33.13 20.90 -0.29
CA HIS G 161 33.53 22.02 0.56
C HIS G 161 32.60 23.22 0.38
N ARG G 162 32.24 23.52 -0.87
CA ARG G 162 31.39 24.69 -1.11
C ARG G 162 29.99 24.46 -0.57
N LEU G 163 29.53 23.21 -0.57
CA LEU G 163 28.25 22.89 0.04
C LEU G 163 28.33 23.01 1.55
N LYS G 164 29.39 22.44 2.14
CA LYS G 164 29.54 22.51 3.59
C LYS G 164 29.53 23.95 4.06
N ASP G 165 30.24 24.82 3.34
CA ASP G 165 30.30 26.24 3.70
C ASP G 165 28.91 26.86 3.70
N ILE G 166 28.11 26.56 2.67
CA ILE G 166 26.76 27.11 2.62
C ILE G 166 25.90 26.51 3.73
N PHE G 167 26.01 25.20 3.95
CA PHE G 167 25.19 24.56 4.97
C PHE G 167 25.54 25.05 6.36
N GLU G 168 26.82 25.34 6.62
CA GLU G 168 27.20 25.86 7.93
C GLU G 168 26.59 27.24 8.18
N GLU G 169 26.48 28.06 7.14
CA GLU G 169 25.80 29.34 7.30
C GLU G 169 24.33 29.14 7.62
N ARG G 170 23.67 28.21 6.92
CA ARG G 170 22.26 27.95 7.18
C ARG G 170 22.07 27.38 8.58
N LEU G 171 22.93 26.43 8.98
CA LEU G 171 22.83 25.87 10.32
C LEU G 171 23.00 26.96 11.38
N LYS G 172 23.88 27.94 11.12
CA LYS G 172 24.03 29.04 12.05
C LYS G 172 22.81 29.94 12.04
N ARG G 173 22.36 30.33 10.84
CA ARG G 173 21.21 31.22 10.72
C ARG G 173 20.00 30.65 11.46
N GLU G 174 19.73 29.36 11.29
CA GLU G 174 18.58 28.74 11.91
C GLU G 174 18.85 28.18 13.31
N GLU G 175 20.07 28.32 13.82
CA GLU G 175 20.42 27.93 15.20
C GLU G 175 20.26 26.43 15.40
N ARG G 176 20.84 25.66 14.48
CA ARG G 176 20.79 24.21 14.51
C ARG G 176 22.17 23.59 14.48
N GLU G 177 23.20 24.34 14.89
CA GLU G 177 24.57 23.83 14.81
C GLU G 177 24.77 22.67 15.76
N SER G 178 24.18 22.72 16.95
CA SER G 178 24.39 21.64 17.91
C SER G 178 23.57 20.40 17.56
N VAL G 179 22.40 20.60 16.97
CA VAL G 179 21.64 19.48 16.39
C VAL G 179 22.49 18.77 15.36
N ALA G 180 23.01 19.52 14.39
CA ALA G 180 23.79 18.91 13.32
C ALA G 180 25.03 18.21 13.86
N LYS G 181 25.68 18.82 14.85
CA LYS G 181 26.88 18.23 15.43
C LYS G 181 26.57 16.88 16.08
N ALA G 182 25.44 16.79 16.78
CA ALA G 182 25.06 15.52 17.39
C ALA G 182 24.76 14.47 16.33
N CYS G 183 24.10 14.85 15.23
CA CYS G 183 23.85 13.88 14.17
C CYS G 183 25.16 13.36 13.59
N PHE G 184 26.11 14.27 13.33
CA PHE G 184 27.40 13.86 12.77
C PHE G 184 28.17 12.98 13.75
N GLN G 185 28.01 13.24 15.04
CA GLN G 185 28.71 12.45 16.05
CA GLN G 185 28.71 12.45 16.06
C GLN G 185 28.20 11.03 16.10
N PHE G 186 26.89 10.83 15.86
CA PHE G 186 26.32 9.49 15.88
C PHE G 186 26.52 8.76 14.55
N LEU G 187 26.71 9.50 13.48
CA LEU G 187 26.74 8.90 12.15
C LEU G 187 27.73 7.74 12.00
N PRO G 188 28.95 7.75 12.57
CA PRO G 188 29.79 6.54 12.48
C PRO G 188 29.17 5.34 13.13
N MET G 189 28.49 5.51 14.27
CA MET G 189 27.79 4.38 14.89
C MET G 189 26.57 3.96 14.07
N ARG G 190 25.88 4.89 13.42
CA ARG G 190 24.82 4.50 12.51
C ARG G 190 25.37 3.60 11.40
N ALA G 191 26.55 3.96 10.87
CA ALA G 191 27.20 3.11 9.86
C ALA G 191 27.60 1.76 10.43
N ASN G 192 28.18 1.76 11.64
CA ASN G 192 28.46 0.49 12.33
C ASN G 192 27.20 -0.35 12.49
N LEU G 193 26.10 0.28 12.91
CA LEU G 193 24.84 -0.46 13.04
C LEU G 193 24.46 -1.14 11.73
N ASP G 194 24.63 -0.45 10.60
CA ASP G 194 24.34 -1.08 9.32
C ASP G 194 25.22 -2.30 9.10
N LEU G 195 26.52 -2.19 9.40
CA LEU G 195 27.44 -3.31 9.19
C LEU G 195 27.09 -4.49 10.08
N LEU G 196 26.59 -4.21 11.28
CA LEU G 196 26.31 -5.25 12.27
C LEU G 196 24.99 -5.98 11.99
N GLY G 197 24.18 -5.48 11.08
CA GLY G 197 22.93 -6.16 10.72
C GLY G 197 21.68 -5.34 10.92
N TRP G 198 21.76 -4.07 11.34
CA TRP G 198 20.56 -3.25 11.50
C TRP G 198 20.35 -2.26 10.35
N SER G 199 20.84 -2.59 9.14
CA SER G 199 20.78 -1.60 8.07
C SER G 199 19.35 -1.27 7.65
N GLU G 200 18.38 -2.14 7.89
CA GLU G 200 17.00 -1.86 7.51
C GLU G 200 16.17 -1.29 8.66
N ILE G 201 16.81 -0.99 9.79
CA ILE G 201 16.10 -0.65 11.01
C ILE G 201 16.46 0.77 11.41
N ASP G 202 15.44 1.59 11.62
CA ASP G 202 15.61 2.87 12.31
C ASP G 202 15.62 2.55 13.80
N ILE G 203 16.81 2.52 14.40
CA ILE G 203 16.95 2.09 15.79
C ILE G 203 16.15 2.97 16.76
N PHE G 204 15.82 4.20 16.37
CA PHE G 204 15.11 5.13 17.22
C PHE G 204 13.60 5.10 17.02
N ALA G 205 13.10 4.35 16.04
CA ALA G 205 11.66 4.33 15.79
C ALA G 205 10.92 3.52 16.86
N HIS G 206 9.64 3.87 17.08
CA HIS G 206 8.79 3.11 17.97
C HIS G 206 8.59 1.68 17.44
N SER G 207 8.44 1.54 16.13
CA SER G 207 8.32 0.22 15.52
C SER G 207 8.53 0.32 14.02
N THR H 3 5.14 44.50 -15.02
CA THR H 3 6.47 44.32 -14.42
C THR H 3 6.57 44.87 -13.01
N GLU H 4 5.76 45.89 -12.69
CA GLU H 4 5.98 46.68 -11.48
C GLU H 4 5.86 45.84 -10.22
N ILE H 5 7.00 45.45 -9.66
CA ILE H 5 7.06 44.71 -8.40
C ILE H 5 7.74 45.62 -7.39
N ARG H 6 6.97 46.06 -6.39
CA ARG H 6 7.50 46.88 -5.32
C ARG H 6 7.98 45.97 -4.20
N VAL H 7 9.24 46.10 -3.82
CA VAL H 7 9.88 45.24 -2.82
C VAL H 7 10.06 46.06 -1.55
N HIS H 8 9.54 45.56 -0.43
CA HIS H 8 9.57 46.28 0.83
C HIS H 8 10.29 45.45 1.89
N GLN H 9 10.78 46.14 2.92
CA GLN H 9 11.41 45.51 4.08
C GLN H 9 10.44 45.65 5.25
N GLY H 10 9.91 44.53 5.72
CA GLY H 10 9.11 44.54 6.94
C GLY H 10 7.61 44.74 6.83
N ASP H 11 7.19 45.75 6.08
CA ASP H 11 5.77 46.13 6.03
C ASP H 11 5.55 47.01 4.81
N LEU H 12 4.30 47.09 4.38
CA LEU H 12 3.93 48.10 3.40
C LEU H 12 4.24 49.47 3.98
N PRO H 13 4.65 50.44 3.15
CA PRO H 13 4.82 51.81 3.65
C PRO H 13 3.50 52.48 3.99
N ASN H 14 2.43 52.15 3.27
CA ASN H 14 1.10 52.67 3.52
C ASN H 14 0.10 51.80 2.76
N LEU H 15 -1.18 52.03 3.05
CA LEU H 15 -2.25 51.31 2.39
C LEU H 15 -2.80 52.06 1.18
N ASP H 16 -2.00 52.96 0.59
CA ASP H 16 -2.51 53.79 -0.49
C ASP H 16 -2.95 52.98 -1.70
N ASN H 17 -2.32 51.83 -1.93
CA ASN H 17 -2.66 51.03 -3.10
C ASN H 17 -3.72 49.98 -2.82
N TYR H 18 -4.29 49.96 -1.62
CA TYR H 18 -5.19 48.89 -1.20
C TYR H 18 -6.45 49.44 -0.55
N ARG H 19 -7.00 50.51 -1.13
CA ARG H 19 -8.35 50.95 -0.78
C ARG H 19 -9.35 50.28 -1.71
N ILE H 20 -9.38 48.94 -1.62
CA ILE H 20 -10.05 48.09 -2.59
C ILE H 20 -10.92 47.07 -1.86
N ASP H 21 -11.73 46.36 -2.64
CA ASP H 21 -12.66 45.39 -2.08
C ASP H 21 -12.04 44.03 -1.86
N ALA H 22 -10.97 43.69 -2.57
CA ALA H 22 -10.36 42.38 -2.44
C ALA H 22 -8.88 42.47 -2.76
N VAL H 23 -8.06 41.82 -1.94
CA VAL H 23 -6.62 41.82 -2.11
C VAL H 23 -6.13 40.40 -2.24
N ALA H 24 -5.25 40.16 -3.21
CA ALA H 24 -4.61 38.86 -3.37
C ALA H 24 -3.42 38.76 -2.44
N VAL H 25 -3.32 37.63 -1.72
CA VAL H 25 -2.30 37.44 -0.70
C VAL H 25 -1.58 36.13 -0.96
N ASP H 26 -0.28 36.11 -0.73
CA ASP H 26 0.49 34.87 -0.74
C ASP H 26 1.70 35.04 0.17
N THR H 27 2.31 33.92 0.55
CA THR H 27 3.46 33.94 1.44
C THR H 27 4.54 33.01 0.92
N GLU H 28 5.79 33.32 1.27
CA GLU H 28 6.87 32.35 1.14
C GLU H 28 7.46 32.13 2.53
N THR H 29 7.94 30.92 2.77
CA THR H 29 8.41 30.48 4.07
C THR H 29 9.64 29.61 3.87
N LEU H 30 10.23 29.16 4.98
CA LEU H 30 11.28 28.18 4.93
C LEU H 30 10.73 26.76 4.89
N GLY H 31 9.43 26.58 4.71
CA GLY H 31 8.86 25.26 4.64
C GLY H 31 7.41 25.26 5.11
N LEU H 32 6.87 24.05 5.25
CA LEU H 32 5.45 23.83 5.45
C LEU H 32 5.03 23.73 6.90
N GLN H 33 5.96 23.86 7.85
CA GLN H 33 5.61 23.67 9.25
C GLN H 33 5.74 24.98 10.01
N PRO H 34 4.62 25.69 10.27
CA PRO H 34 4.71 27.05 10.83
C PRO H 34 5.43 27.15 12.16
N HIS H 35 5.38 26.12 13.00
CA HIS H 35 6.12 26.19 14.26
C HIS H 35 7.62 26.11 14.07
N ARG H 36 8.10 25.53 12.96
CA ARG H 36 9.52 25.46 12.64
C ARG H 36 9.96 26.45 11.56
N ASP H 37 9.13 26.67 10.55
CA ASP H 37 9.53 27.31 9.30
C ASP H 37 8.95 28.72 9.27
N ARG H 38 9.82 29.72 9.37
CA ARG H 38 9.36 31.08 9.60
C ARG H 38 8.79 31.71 8.33
N LEU H 39 7.87 32.66 8.51
CA LEU H 39 7.44 33.50 7.42
C LEU H 39 8.63 34.30 6.89
N CYS H 40 8.82 34.24 5.57
CA CYS H 40 9.91 34.97 4.93
C CYS H 40 9.45 36.10 4.03
N VAL H 41 8.36 35.94 3.30
CA VAL H 41 7.89 36.91 2.33
C VAL H 41 6.36 36.90 2.37
N VAL H 42 5.76 38.08 2.26
CA VAL H 42 4.32 38.22 2.03
C VAL H 42 4.14 39.01 0.75
N GLN H 43 3.30 38.49 -0.15
CA GLN H 43 3.07 39.14 -1.43
C GLN H 43 1.62 39.61 -1.50
N LEU H 44 1.43 40.77 -2.12
CA LEU H 44 0.12 41.40 -2.22
C LEU H 44 -0.06 41.95 -3.61
N SER H 45 -1.26 41.83 -4.15
CA SER H 45 -1.62 42.53 -5.36
C SER H 45 -3.04 43.06 -5.25
N SER H 46 -3.22 44.28 -5.76
CA SER H 46 -4.57 44.83 -5.88
C SER H 46 -5.31 44.26 -7.08
N GLY H 47 -4.64 43.48 -7.92
CA GLY H 47 -5.23 43.03 -9.16
C GLY H 47 -4.94 43.91 -10.35
N ASP H 48 -4.13 44.95 -10.19
CA ASP H 48 -3.86 45.89 -11.27
C ASP H 48 -2.64 45.51 -12.09
N GLY H 49 -2.13 44.29 -11.94
CA GLY H 49 -0.93 43.88 -12.64
C GLY H 49 0.36 44.19 -11.92
N THR H 50 0.31 44.93 -10.82
CA THR H 50 1.46 45.18 -9.96
C THR H 50 1.36 44.37 -8.68
N ALA H 51 2.51 44.17 -8.02
CA ALA H 51 2.56 43.41 -6.79
C ALA H 51 3.49 44.09 -5.79
N ASP H 52 3.24 43.82 -4.52
CA ASP H 52 4.06 44.28 -3.41
C ASP H 52 4.65 43.06 -2.73
N VAL H 53 5.97 43.02 -2.62
CA VAL H 53 6.68 41.88 -2.05
C VAL H 53 7.38 42.34 -0.79
N ILE H 54 7.00 41.78 0.36
CA ILE H 54 7.42 42.29 1.66
C ILE H 54 8.30 41.24 2.32
N GLN H 55 9.59 41.53 2.47
CA GLN H 55 10.49 40.64 3.19
C GLN H 55 10.24 40.75 4.69
N ILE H 56 9.90 39.64 5.30
CA ILE H 56 9.67 39.55 6.74
C ILE H 56 10.95 39.05 7.38
N ALA H 57 11.43 39.76 8.39
CA ALA H 57 12.69 39.41 9.03
C ALA H 57 12.47 38.30 10.05
N LYS H 58 13.55 37.57 10.33
CA LYS H 58 13.53 36.59 11.40
C LYS H 58 13.12 37.26 12.70
N GLY H 59 12.18 36.64 13.41
CA GLY H 59 11.74 37.18 14.68
C GLY H 59 10.81 38.37 14.61
N GLN H 60 10.41 38.79 13.41
CA GLN H 60 9.52 39.95 13.30
C GLN H 60 8.15 39.60 13.86
N LYS H 61 7.65 40.43 14.77
CA LYS H 61 6.40 40.15 15.46
C LYS H 61 5.23 41.01 15.02
N SER H 62 5.48 42.10 14.29
CA SER H 62 4.40 42.99 13.89
C SER H 62 4.65 43.52 12.49
N ALA H 63 3.56 43.91 11.84
CA ALA H 63 3.54 44.53 10.53
C ALA H 63 2.23 45.29 10.42
N PRO H 64 2.17 46.50 10.99
CA PRO H 64 0.85 47.14 11.23
C PRO H 64 0.03 47.38 9.98
N ASN H 65 0.65 47.77 8.87
CA ASN H 65 -0.12 48.06 7.67
C ASN H 65 -0.67 46.78 7.05
N LEU H 66 0.21 45.80 6.82
CA LEU H 66 -0.26 44.51 6.32
C LEU H 66 -1.38 43.95 7.21
N VAL H 67 -1.16 43.96 8.52
CA VAL H 67 -2.14 43.39 9.44
C VAL H 67 -3.45 44.16 9.41
N ARG H 68 -3.41 45.48 9.20
CA ARG H 68 -4.65 46.23 9.04
C ARG H 68 -5.46 45.70 7.86
N LEU H 69 -4.79 45.40 6.74
CA LEU H 69 -5.47 44.75 5.62
C LEU H 69 -6.06 43.42 6.05
N LEU H 70 -5.24 42.57 6.69
CA LEU H 70 -5.69 41.25 7.08
C LEU H 70 -6.86 41.32 8.04
N SER H 71 -6.91 42.36 8.87
CA SER H 71 -7.98 42.55 9.84
C SER H 71 -9.24 43.12 9.25
N ASP H 72 -9.15 43.75 8.08
CA ASP H 72 -10.24 44.59 7.59
C ASP H 72 -11.36 43.71 7.04
N ARG H 73 -12.51 43.70 7.73
CA ARG H 73 -13.64 42.87 7.32
C ARG H 73 -14.23 43.30 5.98
N ASP H 74 -14.04 44.54 5.58
CA ASP H 74 -14.59 45.00 4.32
C ASP H 74 -13.75 44.59 3.12
N ILE H 75 -12.63 43.92 3.34
CA ILE H 75 -11.72 43.55 2.26
C ILE H 75 -11.58 42.03 2.27
N THR H 76 -11.93 41.40 1.17
CA THR H 76 -11.76 39.95 1.04
C THR H 76 -10.33 39.64 0.67
N LYS H 77 -9.69 38.78 1.46
CA LYS H 77 -8.34 38.31 1.15
C LYS H 77 -8.45 37.07 0.26
N ILE H 78 -7.84 37.13 -0.92
CA ILE H 78 -7.86 36.01 -1.87
C ILE H 78 -6.55 35.24 -1.74
N PHE H 79 -6.65 33.92 -1.59
CA PHE H 79 -5.50 33.05 -1.56
C PHE H 79 -5.68 31.92 -2.56
N HIS H 80 -4.56 31.30 -2.93
CA HIS H 80 -4.58 29.93 -3.47
C HIS H 80 -4.12 29.00 -2.36
N PHE H 81 -5.02 28.10 -1.95
CA PHE H 81 -4.80 27.24 -0.79
C PHE H 81 -4.47 28.09 0.44
N GLY H 82 -5.45 28.92 0.82
CA GLY H 82 -5.28 29.81 1.95
C GLY H 82 -5.13 29.11 3.27
N ARG H 83 -5.51 27.83 3.35
CA ARG H 83 -5.32 27.07 4.58
C ARG H 83 -3.90 27.21 5.09
N PHE H 84 -2.92 27.18 4.20
CA PHE H 84 -1.52 27.34 4.61
C PHE H 84 -1.19 28.79 4.95
N ASP H 85 -1.51 29.73 4.05
CA ASP H 85 -1.14 31.12 4.29
C ASP H 85 -1.83 31.68 5.54
N LEU H 86 -3.06 31.27 5.79
CA LEU H 86 -3.77 31.75 6.99
C LEU H 86 -3.05 31.29 8.26
N ALA H 87 -2.58 30.04 8.29
CA ALA H 87 -1.92 29.53 9.47
C ALA H 87 -0.64 30.30 9.75
N ILE H 88 0.23 30.44 8.75
CA ILE H 88 1.50 31.09 9.03
C ILE H 88 1.32 32.58 9.28
N LEU H 89 0.35 33.22 8.63
CA LEU H 89 0.11 34.64 8.90
C LEU H 89 -0.38 34.82 10.33
N ALA H 90 -1.37 34.02 10.73
CA ALA H 90 -1.90 34.11 12.09
C ALA H 90 -0.83 33.76 13.11
N HIS H 91 -0.05 32.71 12.83
CA HIS H 91 1.00 32.32 13.76
C HIS H 91 2.05 33.40 13.92
N THR H 92 2.33 34.16 12.87
CA THR H 92 3.39 35.16 12.95
C THR H 92 2.94 36.48 13.55
N PHE H 93 1.77 36.98 13.15
CA PHE H 93 1.36 38.33 13.55
C PHE H 93 0.20 38.33 14.53
N GLY H 94 -0.35 37.17 14.87
CA GLY H 94 -1.36 37.10 15.89
C GLY H 94 -2.77 37.42 15.45
N VAL H 95 -3.00 37.63 14.15
CA VAL H 95 -4.33 37.95 13.64
C VAL H 95 -4.71 36.93 12.59
N MET H 96 -5.92 36.39 12.70
CA MET H 96 -6.44 35.44 11.72
C MET H 96 -7.45 36.16 10.83
N PRO H 97 -7.15 36.40 9.56
CA PRO H 97 -8.15 37.00 8.66
C PRO H 97 -9.42 36.16 8.60
N ASP H 98 -10.57 36.82 8.58
CA ASP H 98 -11.84 36.10 8.59
C ASP H 98 -12.74 36.45 7.41
N VAL H 99 -12.22 37.09 6.35
CA VAL H 99 -12.97 37.33 5.12
C VAL H 99 -12.06 36.91 3.99
N VAL H 100 -12.26 35.69 3.48
CA VAL H 100 -11.31 35.05 2.59
C VAL H 100 -12.01 34.40 1.41
N PHE H 101 -11.24 34.19 0.34
CA PHE H 101 -11.64 33.42 -0.83
C PHE H 101 -10.45 32.55 -1.19
N CYS H 102 -10.67 31.25 -1.40
CA CYS H 102 -9.60 30.33 -1.75
C CYS H 102 -9.85 29.76 -3.13
N THR H 103 -8.91 29.97 -4.05
CA THR H 103 -9.10 29.51 -5.42
C THR H 103 -8.94 28.00 -5.54
N LYS H 104 -8.25 27.35 -4.61
CA LYS H 104 -8.15 25.90 -4.66
C LYS H 104 -9.45 25.24 -4.23
N ILE H 105 -10.05 25.73 -3.14
CA ILE H 105 -11.38 25.25 -2.75
C ILE H 105 -12.39 25.53 -3.85
N ALA H 106 -12.33 26.73 -4.43
CA ALA H 106 -13.21 27.06 -5.55
C ALA H 106 -13.00 26.10 -6.72
N SER H 107 -11.74 25.79 -7.04
CA SER H 107 -11.46 24.84 -8.11
C SER H 107 -12.06 23.48 -7.79
N LYS H 108 -11.87 23.00 -6.56
CA LYS H 108 -12.42 21.71 -6.19
C LYS H 108 -13.96 21.69 -6.25
N LEU H 109 -14.60 22.85 -6.11
CA LEU H 109 -16.06 22.93 -6.18
C LEU H 109 -16.57 23.19 -7.59
N THR H 110 -15.71 23.54 -8.54
CA THR H 110 -16.21 23.87 -9.87
C THR H 110 -15.54 23.08 -10.98
N ARG H 111 -14.25 22.81 -10.88
CA ARG H 111 -13.53 22.08 -11.92
C ARG H 111 -13.62 20.59 -11.63
N THR H 112 -14.87 20.13 -11.62
CA THR H 112 -15.18 18.75 -11.34
C THR H 112 -14.75 17.82 -12.46
N TYR H 113 -14.29 18.38 -13.59
CA TYR H 113 -13.86 17.62 -14.74
C TYR H 113 -12.37 17.31 -14.74
N THR H 114 -11.69 17.63 -13.64
CA THR H 114 -10.28 17.30 -13.49
C THR H 114 -10.02 16.96 -12.04
N ASP H 115 -8.85 16.38 -11.81
CA ASP H 115 -8.38 16.08 -10.47
C ASP H 115 -7.16 16.90 -10.10
N ARG H 116 -6.75 17.84 -10.96
CA ARG H 116 -5.60 18.69 -10.75
C ARG H 116 -6.07 20.09 -10.39
N HIS H 117 -5.79 20.53 -9.16
CA HIS H 117 -6.26 21.82 -8.67
C HIS H 117 -5.12 22.72 -8.22
N GLY H 118 -3.92 22.51 -8.76
CA GLY H 118 -2.82 23.37 -8.42
C GLY H 118 -2.89 24.71 -9.12
N LEU H 119 -2.19 25.69 -8.54
CA LEU H 119 -2.22 27.03 -9.11
C LEU H 119 -1.74 27.03 -10.55
N LYS H 120 -0.74 26.21 -10.87
CA LYS H 120 -0.18 26.21 -12.21
C LYS H 120 -1.20 25.68 -13.22
N GLU H 121 -1.83 24.55 -12.93
CA GLU H 121 -2.81 24.01 -13.87
C GLU H 121 -3.98 24.98 -14.05
N ILE H 122 -4.37 25.67 -12.99
CA ILE H 122 -5.56 26.51 -13.04
C ILE H 122 -5.29 27.78 -13.85
N CYS H 123 -4.12 28.36 -13.67
CA CYS H 123 -3.74 29.51 -14.50
C CYS H 123 -3.61 29.10 -15.96
N GLY H 124 -3.03 27.92 -16.21
CA GLY H 124 -2.88 27.47 -17.58
C GLY H 124 -4.21 27.22 -18.26
N GLU H 125 -5.18 26.70 -17.52
CA GLU H 125 -6.47 26.38 -18.11
C GLU H 125 -7.37 27.61 -18.18
N LEU H 126 -7.46 28.38 -17.09
CA LEU H 126 -8.42 29.47 -17.06
C LEU H 126 -7.92 30.72 -17.76
N LEU H 127 -6.61 30.97 -17.74
CA LEU H 127 -6.06 32.21 -18.27
C LEU H 127 -5.07 32.01 -19.40
N ASN H 128 -4.70 30.77 -19.72
CA ASN H 128 -3.60 30.50 -20.64
C ASN H 128 -2.35 31.24 -20.21
N VAL H 129 -2.14 31.30 -18.89
CA VAL H 129 -1.00 31.96 -18.27
C VAL H 129 -0.11 30.89 -17.65
N ASN H 130 1.19 30.97 -17.93
CA ASN H 130 2.15 29.94 -17.55
C ASN H 130 2.89 30.35 -16.28
N ILE H 131 2.72 29.57 -15.22
CA ILE H 131 3.39 29.78 -13.95
C ILE H 131 4.55 28.79 -13.85
N SER H 132 5.71 29.27 -13.42
CA SER H 132 6.85 28.41 -13.13
C SER H 132 6.99 28.20 -11.62
N LYS H 133 7.33 26.99 -11.22
CA LYS H 133 7.58 26.66 -9.83
C LYS H 133 9.05 26.40 -9.53
N GLN H 134 9.95 26.78 -10.44
CA GLN H 134 11.37 26.50 -10.26
C GLN H 134 11.94 27.14 -9.00
N GLN H 135 11.47 28.34 -8.65
CA GLN H 135 12.00 29.06 -7.49
C GLN H 135 11.26 28.75 -6.20
N GLN H 136 10.17 27.97 -6.26
CA GLN H 136 9.46 27.60 -5.06
C GLN H 136 10.38 26.94 -4.03
N SER H 137 11.28 26.08 -4.49
CA SER H 137 12.28 25.47 -3.63
C SER H 137 13.55 26.32 -3.68
N SER H 138 13.59 27.33 -2.82
CA SER H 138 14.73 28.23 -2.75
C SER H 138 14.83 28.79 -1.34
N ASP H 139 15.97 29.41 -1.04
CA ASP H 139 16.20 29.98 0.29
C ASP H 139 15.41 31.29 0.41
N TRP H 140 14.16 31.18 0.85
CA TRP H 140 13.33 32.37 1.00
C TRP H 140 13.76 33.27 2.14
N ALA H 141 14.62 32.80 3.04
CA ALA H 141 15.08 33.63 4.15
C ALA H 141 16.33 34.44 3.81
N ALA H 142 16.83 34.35 2.57
CA ALA H 142 18.04 35.07 2.20
C ALA H 142 17.84 36.57 2.36
N GLU H 143 18.90 37.27 2.79
CA GLU H 143 18.78 38.70 3.04
C GLU H 143 18.40 39.44 1.79
N THR H 144 18.91 39.01 0.64
CA THR H 144 18.59 39.62 -0.65
C THR H 144 17.97 38.56 -1.54
N LEU H 145 16.69 38.73 -1.86
CA LEU H 145 16.03 37.83 -2.79
C LEU H 145 16.55 38.06 -4.20
N SER H 146 16.68 36.97 -4.95
CA SER H 146 17.10 37.06 -6.34
C SER H 146 15.96 37.59 -7.20
N ARG H 147 16.31 38.06 -8.39
CA ARG H 147 15.28 38.52 -9.31
C ARG H 147 14.31 37.40 -9.65
N ALA H 148 14.83 36.21 -9.92
CA ALA H 148 13.95 35.06 -10.16
C ALA H 148 13.01 34.84 -8.99
N GLN H 149 13.54 34.90 -7.77
CA GLN H 149 12.70 34.74 -6.57
C GLN H 149 11.62 35.81 -6.50
N ILE H 150 11.99 37.07 -6.74
CA ILE H 150 11.03 38.16 -6.60
C ILE H 150 9.93 38.04 -7.65
N GLU H 151 10.29 37.73 -8.88
CA GLU H 151 9.27 37.59 -9.92
C GLU H 151 8.36 36.40 -9.63
N TYR H 152 8.93 35.31 -9.10
CA TYR H 152 8.11 34.15 -8.75
C TYR H 152 7.12 34.51 -7.66
N ALA H 153 7.60 35.16 -6.60
CA ALA H 153 6.71 35.54 -5.51
C ALA H 153 5.59 36.45 -5.99
N ALA H 154 5.91 37.40 -6.88
CA ALA H 154 4.89 38.30 -7.39
C ALA H 154 3.89 37.56 -8.27
N SER H 155 4.35 36.64 -9.11
CA SER H 155 3.45 35.95 -10.03
C SER H 155 2.39 35.12 -9.29
N ASP H 156 2.62 34.77 -8.03
CA ASP H 156 1.64 33.97 -7.30
C ASP H 156 0.45 34.78 -6.81
N VAL H 157 0.51 36.12 -6.84
CA VAL H 157 -0.65 36.95 -6.52
C VAL H 157 -1.20 37.71 -7.71
N LEU H 158 -0.45 37.82 -8.80
CA LEU H 158 -0.86 38.72 -9.88
C LEU H 158 -2.16 38.28 -10.55
N TYR H 159 -2.60 37.05 -10.34
CA TYR H 159 -3.71 36.49 -11.10
C TYR H 159 -4.89 36.04 -10.25
N LEU H 160 -4.82 36.17 -8.92
CA LEU H 160 -5.87 35.60 -8.08
C LEU H 160 -7.20 36.33 -8.28
N HIS H 161 -7.16 37.64 -8.55
CA HIS H 161 -8.40 38.36 -8.85
C HIS H 161 -9.08 37.78 -10.08
N ARG H 162 -8.33 37.59 -11.16
CA ARG H 162 -8.92 37.08 -12.39
C ARG H 162 -9.47 35.67 -12.19
N LEU H 163 -8.76 34.84 -11.42
CA LEU H 163 -9.27 33.49 -11.13
C LEU H 163 -10.54 33.56 -10.29
N LYS H 164 -10.54 34.39 -9.24
CA LYS H 164 -11.73 34.53 -8.42
C LYS H 164 -12.94 34.94 -9.26
N ASP H 165 -12.73 35.83 -10.23
CA ASP H 165 -13.84 36.28 -11.08
CA ASP H 165 -13.83 36.29 -11.08
C ASP H 165 -14.43 35.13 -11.87
N ILE H 166 -13.58 34.29 -12.46
CA ILE H 166 -14.09 33.15 -13.23
C ILE H 166 -14.75 32.15 -12.30
N PHE H 167 -14.12 31.86 -11.16
CA PHE H 167 -14.66 30.89 -10.23
C PHE H 167 -16.02 31.33 -9.68
N GLU H 168 -16.19 32.62 -9.44
CA GLU H 168 -17.47 33.09 -8.93
C GLU H 168 -18.58 32.94 -9.95
N GLU H 169 -18.27 33.07 -11.25
CA GLU H 169 -19.23 32.75 -12.30
C GLU H 169 -19.60 31.27 -12.26
N ARG H 170 -18.59 30.39 -12.20
CA ARG H 170 -18.85 28.95 -12.15
C ARG H 170 -19.69 28.59 -10.95
N LEU H 171 -19.37 29.15 -9.77
CA LEU H 171 -20.14 28.82 -8.58
C LEU H 171 -21.58 29.26 -8.72
N LYS H 172 -21.80 30.38 -9.41
CA LYS H 172 -23.15 30.84 -9.69
C LYS H 172 -23.84 29.94 -10.71
N ARG H 173 -23.12 29.52 -11.75
CA ARG H 173 -23.73 28.69 -12.78
C ARG H 173 -24.20 27.35 -12.22
N GLU H 174 -23.37 26.73 -11.38
CA GLU H 174 -23.69 25.44 -10.80
C GLU H 174 -24.38 25.55 -9.44
N GLU H 175 -24.76 26.77 -9.03
CA GLU H 175 -25.58 26.98 -7.85
C GLU H 175 -24.90 26.45 -6.58
N ARG H 176 -23.63 26.80 -6.42
CA ARG H 176 -22.85 26.35 -5.27
C ARG H 176 -22.29 27.51 -4.46
N GLU H 177 -22.82 28.73 -4.65
CA GLU H 177 -22.27 29.88 -3.94
C GLU H 177 -22.34 29.71 -2.43
N SER H 178 -23.48 29.21 -1.93
CA SER H 178 -23.63 29.05 -0.49
C SER H 178 -22.72 27.96 0.05
N VAL H 179 -22.44 26.94 -0.76
CA VAL H 179 -21.51 25.90 -0.35
C VAL H 179 -20.09 26.47 -0.22
N ALA H 180 -19.64 27.19 -1.24
CA ALA H 180 -18.31 27.80 -1.20
C ALA H 180 -18.19 28.75 -0.01
N LYS H 181 -19.23 29.57 0.23
CA LYS H 181 -19.17 30.54 1.33
C LYS H 181 -18.99 29.85 2.67
N ALA H 182 -19.70 28.74 2.90
CA ALA H 182 -19.51 28.01 4.14
C ALA H 182 -18.10 27.47 4.26
N CYS H 183 -17.53 26.99 3.15
CA CYS H 183 -16.17 26.49 3.21
C CYS H 183 -15.19 27.61 3.55
N PHE H 184 -15.35 28.78 2.92
CA PHE H 184 -14.49 29.92 3.23
C PHE H 184 -14.68 30.39 4.66
N GLN H 185 -15.90 30.29 5.18
CA GLN H 185 -16.17 30.73 6.54
C GLN H 185 -15.47 29.85 7.56
N PHE H 186 -15.35 28.55 7.27
CA PHE H 186 -14.65 27.64 8.17
C PHE H 186 -13.15 27.62 7.96
N LEU H 187 -12.67 28.03 6.78
CA LEU H 187 -11.25 27.94 6.47
C LEU H 187 -10.35 28.56 7.52
N PRO H 188 -10.65 29.73 8.12
CA PRO H 188 -9.77 30.24 9.18
C PRO H 188 -9.65 29.27 10.35
N MET H 189 -10.75 28.58 10.67
CA MET H 189 -10.72 27.61 11.76
C MET H 189 -9.98 26.35 11.36
N ARG H 190 -10.09 25.94 10.09
CA ARG H 190 -9.27 24.83 9.61
C ARG H 190 -7.79 25.15 9.76
N ALA H 191 -7.41 26.43 9.54
CA ALA H 191 -6.03 26.84 9.72
C ALA H 191 -5.63 26.84 11.20
N ASN H 192 -6.51 27.33 12.07
CA ASN H 192 -6.26 27.26 13.52
C ASN H 192 -6.11 25.82 13.97
N LEU H 193 -6.96 24.93 13.46
CA LEU H 193 -6.84 23.51 13.78
C LEU H 193 -5.45 22.99 13.46
N ASP H 194 -4.91 23.38 12.30
CA ASP H 194 -3.55 22.99 11.95
C ASP H 194 -2.53 23.49 12.95
N LEU H 195 -2.63 24.78 13.32
CA LEU H 195 -1.69 25.36 14.28
C LEU H 195 -1.79 24.70 15.64
N LEU H 196 -3.00 24.28 16.03
CA LEU H 196 -3.20 23.67 17.34
C LEU H 196 -2.76 22.22 17.41
N GLY H 197 -2.50 21.58 16.27
CA GLY H 197 -1.99 20.22 16.30
C GLY H 197 -2.77 19.20 15.51
N TRP H 198 -3.81 19.62 14.78
CA TRP H 198 -4.59 18.69 13.97
C TRP H 198 -4.26 18.79 12.48
N SER H 199 -3.03 19.21 12.13
CA SER H 199 -2.71 19.45 10.73
C SER H 199 -2.81 18.19 9.88
N GLU H 200 -2.66 17.00 10.46
CA GLU H 200 -2.71 15.76 9.71
C GLU H 200 -4.07 15.08 9.82
N ILE H 201 -5.05 15.73 10.43
CA ILE H 201 -6.33 15.11 10.73
C ILE H 201 -7.42 15.82 9.93
N ASP H 202 -8.19 15.06 9.16
CA ASP H 202 -9.46 15.56 8.62
C ASP H 202 -10.49 15.48 9.74
N ILE H 203 -10.82 16.61 10.34
CA ILE H 203 -11.63 16.60 11.54
C ILE H 203 -13.03 16.04 11.28
N PHE H 204 -13.47 16.04 10.03
CA PHE H 204 -14.81 15.57 9.71
C PHE H 204 -14.85 14.12 9.28
N ALA H 205 -13.70 13.45 9.18
CA ALA H 205 -13.66 12.08 8.70
C ALA H 205 -14.18 11.13 9.77
N HIS H 206 -14.76 10.02 9.31
CA HIS H 206 -15.14 8.96 10.23
C HIS H 206 -13.91 8.43 10.97
N SER H 207 -12.81 8.24 10.25
CA SER H 207 -11.54 7.89 10.87
C SER H 207 -10.39 8.20 9.94
#